data_8EDW
#
_entry.id   8EDW
#
_cell.length_a   1.00
_cell.length_b   1.00
_cell.length_c   1.00
_cell.angle_alpha   90.00
_cell.angle_beta   90.00
_cell.angle_gamma   90.00
#
_symmetry.space_group_name_H-M   'P 1'
#
loop_
_entity.id
_entity.type
_entity.pdbx_description
1 polymer 'Phospholipid-transporting ATPase ABCA7'
2 branched 2-acetamido-2-deoxy-beta-D-glucopyranose-(1-4)-2-acetamido-2-deoxy-beta-D-glucopyranose
3 non-polymer 2-acetamido-2-deoxy-beta-D-glucopyranose
4 non-polymer 'UNKNOWN LIGAND'
5 non-polymer 'PHOSPHOTHIOPHOSPHORIC ACID-ADENYLATE ESTER'
#
_entity_poly.entity_id   1
_entity_poly.type   'polypeptide(L)'
_entity_poly.pdbx_seq_one_letter_code
;MAFWTQLMLLLWKNFMYRRRQPVQLLVELLWPLFLFFILVAVRHSHPPLEHHECHFPNKPLPSAGTVPWLQGLICNVNNT
CFPQLTPGEEPGRLSNFNDSLVSRLLADARTVLGGASAHRTLAGLGKLIATLRAARSTAQPQPTKQSPLEPPMLDVAELL
TSLLRTESLGLALGQAQEPLHSLLEAAEDLAQELLALRSLVELRALLQRPRGTSGPLELLSEALCSVRGPSSTVGPSLNW
YEASDLMELVGQEPESALPDSSLSPACSELIGALDSHPLSRLLWRRLKPLILGKLLFAPDTPFTRKLMAQVNRTFEELTL
LRDVREVWEMLGPRIFTFMNDSSNVAMLQRLLQMQDEGRRQPRPGGRDHMEALRSFLDPGSGGYSWQDAHADVGHLVGTL
GRVTECLSLDKLEAAPSEAALVSRALQLLAEHRFWAGVVFLGPEDSSDPTEHPTPDLGPGHVRIKIRMDIDVVTRTNKIR
DRFWDPGPAADPLTDLRYVWGGFVYLQDLVERAAVRVLSGANPRAGLYLQQMPYPCYVDDVFLRVLSRSLPLFLTLAWIY
SVTLTVKAVVREKETRLRDTMRAMGLSRAVLWLGWFLSCLGPFLLSAALLVLVLKLGDILPYSHPGVVFLFLAAFAVATV
TQSFLLSAFFSRANLAAACGGLAYFSLYLPYVLCVAWRDRLPAGGRVAASLLSPVAFGFGCESLALLEEQGEGAQWHNVG
TRPTADVFSLAQVSGLLLLDAALYGLATWYLEAVCPGQYGIPEPWNFPFRRSYWCGPRPPKSPAPCPTPLDPKVLVEEAP
PGLSPGVSVRSLEKRFPGSPQPALRGLSLDFYQGHITAFLGHNGAGKTTTLSILSGLFPPSGGSAFILGHDVRSSMAAIR
PHLGVCPQYNVLFDMLTVDEHVWFYGRLKGLSAAVVGPEQDRLLQDVGLVSKQSVQTRHLSGGMQRKLSVAIAFVGGSQV
VILDEPTAGVDPASRRGIWELLLKYREGRTLILSTHHLDEAELLGDRVAVVAGGRLCCCGSPLFLRRHLGSGYYLTLVKA
RLPLTTNEKADTDMEGSVDTRQEKKNGSQGSRVGTPQLLALVQHWVPGARLVEELPHELVLVLPYTGAHDGSFATLFREL
DTRLAELRLTGYGISDTSLEEIFLKVVEECAADTDMEDGSCGQHLCTGIAGLDVTLRLKMPPQETALENGEPAGSAPETD
QGSGPDAVGRVQGWALTRQQLQALLLKRFLLARRSRRGLFAQIVLPALFVGLALVFSLIVPPFGHYPALRLSPTMYGAQV
SFFSEDAPGDPGRARLLEALLQEAGLEEPPVQHSSHRFSAPEVPAEVAKVLASGNWTPESPSPACQCSRPGARRLLPDCP
AAAGGPPPPQAVTGSGEVVQNLTGRNLSDFLVKTYPRLVRQGLKTKKWVNEVRYGGFSLGGRDPGLPSGQELGRSVEELW
ALLSPLPGGALDRVLKNLTAWAHSLDAQDSLKIWFNNKGWHSMVAFVNRASNAILRAHLPPGPARHAHSITTLNHPLNLT
KEQLSEGALMASSVDVLVSICVVFAMSFVPASFTLVLIEERVTRAKHLQLMGGLSPTLYWLGNFLWDMCNYLVPACIVVL
IFLAFQQRAYVAPANLPALLLLLLLYGWSITPLMYPASFFFSVPSTAYVVLTCINLFIGINGSMATFVLELFSDQKLQEV
SRILKQVFLIFPHFCLGRGLIDMVRNQAMADAFERLGDRQFQSPLRWEVVGKNLLAMVIQGPLFLLFTLLLQHRSQLLPQ
PRVRSLPLLGEEDEDVARERERVVQGATQGDVLVLRNLTKVYRGQRMPAVDRLCLGIPPGECFGLLGVNGAGKTSTFRMV
TGDTLASRGEAVLAGHSVAREPSAAHLSMGYCPQSDAIFELLTGREHLELLARLRGVPEAQVAQTAGSGLARLGLSWYAD
RPAGTYSGGNKRKLATALALVGDPAVVFLDEPTTGMDPSARRFLWNSLLAVVREGRSVMLTSHSMEECEALCSRLAIMVN
GRFRCLGSPQHLKGRFAAGHTLTLRVPAARSQPAAAFVAAEFPGAELREAHGGRLRFQLPPGGRCALARVFGELAVHGAE
HGVEDFSVSQTMLEEVFLYFSKDQGKDEDTEEQKEAGVGVDPAPGLQHPKRVSQFLDDPSTAETVL
;
_entity_poly.pdbx_strand_id   A
#
loop_
_chem_comp.id
_chem_comp.type
_chem_comp.name
_chem_comp.formula
AGS non-polymer 'PHOSPHOTHIOPHOSPHORIC ACID-ADENYLATE ESTER' 'C10 H16 N5 O12 P3 S'
NAG D-saccharide, beta linking 2-acetamido-2-deoxy-beta-D-glucopyranose 'C8 H15 N O6'
UNL non-polymer 'UNKNOWN LIGAND' ?
#
# COMPACT_ATOMS: atom_id res chain seq x y z
N PHE A 3 2.13 -1.38 -43.90
CA PHE A 3 2.77 -1.25 -42.59
C PHE A 3 2.30 0.02 -41.88
N TRP A 4 2.17 1.11 -42.63
CA TRP A 4 1.66 2.35 -42.06
C TRP A 4 0.15 2.31 -41.87
N THR A 5 -0.57 1.63 -42.76
CA THR A 5 -2.03 1.60 -42.65
C THR A 5 -2.49 0.84 -41.41
N GLN A 6 -1.83 -0.28 -41.09
CA GLN A 6 -2.20 -1.01 -39.88
C GLN A 6 -1.93 -0.19 -38.63
N LEU A 7 -0.79 0.52 -38.61
CA LEU A 7 -0.48 1.39 -37.48
C LEU A 7 -1.52 2.50 -37.36
N MET A 8 -1.92 3.09 -38.49
CA MET A 8 -2.94 4.14 -38.46
C MET A 8 -4.25 3.59 -37.91
N LEU A 9 -4.64 2.39 -38.33
CA LEU A 9 -5.89 1.79 -37.85
C LEU A 9 -5.82 1.51 -36.35
N LEU A 10 -4.70 0.97 -35.88
CA LEU A 10 -4.57 0.69 -34.45
C LEU A 10 -4.62 1.97 -33.63
N LEU A 11 -3.93 3.02 -34.09
CA LEU A 11 -3.96 4.29 -33.39
C LEU A 11 -5.37 4.87 -33.37
N TRP A 12 -6.08 4.76 -34.49
CA TRP A 12 -7.45 5.28 -34.54
C TRP A 12 -8.36 4.51 -33.59
N LYS A 13 -8.21 3.18 -33.52
CA LYS A 13 -9.01 2.39 -32.62
C LYS A 13 -8.75 2.76 -31.16
N ASN A 14 -7.48 2.93 -30.79
CA ASN A 14 -7.16 3.31 -29.43
C ASN A 14 -7.71 4.70 -29.11
N PHE A 15 -7.57 5.65 -30.05
CA PHE A 15 -8.12 6.98 -29.84
C PHE A 15 -9.63 6.93 -29.68
N MET A 16 -10.29 6.03 -30.42
CA MET A 16 -11.74 5.88 -30.29
C MET A 16 -12.11 5.33 -28.92
N TYR A 17 -11.38 4.33 -28.43
CA TYR A 17 -11.61 3.86 -27.06
C TYR A 17 -11.50 5.01 -26.06
N ARG A 18 -10.42 5.80 -26.17
CA ARG A 18 -10.23 6.89 -25.21
C ARG A 18 -11.34 7.94 -25.33
N ARG A 19 -11.77 8.24 -26.55
CA ARG A 19 -12.79 9.26 -26.74
C ARG A 19 -14.16 8.81 -26.26
N ARG A 20 -14.47 7.52 -26.38
CA ARG A 20 -15.77 7.00 -25.97
C ARG A 20 -15.93 6.91 -24.46
N GLN A 21 -14.95 7.40 -23.69
CA GLN A 21 -15.04 7.47 -22.23
C GLN A 21 -14.73 8.90 -21.81
N PRO A 22 -15.71 9.79 -21.90
CA PRO A 22 -15.45 11.21 -21.67
C PRO A 22 -15.38 11.62 -20.20
N VAL A 23 -15.26 10.67 -19.27
CA VAL A 23 -15.09 11.00 -17.87
C VAL A 23 -13.78 10.48 -17.30
N GLN A 24 -13.18 9.46 -17.91
CA GLN A 24 -11.89 8.97 -17.43
C GLN A 24 -10.75 9.89 -17.87
N LEU A 25 -10.87 10.50 -19.04
CA LEU A 25 -9.86 11.45 -19.48
C LEU A 25 -9.82 12.67 -18.57
N LEU A 26 -11.00 13.17 -18.19
CA LEU A 26 -11.05 14.33 -17.30
C LEU A 26 -10.43 14.03 -15.94
N VAL A 27 -10.72 12.86 -15.38
CA VAL A 27 -10.15 12.49 -14.09
C VAL A 27 -8.63 12.28 -14.21
N GLU A 28 -8.20 11.63 -15.29
CA GLU A 28 -6.76 11.43 -15.49
C GLU A 28 -6.04 12.77 -15.65
N LEU A 29 -6.68 13.76 -16.25
CA LEU A 29 -6.05 15.06 -16.41
C LEU A 29 -6.05 15.86 -15.11
N LEU A 30 -7.13 15.78 -14.33
CA LEU A 30 -7.28 16.64 -13.16
C LEU A 30 -6.87 15.98 -11.86
N TRP A 31 -6.37 14.74 -11.89
CA TRP A 31 -5.86 14.17 -10.65
C TRP A 31 -4.43 14.65 -10.35
N PRO A 32 -3.49 14.59 -11.30
CA PRO A 32 -2.14 15.09 -10.99
C PRO A 32 -2.07 16.58 -10.71
N LEU A 33 -3.06 17.37 -11.13
CA LEU A 33 -3.01 18.80 -10.84
C LEU A 33 -3.34 19.10 -9.39
N PHE A 34 -4.13 18.24 -8.73
CA PHE A 34 -4.49 18.49 -7.35
C PHE A 34 -3.26 18.44 -6.44
N LEU A 35 -2.40 17.44 -6.63
CA LEU A 35 -1.20 17.33 -5.81
C LEU A 35 -0.30 18.55 -5.98
N PHE A 36 -0.14 19.02 -7.22
CA PHE A 36 0.76 20.14 -7.43
C PHE A 36 0.14 21.46 -7.01
N PHE A 37 -1.19 21.60 -7.03
CA PHE A 37 -1.80 22.78 -6.41
C PHE A 37 -1.61 22.76 -4.91
N ILE A 38 -1.68 21.58 -4.28
CA ILE A 38 -1.36 21.48 -2.86
C ILE A 38 0.09 21.90 -2.63
N LEU A 39 1.00 21.48 -3.50
CA LEU A 39 2.40 21.85 -3.38
C LEU A 39 2.60 23.36 -3.52
N VAL A 40 1.87 23.98 -4.45
CA VAL A 40 1.96 25.44 -4.62
C VAL A 40 1.42 26.16 -3.39
N ALA A 41 0.33 25.64 -2.80
CA ALA A 41 -0.18 26.24 -1.57
C ALA A 41 0.84 26.12 -0.45
N VAL A 42 1.50 24.97 -0.33
CA VAL A 42 2.54 24.80 0.69
C VAL A 42 3.66 25.79 0.48
N ARG A 43 4.09 25.98 -0.78
CA ARG A 43 5.12 26.97 -1.07
C ARG A 43 4.66 28.36 -0.64
N HIS A 44 3.41 28.72 -0.95
CA HIS A 44 2.89 30.01 -0.54
C HIS A 44 2.82 30.14 0.98
N SER A 45 2.76 29.03 1.71
CA SER A 45 2.70 29.10 3.17
C SER A 45 4.05 29.48 3.77
N HIS A 46 5.15 28.99 3.20
CA HIS A 46 6.49 29.15 3.78
C HIS A 46 7.45 29.73 2.75
N PRO A 47 7.43 31.04 2.55
CA PRO A 47 8.42 31.67 1.67
C PRO A 47 9.79 31.68 2.33
N PRO A 48 10.86 31.73 1.54
CA PRO A 48 12.20 31.77 2.14
C PRO A 48 12.47 33.06 2.90
N LEU A 49 13.37 32.96 3.88
CA LEU A 49 13.75 34.08 4.72
C LEU A 49 15.17 34.52 4.39
N GLU A 50 15.44 35.81 4.54
CA GLU A 50 16.73 36.39 4.20
C GLU A 50 17.32 37.08 5.42
N HIS A 51 18.63 36.92 5.65
CA HIS A 51 19.28 37.51 6.80
C HIS A 51 20.68 37.97 6.41
N HIS A 52 20.98 39.23 6.72
CA HIS A 52 22.26 39.82 6.35
C HIS A 52 23.35 39.39 7.34
N GLU A 53 24.57 39.83 7.08
CA GLU A 53 25.69 39.52 7.95
C GLU A 53 25.54 40.23 9.29
N CYS A 54 26.03 39.58 10.35
CA CYS A 54 25.98 40.19 11.67
C CYS A 54 27.15 39.71 12.50
N HIS A 55 27.56 40.55 13.46
CA HIS A 55 28.69 40.29 14.33
C HIS A 55 28.23 40.27 15.77
N PHE A 56 29.01 39.58 16.62
CA PHE A 56 28.58 39.32 17.99
C PHE A 56 29.54 39.94 18.99
N PRO A 57 29.03 40.54 20.07
CA PRO A 57 29.91 41.11 21.11
C PRO A 57 30.63 40.04 21.91
N ASN A 58 31.41 40.48 22.89
CA ASN A 58 32.27 39.61 23.68
C ASN A 58 31.67 39.43 25.07
N LYS A 59 31.95 38.29 25.69
CA LYS A 59 31.43 37.96 27.01
C LYS A 59 32.58 37.81 28.00
N PRO A 60 32.64 38.62 29.06
CA PRO A 60 33.75 38.50 30.01
C PRO A 60 33.44 37.52 31.13
N LEU A 61 34.35 36.57 31.37
CA LEU A 61 34.21 35.67 32.49
C LEU A 61 34.57 36.38 33.79
N PRO A 62 34.09 35.88 34.94
CA PRO A 62 34.37 36.58 36.21
C PRO A 62 35.85 36.67 36.54
N SER A 63 36.67 35.76 36.02
CA SER A 63 38.10 35.82 36.32
C SER A 63 38.74 37.10 35.80
N ALA A 64 38.20 37.68 34.73
CA ALA A 64 38.76 38.91 34.19
C ALA A 64 38.47 40.10 35.10
N GLY A 65 37.23 40.21 35.58
CA GLY A 65 36.86 41.31 36.44
C GLY A 65 35.46 41.12 36.96
N THR A 66 35.06 42.02 37.85
CA THR A 66 33.73 41.99 38.45
C THR A 66 32.81 43.05 37.87
N VAL A 67 33.28 44.29 37.74
CA VAL A 67 32.49 45.33 37.07
C VAL A 67 32.20 44.98 35.62
N PRO A 68 33.19 44.59 34.80
CA PRO A 68 32.85 44.12 33.45
C PRO A 68 31.95 42.90 33.45
N TRP A 69 32.06 42.04 34.47
CA TRP A 69 31.20 40.87 34.56
C TRP A 69 29.73 41.28 34.68
N LEU A 70 29.42 42.15 35.64
CA LEU A 70 28.03 42.59 35.79
C LEU A 70 27.59 43.42 34.59
N GLN A 71 28.50 44.20 34.01
CA GLN A 71 28.16 44.97 32.82
C GLN A 71 27.74 44.03 31.69
N GLY A 72 28.47 42.93 31.50
CA GLY A 72 28.07 41.96 30.50
C GLY A 72 26.73 41.32 30.81
N LEU A 73 26.56 40.83 32.05
CA LEU A 73 25.31 40.18 32.42
C LEU A 73 24.10 41.11 32.28
N ILE A 74 24.31 42.43 32.37
CA ILE A 74 23.17 43.33 32.31
C ILE A 74 23.00 43.95 30.92
N CYS A 75 24.02 43.95 30.07
CA CYS A 75 23.94 44.60 28.77
C CYS A 75 23.85 43.62 27.59
N ASN A 76 24.59 42.51 27.61
CA ASN A 76 24.62 41.59 26.49
C ASN A 76 23.61 40.45 26.62
N VAL A 77 22.51 40.68 27.32
CA VAL A 77 21.51 39.63 27.48
C VAL A 77 20.81 39.34 26.15
N ASN A 78 20.59 40.37 25.33
CA ASN A 78 19.83 40.21 24.09
C ASN A 78 20.65 39.58 22.97
N ASN A 79 21.97 39.73 22.99
CA ASN A 79 22.86 39.17 21.95
C ASN A 79 22.43 39.61 20.55
N THR A 80 22.13 40.89 20.42
CA THR A 80 21.71 41.44 19.14
C THR A 80 22.87 41.46 18.14
N CYS A 81 22.58 41.09 16.90
CA CYS A 81 23.57 41.22 15.84
C CYS A 81 23.87 42.68 15.51
N PHE A 82 25.07 42.90 14.99
CA PHE A 82 25.51 44.21 14.51
C PHE A 82 26.24 44.04 13.18
N PRO A 83 25.75 44.64 12.10
CA PRO A 83 26.42 44.45 10.80
C PRO A 83 27.85 44.94 10.76
N GLN A 84 28.15 46.04 11.45
CA GLN A 84 29.51 46.56 11.47
C GLN A 84 30.38 45.76 12.42
N LEU A 85 31.68 45.73 12.12
CA LEU A 85 32.62 44.97 12.92
C LEU A 85 32.72 45.54 14.33
N THR A 86 32.60 44.68 15.33
CA THR A 86 32.62 45.14 16.71
C THR A 86 34.04 45.51 17.14
N PRO A 87 34.20 46.55 17.95
CA PRO A 87 35.54 46.94 18.38
C PRO A 87 36.28 45.85 19.13
N GLY A 88 35.56 44.95 19.81
CA GLY A 88 36.22 43.91 20.59
C GLY A 88 37.05 42.95 19.76
N GLU A 89 36.64 42.71 18.51
CA GLU A 89 37.31 41.72 17.68
C GLU A 89 38.70 42.16 17.25
N GLU A 90 38.95 43.46 17.15
CA GLU A 90 40.24 43.93 16.68
C GLU A 90 41.34 43.54 17.66
N PRO A 91 42.54 43.22 17.18
CA PRO A 91 43.60 42.74 18.08
C PRO A 91 44.02 43.75 19.13
N GLY A 92 43.75 45.03 18.93
CA GLY A 92 44.14 46.03 19.91
C GLY A 92 43.21 46.10 21.11
N ARG A 93 41.96 46.48 20.88
CA ARG A 93 41.02 46.69 21.98
C ARG A 93 40.60 45.36 22.59
N LEU A 94 40.18 45.43 23.86
CA LEU A 94 39.65 44.26 24.58
C LEU A 94 38.36 44.59 25.32
N SER A 95 37.74 45.74 25.05
CA SER A 95 36.48 46.10 25.69
C SER A 95 35.57 46.77 24.66
N ASN A 96 34.27 46.70 24.91
CA ASN A 96 33.26 47.20 23.98
C ASN A 96 32.66 48.53 24.43
N PHE A 97 32.54 48.75 25.73
CA PHE A 97 31.90 49.96 26.25
C PHE A 97 32.97 50.98 26.61
N ASN A 98 33.02 52.07 25.84
CA ASN A 98 33.93 53.19 26.10
C ASN A 98 33.20 54.45 26.51
N ASP A 99 31.94 54.61 26.09
CA ASP A 99 31.12 55.74 26.49
C ASP A 99 30.32 55.50 27.76
N SER A 100 30.52 54.35 28.41
CA SER A 100 29.78 54.02 29.63
C SER A 100 30.17 54.97 30.76
N LEU A 101 29.20 55.22 31.64
CA LEU A 101 29.45 56.11 32.78
C LEU A 101 30.45 55.51 33.75
N VAL A 102 30.40 54.20 33.96
CA VAL A 102 31.28 53.56 34.93
C VAL A 102 32.74 53.68 34.51
N SER A 103 33.03 53.38 33.24
CA SER A 103 34.41 53.44 32.77
C SER A 103 34.95 54.86 32.81
N ARG A 104 34.13 55.84 32.39
CA ARG A 104 34.56 57.24 32.43
C ARG A 104 34.81 57.68 33.87
N LEU A 105 33.92 57.30 34.79
CA LEU A 105 34.10 57.68 36.19
C LEU A 105 35.38 57.07 36.76
N LEU A 106 35.64 55.80 36.47
CA LEU A 106 36.85 55.16 36.97
C LEU A 106 38.10 55.79 36.38
N ALA A 107 38.09 56.10 35.08
CA ALA A 107 39.24 56.75 34.47
C ALA A 107 39.48 58.14 35.08
N ASP A 108 38.41 58.90 35.28
CA ASP A 108 38.55 60.23 35.88
C ASP A 108 39.07 60.13 37.31
N ALA A 109 38.56 59.17 38.09
CA ALA A 109 39.06 58.98 39.45
C ALA A 109 40.53 58.62 39.44
N ARG A 110 40.94 57.72 38.53
CA ARG A 110 42.34 57.32 38.46
C ARG A 110 43.23 58.52 38.12
N THR A 111 42.84 59.31 37.13
CA THR A 111 43.69 60.42 36.72
C THR A 111 43.71 61.53 37.78
N VAL A 112 42.59 61.78 38.46
CA VAL A 112 42.59 62.77 39.53
C VAL A 112 43.45 62.31 40.70
N LEU A 113 43.38 61.02 41.06
CA LEU A 113 44.21 60.51 42.14
C LEU A 113 45.68 60.57 41.77
N GLY A 114 46.02 60.25 40.51
CA GLY A 114 47.40 60.37 40.07
C GLY A 114 47.90 61.81 40.11
N GLY A 115 47.07 62.75 39.67
CA GLY A 115 47.45 64.15 39.74
C GLY A 115 47.63 64.64 41.16
N ALA A 116 46.74 64.21 42.06
CA ALA A 116 46.86 64.61 43.47
C ALA A 116 48.13 64.02 44.09
N SER A 117 48.44 62.76 43.77
CA SER A 117 49.67 62.16 44.28
C SER A 117 50.90 62.88 43.74
N ALA A 118 50.87 63.27 42.46
CA ALA A 118 51.98 64.03 41.90
C ALA A 118 52.14 65.38 42.58
N HIS A 119 51.01 66.06 42.86
CA HIS A 119 51.07 67.36 43.52
C HIS A 119 51.63 67.24 44.93
N ARG A 120 51.21 66.22 45.66
CA ARG A 120 51.66 66.02 47.04
C ARG A 120 52.39 64.69 47.19
N ALA A 187 45.31 72.82 46.49
CA ALA A 187 43.87 72.68 46.64
C ALA A 187 43.13 73.30 45.46
N GLU A 188 43.54 74.51 45.07
CA GLU A 188 42.92 75.18 43.95
C GLU A 188 43.15 74.40 42.65
N ASP A 189 44.36 73.88 42.45
CA ASP A 189 44.66 73.12 41.25
C ASP A 189 43.81 71.85 41.17
N LEU A 190 43.65 71.15 42.30
CA LEU A 190 42.82 69.95 42.31
C LEU A 190 41.36 70.28 42.03
N ALA A 191 40.87 71.39 42.60
CA ALA A 191 39.49 71.79 42.36
C ALA A 191 39.26 72.13 40.89
N GLN A 192 40.23 72.81 40.26
CA GLN A 192 40.10 73.14 38.84
C GLN A 192 40.08 71.88 37.98
N GLU A 193 40.92 70.90 38.32
CA GLU A 193 40.95 69.66 37.55
C GLU A 193 39.64 68.89 37.68
N LEU A 194 39.07 68.85 38.89
CA LEU A 194 37.83 68.12 39.10
C LEU A 194 36.63 68.85 38.51
N LEU A 195 36.72 70.17 38.36
CA LEU A 195 35.61 70.95 37.83
C LEU A 195 35.30 70.56 36.38
N ALA A 196 36.34 70.36 35.57
CA ALA A 196 36.17 70.03 34.16
C ALA A 196 36.06 68.51 33.99
N LEU A 197 34.93 67.98 34.44
CA LEU A 197 34.67 66.54 34.36
C LEU A 197 33.17 66.35 34.12
N ARG A 198 32.81 65.85 32.95
CA ARG A 198 31.41 65.60 32.63
C ARG A 198 30.87 64.37 33.34
N SER A 199 31.74 63.40 33.66
CA SER A 199 31.29 62.18 34.32
C SER A 199 30.70 62.48 35.69
N LEU A 200 31.32 63.39 36.44
CA LEU A 200 30.78 63.76 37.75
C LEU A 200 29.41 64.42 37.61
N VAL A 201 29.24 65.28 36.60
CA VAL A 201 27.95 65.92 36.37
C VAL A 201 26.89 64.89 36.03
N GLU A 202 27.24 63.92 35.17
CA GLU A 202 26.29 62.87 34.81
C GLU A 202 25.93 62.02 36.02
N LEU A 203 26.91 61.70 36.87
CA LEU A 203 26.63 60.92 38.07
C LEU A 203 25.72 61.68 39.02
N ARG A 204 25.96 62.99 39.19
CA ARG A 204 25.10 63.79 40.04
C ARG A 204 23.69 63.87 39.49
N ALA A 205 23.55 64.00 38.16
CA ALA A 205 22.22 64.02 37.56
C ALA A 205 21.51 62.68 37.76
N LEU A 206 22.24 61.57 37.63
CA LEU A 206 21.64 60.26 37.85
C LEU A 206 21.19 60.09 39.30
N LEU A 207 22.00 60.57 40.25
CA LEU A 207 21.61 60.48 41.65
C LEU A 207 20.36 61.31 41.93
N GLN A 208 20.27 62.49 41.33
CA GLN A 208 19.11 63.37 41.51
C GLN A 208 18.08 63.05 40.43
N ARG A 209 17.39 61.93 40.62
CA ARG A 209 16.35 61.48 39.69
C ARG A 209 15.10 61.12 40.50
N PRO A 210 13.96 61.75 40.22
CA PRO A 210 12.71 61.43 40.96
C PRO A 210 12.05 60.17 40.43
N ARG A 211 12.65 59.03 40.75
CA ARG A 211 12.17 57.71 40.34
C ARG A 211 12.16 57.67 38.82
N GLY A 212 11.01 57.47 38.17
CA GLY A 212 10.94 57.43 36.72
C GLY A 212 11.31 56.11 36.11
N THR A 213 11.65 55.10 36.91
CA THR A 213 12.04 53.79 36.41
C THR A 213 11.19 52.72 37.10
N SER A 214 10.98 51.61 36.39
CA SER A 214 10.18 50.52 36.93
C SER A 214 10.86 49.91 38.16
N GLY A 215 12.18 49.74 38.11
CA GLY A 215 12.92 49.16 39.21
C GLY A 215 14.39 49.51 39.16
N PRO A 216 15.14 49.07 40.17
CA PRO A 216 16.58 49.36 40.20
C PRO A 216 17.35 48.75 39.04
N LEU A 217 16.82 47.68 38.42
CA LEU A 217 17.51 47.08 37.28
C LEU A 217 17.61 48.04 36.12
N GLU A 218 16.55 48.81 35.86
CA GLU A 218 16.58 49.79 34.78
C GLU A 218 17.63 50.86 35.04
N LEU A 219 17.71 51.36 36.27
CA LEU A 219 18.72 52.36 36.62
C LEU A 219 20.12 51.78 36.49
N LEU A 220 20.32 50.54 36.93
CA LEU A 220 21.64 49.92 36.80
C LEU A 220 22.02 49.75 35.34
N SER A 221 21.06 49.37 34.49
CA SER A 221 21.34 49.24 33.06
C SER A 221 21.68 50.60 32.45
N GLU A 222 20.95 51.65 32.84
CA GLU A 222 21.26 52.98 32.33
C GLU A 222 22.64 53.42 32.75
N ALA A 223 23.03 53.15 33.99
CA ALA A 223 24.35 53.52 34.47
C ALA A 223 25.45 52.72 33.80
N LEU A 224 25.22 51.43 33.54
CA LEU A 224 26.23 50.56 32.96
C LEU A 224 26.25 50.62 31.44
N CYS A 225 25.09 50.76 30.81
CA CYS A 225 25.01 50.92 29.36
C CYS A 225 23.73 51.63 28.95
N SER A 264 13.09 38.96 53.22
CA SER A 264 13.03 40.24 53.91
C SER A 264 11.95 41.14 53.31
N PRO A 265 11.32 41.97 54.15
CA PRO A 265 10.30 42.90 53.62
C PRO A 265 10.84 43.83 52.55
N ALA A 266 12.09 44.26 52.67
CA ALA A 266 12.70 45.05 51.61
C ALA A 266 12.81 44.24 50.32
N CYS A 267 13.15 42.96 50.44
CA CYS A 267 13.19 42.10 49.25
C CYS A 267 11.79 41.92 48.67
N SER A 268 10.77 41.86 49.53
CA SER A 268 9.40 41.78 49.03
C SER A 268 9.01 43.04 48.28
N GLU A 269 9.41 44.21 48.79
CA GLU A 269 9.16 45.45 48.08
C GLU A 269 9.89 45.47 46.74
N LEU A 270 11.13 44.97 46.72
CA LEU A 270 11.86 44.87 45.46
C LEU A 270 11.15 43.95 44.48
N ILE A 271 10.59 42.85 44.98
CA ILE A 271 9.80 41.95 44.14
C ILE A 271 8.61 42.67 43.54
N GLY A 272 7.88 43.40 44.38
CA GLY A 272 6.71 44.12 43.90
C GLY A 272 7.06 45.19 42.87
N ALA A 273 8.22 45.83 43.04
CA ALA A 273 8.64 46.85 42.10
C ALA A 273 9.13 46.24 40.79
N LEU A 274 9.84 45.11 40.86
CA LEU A 274 10.47 44.51 39.69
C LEU A 274 9.55 43.60 38.90
N ASP A 275 8.39 43.24 39.45
CA ASP A 275 7.47 42.38 38.71
C ASP A 275 6.78 43.09 37.55
N SER A 276 6.96 44.41 37.41
CA SER A 276 6.20 45.16 36.42
C SER A 276 6.84 45.10 35.03
N HIS A 277 8.12 45.46 34.93
CA HIS A 277 8.75 45.59 33.62
C HIS A 277 9.09 44.23 33.04
N PRO A 278 8.63 43.90 31.83
CA PRO A 278 8.94 42.57 31.26
C PRO A 278 10.43 42.32 31.06
N LEU A 279 11.20 43.33 30.65
CA LEU A 279 12.64 43.14 30.51
C LEU A 279 13.30 42.96 31.87
N SER A 280 12.88 43.74 32.86
CA SER A 280 13.32 43.51 34.22
C SER A 280 12.90 42.13 34.71
N ARG A 281 11.71 41.69 34.31
CA ARG A 281 11.28 40.34 34.65
C ARG A 281 12.21 39.29 34.06
N LEU A 282 12.62 39.46 32.81
CA LEU A 282 13.51 38.49 32.18
C LEU A 282 14.87 38.47 32.86
N LEU A 283 15.45 39.65 33.09
CA LEU A 283 16.75 39.72 33.76
C LEU A 283 16.67 39.12 35.16
N TRP A 284 15.59 39.41 35.88
CA TRP A 284 15.39 38.89 37.22
C TRP A 284 15.24 37.37 37.20
N ARG A 285 14.53 36.84 36.21
CA ARG A 285 14.42 35.39 36.08
C ARG A 285 15.78 34.76 35.82
N ARG A 286 16.60 35.40 34.97
CA ARG A 286 17.95 34.89 34.73
C ARG A 286 18.78 34.89 36.01
N LEU A 287 18.65 35.94 36.81
CA LEU A 287 19.48 36.09 38.01
C LEU A 287 18.94 35.37 39.24
N LYS A 288 17.68 34.94 39.23
CA LYS A 288 17.09 34.33 40.43
C LYS A 288 17.80 33.05 40.84
N PRO A 289 18.06 32.07 39.96
CA PRO A 289 18.83 30.90 40.39
C PRO A 289 20.14 31.24 41.07
N LEU A 290 20.88 32.24 40.56
CA LEU A 290 22.24 32.48 41.03
C LEU A 290 22.32 33.39 42.24
N ILE A 291 21.42 34.37 42.37
CA ILE A 291 21.44 35.26 43.52
C ILE A 291 21.14 34.46 44.79
N LEU A 292 20.14 33.59 44.74
CA LEU A 292 19.73 32.77 45.87
C LEU A 292 20.28 31.35 45.77
N GLY A 293 21.49 31.19 45.24
CA GLY A 293 22.04 29.87 45.03
C GLY A 293 22.48 29.21 46.31
N LYS A 294 22.61 27.87 46.24
CA LYS A 294 23.02 27.05 47.37
C LYS A 294 24.04 26.03 46.88
N LEU A 295 25.32 26.41 46.91
CA LEU A 295 26.38 25.49 46.51
C LEU A 295 26.45 24.31 47.47
N LEU A 296 26.60 23.11 46.91
CA LEU A 296 26.62 21.89 47.68
C LEU A 296 27.76 21.01 47.19
N PHE A 297 28.43 20.33 48.12
CA PHE A 297 29.51 19.42 47.76
C PHE A 297 29.40 18.14 48.60
N ALA A 298 29.70 17.01 47.96
CA ALA A 298 29.58 15.71 48.61
C ALA A 298 30.77 15.39 49.52
N PRO A 299 32.01 15.44 49.05
CA PRO A 299 33.13 15.06 49.93
C PRO A 299 33.47 16.20 50.88
N ASP A 300 33.80 15.82 52.12
CA ASP A 300 34.08 16.79 53.18
C ASP A 300 35.55 16.76 53.63
N THR A 301 36.44 16.24 52.80
CA THR A 301 37.84 16.14 53.16
C THR A 301 38.49 17.53 53.20
N PRO A 302 39.58 17.67 53.96
CA PRO A 302 40.22 19.00 54.07
C PRO A 302 40.69 19.58 52.75
N PHE A 303 41.09 18.74 51.79
CA PHE A 303 41.47 19.25 50.47
C PHE A 303 40.30 19.96 49.81
N THR A 304 39.12 19.35 49.85
CA THR A 304 37.93 20.02 49.35
C THR A 304 37.65 21.29 50.15
N ARG A 305 37.91 21.27 51.45
CA ARG A 305 37.72 22.48 52.26
C ARG A 305 38.62 23.61 51.78
N LYS A 306 39.87 23.31 51.44
CA LYS A 306 40.74 24.35 50.88
C LYS A 306 40.22 24.83 49.52
N LEU A 307 39.72 23.91 48.70
CA LEU A 307 39.14 24.32 47.41
C LEU A 307 37.97 25.28 47.62
N MET A 308 37.03 24.93 48.49
CA MET A 308 35.94 25.85 48.77
C MET A 308 36.38 27.07 49.58
N ALA A 309 37.57 27.07 50.19
CA ALA A 309 38.09 28.33 50.72
C ALA A 309 38.51 29.26 49.59
N GLN A 310 39.14 28.70 48.57
CA GLN A 310 39.39 29.47 47.35
C GLN A 310 38.09 29.93 46.71
N VAL A 311 37.04 29.12 46.83
CA VAL A 311 35.72 29.58 46.39
C VAL A 311 35.19 30.70 47.28
N ASN A 312 35.43 30.61 48.60
CA ASN A 312 35.08 31.72 49.50
C ASN A 312 35.65 33.04 49.01
N ARG A 313 36.95 33.07 48.72
CA ARG A 313 37.60 34.38 48.66
C ARG A 313 36.94 35.31 47.66
N THR A 314 36.32 34.78 46.61
CA THR A 314 35.56 35.64 45.70
C THR A 314 34.38 36.31 46.40
N PHE A 315 33.57 35.54 47.13
CA PHE A 315 32.42 36.12 47.82
C PHE A 315 32.85 36.99 48.99
N GLU A 316 34.00 36.69 49.59
CA GLU A 316 34.56 37.60 50.60
C GLU A 316 34.91 38.94 49.97
N GLU A 317 35.52 38.93 48.78
CA GLU A 317 35.77 40.18 48.08
C GLU A 317 34.46 40.88 47.73
N LEU A 318 33.40 40.10 47.46
CA LEU A 318 32.10 40.69 47.21
C LEU A 318 31.58 41.42 48.45
N THR A 319 31.77 40.84 49.63
CA THR A 319 31.24 41.40 50.88
C THR A 319 32.28 42.33 51.51
N LEU A 320 32.43 43.50 50.91
CA LEU A 320 33.34 44.53 51.42
C LEU A 320 32.71 45.91 51.51
N LEU A 321 31.56 46.14 50.89
CA LEU A 321 30.93 47.46 50.94
C LEU A 321 30.43 47.82 52.33
N ARG A 322 30.21 46.82 53.19
CA ARG A 322 29.73 47.10 54.55
C ARG A 322 30.75 47.91 55.34
N ASP A 323 32.04 47.56 55.22
CA ASP A 323 33.07 48.27 55.96
C ASP A 323 33.20 49.71 55.50
N VAL A 324 33.19 49.93 54.19
CA VAL A 324 33.26 51.30 53.66
C VAL A 324 32.03 52.08 54.10
N ARG A 325 30.86 51.45 54.06
CA ARG A 325 29.64 52.11 54.53
C ARG A 325 29.79 52.54 55.99
N GLU A 326 30.18 51.61 56.87
CA GLU A 326 30.21 51.93 58.29
C GLU A 326 31.27 52.97 58.61
N VAL A 327 32.42 52.93 57.92
CA VAL A 327 33.39 54.00 58.14
C VAL A 327 32.84 55.32 57.63
N TRP A 328 31.99 55.30 56.60
CA TRP A 328 31.36 56.54 56.15
C TRP A 328 30.43 57.10 57.22
N GLU A 329 29.55 56.26 57.80
CA GLU A 329 28.68 56.82 58.82
C GLU A 329 29.40 57.08 60.15
N MET A 330 30.63 56.61 60.34
CA MET A 330 31.35 57.02 61.54
C MET A 330 32.27 58.21 61.30
N LEU A 331 32.54 58.55 60.03
CA LEU A 331 33.18 59.83 59.72
C LEU A 331 32.18 60.96 59.48
N GLY A 332 30.93 60.64 59.16
CA GLY A 332 29.94 61.63 58.81
C GLY A 332 29.65 62.66 59.89
N PRO A 333 29.09 62.21 61.02
CA PRO A 333 28.70 63.16 62.07
C PRO A 333 29.85 64.00 62.61
N ARG A 334 31.07 63.45 62.65
CA ARG A 334 32.21 64.23 63.11
C ARG A 334 32.43 65.45 62.23
N ILE A 335 32.52 65.25 60.91
CA ILE A 335 32.73 66.36 60.00
C ILE A 335 31.51 67.28 59.99
N PHE A 336 30.31 66.72 60.10
CA PHE A 336 29.10 67.54 60.10
C PHE A 336 29.07 68.48 61.29
N THR A 337 29.47 67.99 62.47
CA THR A 337 29.55 68.85 63.64
C THR A 337 30.72 69.83 63.54
N PHE A 338 31.82 69.41 62.90
CA PHE A 338 32.96 70.30 62.73
C PHE A 338 32.61 71.50 61.86
N MET A 339 31.86 71.26 60.78
CA MET A 339 31.46 72.34 59.88
C MET A 339 30.28 73.12 60.46
N ASP A 388 23.19 69.27 49.55
CA ASP A 388 22.80 68.44 48.42
C ASP A 388 23.72 67.22 48.31
N ALA A 389 25.02 67.45 48.46
CA ALA A 389 25.98 66.35 48.38
C ALA A 389 25.77 65.34 49.52
N HIS A 390 25.50 65.84 50.72
CA HIS A 390 25.28 64.95 51.86
C HIS A 390 24.04 64.08 51.66
N ALA A 391 22.95 64.68 51.17
CA ALA A 391 21.72 63.93 50.96
C ALA A 391 21.89 62.88 49.87
N ASP A 392 22.59 63.23 48.78
CA ASP A 392 22.77 62.29 47.68
C ASP A 392 23.59 61.08 48.11
N VAL A 393 24.67 61.31 48.86
CA VAL A 393 25.49 60.20 49.33
C VAL A 393 24.71 59.31 50.28
N GLY A 394 23.97 59.91 51.21
CA GLY A 394 23.16 59.12 52.12
C GLY A 394 22.08 58.33 51.40
N HIS A 395 21.43 58.93 50.41
CA HIS A 395 20.46 58.20 49.60
C HIS A 395 21.13 57.09 48.81
N LEU A 396 22.30 57.35 48.24
CA LEU A 396 23.04 56.31 47.52
C LEU A 396 23.48 55.19 48.46
N VAL A 397 23.97 55.56 49.64
CA VAL A 397 24.41 54.55 50.60
C VAL A 397 23.24 53.70 51.06
N GLY A 398 22.11 54.34 51.38
CA GLY A 398 20.93 53.59 51.77
C GLY A 398 20.41 52.69 50.66
N THR A 399 20.51 53.16 49.42
CA THR A 399 20.14 52.32 48.27
C THR A 399 21.05 51.10 48.18
N LEU A 400 22.35 51.30 48.40
CA LEU A 400 23.28 50.17 48.40
C LEU A 400 22.96 49.17 49.50
N GLY A 401 22.64 49.67 50.69
CA GLY A 401 22.27 48.77 51.78
C GLY A 401 21.02 47.97 51.50
N ARG A 402 20.03 48.62 50.85
CA ARG A 402 18.79 47.92 50.51
C ARG A 402 19.06 46.78 49.53
N VAL A 403 19.96 46.99 48.57
CA VAL A 403 20.31 45.93 47.63
C VAL A 403 20.95 44.76 48.36
N THR A 404 21.88 45.05 49.27
CA THR A 404 22.58 44.00 50.01
C THR A 404 21.69 43.33 51.07
N GLU A 405 20.51 43.89 51.35
CA GLU A 405 19.62 43.28 52.34
C GLU A 405 19.14 41.91 51.87
N CYS A 406 18.73 41.79 50.61
CA CYS A 406 18.30 40.52 50.05
C CYS A 406 19.47 39.81 49.39
N LEU A 407 20.49 39.54 50.21
CA LEU A 407 21.69 38.82 49.78
C LEU A 407 21.83 37.56 50.61
N SER A 408 22.16 36.46 49.94
CA SER A 408 22.29 35.18 50.63
C SER A 408 23.48 35.12 51.58
N LEU A 409 24.48 35.98 51.37
CA LEU A 409 25.68 36.02 52.20
C LEU A 409 26.36 34.66 52.23
N ASP A 410 26.07 33.86 53.26
CA ASP A 410 26.58 32.49 53.34
C ASP A 410 25.70 31.58 52.49
N LYS A 411 25.90 31.68 51.17
CA LYS A 411 25.15 30.90 50.21
C LYS A 411 25.79 29.56 49.91
N LEU A 412 26.94 29.27 50.50
CA LEU A 412 27.58 27.97 50.38
C LEU A 412 27.08 27.05 51.48
N GLU A 413 26.91 25.77 51.16
CA GLU A 413 26.45 24.77 52.12
C GLU A 413 27.26 23.50 51.90
N ALA A 414 26.81 22.40 52.52
CA ALA A 414 27.54 21.15 52.43
C ALA A 414 26.56 19.99 52.47
N ALA A 415 27.04 18.83 52.02
CA ALA A 415 26.29 17.58 52.04
C ALA A 415 27.19 16.44 52.46
N PRO A 416 26.66 15.44 53.15
CA PRO A 416 27.51 14.35 53.64
C PRO A 416 27.82 13.29 52.58
N SER A 417 26.88 13.00 51.70
CA SER A 417 27.06 11.91 50.74
C SER A 417 26.24 12.21 49.48
N GLU A 418 26.48 11.39 48.45
CA GLU A 418 25.85 11.63 47.15
C GLU A 418 24.34 11.47 47.22
N ALA A 419 23.86 10.43 47.89
CA ALA A 419 22.41 10.26 48.03
C ALA A 419 21.80 11.40 48.82
N ALA A 420 22.44 11.79 49.93
CA ALA A 420 22.00 12.95 50.67
C ALA A 420 22.13 14.22 49.84
N LEU A 421 23.13 14.28 48.98
CA LEU A 421 23.27 15.43 48.07
C LEU A 421 22.06 15.53 47.14
N VAL A 422 21.65 14.42 46.55
CA VAL A 422 20.49 14.42 45.65
C VAL A 422 19.23 14.77 46.42
N SER A 423 19.07 14.21 47.62
CA SER A 423 17.88 14.49 48.41
C SER A 423 17.80 15.97 48.79
N ARG A 424 18.91 16.54 49.23
CA ARG A 424 18.94 17.95 49.59
C ARG A 424 18.68 18.83 48.36
N ALA A 425 19.25 18.45 47.21
CA ALA A 425 19.02 19.22 45.99
C ALA A 425 17.54 19.20 45.61
N LEU A 426 16.90 18.03 45.68
CA LEU A 426 15.48 17.95 45.36
C LEU A 426 14.64 18.73 46.36
N GLN A 427 15.01 18.68 47.64
CA GLN A 427 14.30 19.46 48.64
C GLN A 427 14.40 20.95 48.36
N LEU A 428 15.59 21.42 47.98
CA LEU A 428 15.76 22.83 47.66
C LEU A 428 15.02 23.20 46.38
N LEU A 429 14.97 22.29 45.41
CA LEU A 429 14.17 22.52 44.21
C LEU A 429 12.70 22.67 44.55
N ALA A 430 12.21 21.87 45.51
CA ALA A 430 10.83 22.04 45.96
C ALA A 430 10.59 23.44 46.48
N GLU A 431 11.58 24.03 47.14
CA GLU A 431 11.52 25.41 47.59
C GLU A 431 12.06 26.40 46.55
N HIS A 432 12.40 25.91 45.36
CA HIS A 432 12.88 26.76 44.26
C HIS A 432 14.18 27.48 44.62
N ARG A 433 14.99 26.88 45.49
CA ARG A 433 16.21 27.50 45.96
C ARG A 433 17.48 26.80 45.49
N PHE A 434 17.37 25.62 44.88
CA PHE A 434 18.54 24.88 44.45
C PHE A 434 19.10 25.47 43.16
N TRP A 435 20.41 25.63 43.12
CA TRP A 435 21.09 26.23 41.97
C TRP A 435 22.16 25.33 41.36
N ALA A 436 23.03 24.75 42.17
CA ALA A 436 24.09 23.91 41.62
C ALA A 436 24.59 22.94 42.67
N GLY A 437 25.22 21.88 42.20
CA GLY A 437 25.87 20.92 43.07
C GLY A 437 27.17 20.45 42.46
N VAL A 438 28.15 20.23 43.33
CA VAL A 438 29.51 19.87 42.91
C VAL A 438 29.91 18.57 43.58
N VAL A 439 30.58 17.71 42.84
CA VAL A 439 31.09 16.44 43.35
C VAL A 439 32.57 16.35 43.02
N PHE A 440 33.40 16.21 44.04
CA PHE A 440 34.85 16.08 43.85
C PHE A 440 35.25 14.62 43.90
N LEU A 441 34.92 13.91 42.81
CA LEU A 441 35.26 12.50 42.70
C LEU A 441 36.77 12.31 42.77
N GLY A 442 37.20 11.26 43.46
CA GLY A 442 38.60 10.99 43.64
C GLY A 442 39.10 9.86 42.75
N PRO A 443 40.33 10.00 42.25
CA PRO A 443 40.91 8.93 41.42
C PRO A 443 41.02 7.59 42.14
N GLU A 444 41.29 7.61 43.45
CA GLU A 444 41.40 6.37 44.20
C GLU A 444 40.04 5.74 44.49
N ASP A 445 38.96 6.48 44.31
CA ASP A 445 37.63 5.92 44.55
C ASP A 445 37.31 4.80 43.56
N SER A 446 37.70 4.97 42.30
CA SER A 446 37.46 4.01 41.22
C SER A 446 35.97 3.78 40.98
N SER A 447 35.11 4.68 41.45
CA SER A 447 33.68 4.59 41.23
C SER A 447 33.27 5.47 40.06
N ASP A 448 33.76 5.10 38.88
CA ASP A 448 33.53 5.87 37.67
C ASP A 448 32.48 5.18 36.82
N PRO A 449 31.26 5.72 36.70
CA PRO A 449 30.25 5.08 35.85
C PRO A 449 30.57 5.27 34.38
N THR A 450 30.65 4.15 33.66
CA THR A 450 30.90 4.13 32.21
C THR A 450 32.17 4.91 31.85
N GLU A 451 33.21 4.76 32.68
CA GLU A 451 34.47 5.43 32.43
C GLU A 451 35.57 4.71 33.21
N HIS A 452 36.81 4.96 32.80
CA HIS A 452 37.95 4.31 33.41
C HIS A 452 38.16 4.82 34.84
N PRO A 453 38.69 3.97 35.73
CA PRO A 453 38.87 4.39 37.14
C PRO A 453 39.85 5.53 37.30
N THR A 454 41.08 5.36 36.81
CA THR A 454 42.12 6.38 36.95
C THR A 454 43.11 6.27 35.81
N PRO A 455 43.60 7.40 35.28
CA PRO A 455 44.59 7.30 34.19
C PRO A 455 45.96 6.86 34.67
N ASP A 456 46.43 7.37 35.80
CA ASP A 456 47.73 7.01 36.35
C ASP A 456 47.59 6.72 37.84
N LEU A 457 48.48 5.87 38.35
CA LEU A 457 48.46 5.52 39.76
C LEU A 457 48.87 6.72 40.62
N GLY A 458 48.26 6.83 41.79
CA GLY A 458 48.57 7.90 42.71
C GLY A 458 47.75 9.15 42.47
N PRO A 459 47.89 10.15 43.34
CA PRO A 459 47.14 11.39 43.18
C PRO A 459 47.68 12.26 42.06
N GLY A 460 47.12 13.46 41.91
CA GLY A 460 47.53 14.40 40.89
C GLY A 460 46.50 14.66 39.81
N HIS A 461 45.42 13.89 39.77
CA HIS A 461 44.35 14.08 38.80
C HIS A 461 43.04 14.30 39.54
N VAL A 462 42.37 15.41 39.24
CA VAL A 462 41.15 15.81 39.93
C VAL A 462 40.00 15.73 38.93
N ARG A 463 38.96 14.99 39.29
CA ARG A 463 37.76 14.88 38.47
C ARG A 463 36.61 15.55 39.21
N ILE A 464 35.91 16.44 38.52
CA ILE A 464 34.90 17.31 39.13
C ILE A 464 33.61 17.20 38.32
N LYS A 465 32.52 16.87 39.00
CA LYS A 465 31.21 16.77 38.38
C LYS A 465 30.33 17.92 38.83
N ILE A 466 29.63 18.53 37.89
CA ILE A 466 28.67 19.59 38.19
C ILE A 466 27.29 19.10 37.81
N ARG A 467 26.38 19.09 38.78
CA ARG A 467 25.01 18.64 38.60
C ARG A 467 24.07 19.83 38.80
N MET A 468 23.23 20.08 37.80
CA MET A 468 22.27 21.18 37.85
C MET A 468 20.94 20.69 37.31
N ASP A 469 19.95 21.57 37.30
CA ASP A 469 18.63 21.22 36.79
C ASP A 469 18.69 20.98 35.28
N ILE A 470 17.93 19.99 34.82
CA ILE A 470 17.91 19.66 33.40
C ILE A 470 17.32 20.80 32.59
N ASP A 471 16.33 21.49 33.14
CA ASP A 471 15.70 22.63 32.47
C ASP A 471 16.66 23.82 32.33
N VAL A 472 17.89 23.71 32.83
CA VAL A 472 18.87 24.78 32.76
C VAL A 472 20.11 24.35 31.98
N VAL A 473 20.69 23.21 32.34
CA VAL A 473 21.85 22.68 31.63
C VAL A 473 21.38 21.98 30.36
N THR A 474 22.08 22.20 29.25
CA THR A 474 21.69 21.62 27.98
C THR A 474 21.79 20.10 28.01
N ARG A 475 21.01 19.47 27.14
CA ARG A 475 20.99 18.02 27.05
C ARG A 475 22.37 17.49 26.70
N THR A 476 22.72 16.34 27.27
CA THR A 476 24.11 15.89 27.23
C THR A 476 24.16 14.45 26.70
N ASN A 477 23.50 14.20 25.59
CA ASN A 477 23.50 12.87 24.99
C ASN A 477 24.19 12.87 23.63
N LYS A 478 23.78 13.75 22.71
CA LYS A 478 24.38 13.81 21.39
C LYS A 478 25.22 15.07 21.25
N ILE A 479 26.34 14.95 20.52
CA ILE A 479 27.27 16.06 20.39
C ILE A 479 26.70 17.17 19.51
N ARG A 480 26.11 16.80 18.37
CA ARG A 480 25.72 17.76 17.34
C ARG A 480 24.24 17.62 17.02
N ASP A 481 23.72 18.64 16.33
CA ASP A 481 22.36 18.58 15.80
C ASP A 481 22.29 17.59 14.64
N ARG A 482 21.09 17.07 14.41
CA ARG A 482 20.87 16.08 13.35
C ARG A 482 20.40 16.69 12.04
N PHE A 483 20.05 17.97 12.02
CA PHE A 483 19.59 18.64 10.81
C PHE A 483 20.33 19.98 10.70
N TRP A 484 21.35 20.02 9.86
CA TRP A 484 22.15 21.23 9.69
C TRP A 484 21.27 22.38 9.25
N ASP A 485 21.49 23.56 9.82
CA ASP A 485 20.70 24.72 9.47
C ASP A 485 21.60 25.89 9.08
N PRO A 486 21.21 26.64 8.05
CA PRO A 486 22.01 27.81 7.66
C PRO A 486 21.89 28.95 8.65
N GLY A 487 22.41 28.78 9.85
CA GLY A 487 22.30 29.80 10.88
C GLY A 487 23.52 29.87 11.75
N PRO A 488 23.71 31.02 12.44
CA PRO A 488 24.84 31.14 13.35
C PRO A 488 24.69 30.31 14.61
N ALA A 489 23.48 29.81 14.91
CA ALA A 489 23.19 29.05 16.12
C ALA A 489 23.46 29.89 17.37
N ALA A 490 22.96 31.12 17.37
CA ALA A 490 23.13 32.06 18.47
C ALA A 490 21.77 32.62 18.86
N ASP A 491 21.05 31.89 19.71
CA ASP A 491 19.76 32.34 20.22
C ASP A 491 19.79 32.29 21.74
N PRO A 492 19.70 33.43 22.44
CA PRO A 492 19.83 33.40 23.90
C PRO A 492 18.76 32.59 24.61
N LEU A 493 17.53 32.57 24.07
CA LEU A 493 16.44 31.91 24.79
C LEU A 493 16.56 30.39 24.74
N THR A 494 17.04 29.85 23.63
CA THR A 494 17.04 28.40 23.41
C THR A 494 18.42 27.78 23.38
N ASP A 495 19.33 28.31 22.57
CA ASP A 495 20.63 27.67 22.40
C ASP A 495 21.66 28.18 23.39
N LEU A 496 21.77 29.49 23.57
CA LEU A 496 22.71 30.07 24.52
C LEU A 496 22.16 29.89 25.93
N ARG A 497 22.27 28.65 26.41
CA ARG A 497 21.85 28.31 27.76
C ARG A 497 22.98 28.39 28.78
N TYR A 498 24.23 28.23 28.33
CA TYR A 498 25.37 28.28 29.23
C TYR A 498 25.69 29.68 29.72
N VAL A 499 25.05 30.71 29.18
CA VAL A 499 25.33 32.07 29.65
C VAL A 499 24.42 32.43 30.82
N TRP A 500 23.14 32.12 30.72
CA TRP A 500 22.23 32.32 31.85
C TRP A 500 22.10 31.09 32.74
N GLY A 501 22.69 29.97 32.34
CA GLY A 501 22.72 28.80 33.19
C GLY A 501 23.86 28.77 34.18
N GLY A 502 24.88 29.60 33.95
CA GLY A 502 25.98 29.70 34.88
C GLY A 502 26.94 28.53 34.88
N PHE A 503 26.84 27.62 33.92
CA PHE A 503 27.76 26.49 33.88
C PHE A 503 29.20 26.96 33.67
N VAL A 504 29.41 27.89 32.74
CA VAL A 504 30.75 28.38 32.47
C VAL A 504 31.29 29.15 33.67
N TYR A 505 30.44 29.90 34.37
CA TYR A 505 30.88 30.65 35.54
C TYR A 505 31.45 29.71 36.59
N LEU A 506 30.71 28.65 36.93
CA LEU A 506 31.15 27.74 37.97
C LEU A 506 32.33 26.91 37.53
N GLN A 507 32.37 26.53 36.25
CA GLN A 507 33.55 25.82 35.76
C GLN A 507 34.79 26.69 35.89
N ASP A 508 34.67 27.98 35.54
CA ASP A 508 35.79 28.90 35.70
C ASP A 508 36.20 29.03 37.16
N LEU A 509 35.23 29.20 38.06
CA LEU A 509 35.55 29.38 39.47
C LEU A 509 36.25 28.15 40.03
N VAL A 510 35.71 26.97 39.75
CA VAL A 510 36.27 25.73 40.29
C VAL A 510 37.65 25.47 39.70
N GLU A 511 37.82 25.72 38.39
CA GLU A 511 39.12 25.50 37.78
C GLU A 511 40.17 26.46 38.31
N ARG A 512 39.79 27.73 38.53
CA ARG A 512 40.74 28.68 39.09
C ARG A 512 41.09 28.33 40.52
N ALA A 513 40.12 27.86 41.30
CA ALA A 513 40.43 27.38 42.65
C ALA A 513 41.40 26.21 42.59
N ALA A 514 41.16 25.26 41.68
CA ALA A 514 42.01 24.09 41.58
C ALA A 514 43.44 24.47 41.18
N VAL A 515 43.58 25.40 40.24
CA VAL A 515 44.93 25.79 39.82
C VAL A 515 45.63 26.56 40.93
N ARG A 516 44.91 27.45 41.63
CA ARG A 516 45.53 28.17 42.73
C ARG A 516 45.93 27.24 43.86
N VAL A 517 45.23 26.13 44.04
CA VAL A 517 45.59 25.18 45.08
C VAL A 517 46.77 24.32 44.65
N LEU A 518 46.67 23.66 43.51
CA LEU A 518 47.70 22.70 43.10
C LEU A 518 48.99 23.39 42.70
N SER A 519 48.91 24.49 41.96
CA SER A 519 50.11 25.16 41.48
C SER A 519 50.92 25.75 42.63
N GLY A 520 50.25 26.30 43.63
CA GLY A 520 50.93 26.97 44.71
C GLY A 520 51.26 28.42 44.45
N ALA A 521 50.79 28.98 43.34
CA ALA A 521 51.01 30.38 42.99
C ALA A 521 49.65 31.09 42.88
N ASN A 522 49.68 32.33 42.41
CA ASN A 522 48.48 33.15 42.24
C ASN A 522 48.45 33.66 40.81
N PRO A 523 48.11 32.80 39.85
CA PRO A 523 48.05 33.25 38.45
C PRO A 523 46.95 34.29 38.24
N ARG A 524 47.21 35.20 37.30
CA ARG A 524 46.24 36.21 36.89
C ARG A 524 46.14 36.19 35.39
N ALA A 525 44.95 35.85 34.87
CA ALA A 525 44.72 35.79 33.44
C ALA A 525 43.23 35.91 33.20
N GLY A 526 42.79 37.02 32.62
CA GLY A 526 41.38 37.23 32.36
C GLY A 526 40.90 36.54 31.10
N LEU A 527 39.90 35.66 31.23
CA LEU A 527 39.41 34.87 30.12
C LEU A 527 38.14 35.51 29.54
N TYR A 528 38.11 35.67 28.22
CA TYR A 528 36.96 36.23 27.52
C TYR A 528 36.47 35.22 26.49
N LEU A 529 35.19 35.32 26.14
CA LEU A 529 34.55 34.41 25.20
C LEU A 529 34.01 35.18 24.01
N GLN A 530 34.30 34.71 22.80
CA GLN A 530 33.88 35.38 21.58
C GLN A 530 33.26 34.39 20.61
N GLN A 531 32.22 34.83 19.91
CA GLN A 531 31.52 34.05 18.91
C GLN A 531 32.00 34.45 17.53
N MET A 532 32.42 33.47 16.74
CA MET A 532 32.88 33.75 15.39
C MET A 532 31.73 34.34 14.57
N PRO A 533 32.00 35.34 13.74
CA PRO A 533 30.92 35.95 12.94
C PRO A 533 30.51 35.04 11.79
N TYR A 534 29.36 35.36 11.21
CA TYR A 534 28.74 34.45 10.27
C TYR A 534 28.35 35.20 9.00
N PRO A 535 28.54 34.59 7.83
CA PRO A 535 28.25 35.29 6.58
C PRO A 535 26.77 35.59 6.42
N CYS A 536 26.46 36.44 5.45
CA CYS A 536 25.08 36.68 5.08
C CYS A 536 24.49 35.43 4.44
N TYR A 537 23.21 35.18 4.72
CA TYR A 537 22.63 33.91 4.29
C TYR A 537 21.14 34.06 3.98
N VAL A 538 20.63 33.05 3.30
CA VAL A 538 19.20 32.87 3.08
C VAL A 538 18.80 31.54 3.71
N ASP A 539 17.82 31.58 4.60
CA ASP A 539 17.33 30.38 5.28
C ASP A 539 16.04 29.94 4.60
N ASP A 540 16.04 28.71 4.11
CA ASP A 540 14.88 28.18 3.40
C ASP A 540 14.89 26.67 3.53
N VAL A 541 14.01 26.15 4.39
CA VAL A 541 13.91 24.70 4.59
C VAL A 541 13.23 24.00 3.42
N PHE A 542 12.53 24.76 2.58
CA PHE A 542 11.65 24.13 1.59
C PHE A 542 12.44 23.33 0.56
N LEU A 543 13.62 23.81 0.17
CA LEU A 543 14.36 23.16 -0.91
C LEU A 543 14.81 21.74 -0.52
N ARG A 544 15.27 21.56 0.71
CA ARG A 544 15.57 20.22 1.18
C ARG A 544 14.32 19.35 1.19
N VAL A 545 13.16 19.95 1.51
CA VAL A 545 11.90 19.22 1.46
C VAL A 545 11.58 18.78 0.04
N LEU A 546 11.83 19.64 -0.95
CA LEU A 546 11.68 19.21 -2.35
C LEU A 546 12.61 18.05 -2.66
N SER A 547 13.88 18.18 -2.28
CA SER A 547 14.84 17.11 -2.55
C SER A 547 14.39 15.78 -1.97
N ARG A 548 13.70 15.80 -0.83
CA ARG A 548 13.25 14.55 -0.20
C ARG A 548 11.83 14.15 -0.55
N SER A 549 11.05 15.02 -1.21
CA SER A 549 9.64 14.75 -1.41
C SER A 549 9.19 14.64 -2.87
N LEU A 550 9.86 15.31 -3.81
CA LEU A 550 9.33 15.37 -5.17
C LEU A 550 9.09 14.00 -5.81
N PRO A 551 9.98 13.00 -5.69
CA PRO A 551 9.67 11.69 -6.25
C PRO A 551 8.36 11.12 -5.73
N LEU A 552 8.05 11.33 -4.44
CA LEU A 552 6.82 10.81 -3.88
C LEU A 552 5.60 11.41 -4.57
N PHE A 553 5.57 12.74 -4.73
CA PHE A 553 4.44 13.35 -5.40
C PHE A 553 4.34 12.93 -6.86
N LEU A 554 5.48 12.78 -7.53
CA LEU A 554 5.39 12.35 -8.93
C LEU A 554 4.83 10.94 -9.05
N THR A 555 5.28 10.02 -8.20
CA THR A 555 4.75 8.66 -8.26
C THR A 555 3.27 8.63 -7.88
N LEU A 556 2.86 9.43 -6.89
CA LEU A 556 1.45 9.48 -6.54
C LEU A 556 0.62 10.10 -7.65
N ALA A 557 1.20 10.99 -8.45
CA ALA A 557 0.46 11.57 -9.57
C ALA A 557 0.38 10.61 -10.75
N TRP A 558 1.36 9.74 -10.94
CA TRP A 558 1.38 8.85 -12.09
C TRP A 558 1.03 7.40 -11.75
N ILE A 559 0.54 7.12 -10.55
CA ILE A 559 0.04 5.79 -10.25
C ILE A 559 -1.23 5.48 -11.05
N TYR A 560 -2.09 6.50 -11.24
CA TYR A 560 -3.40 6.29 -11.84
C TYR A 560 -3.28 5.86 -13.30
N SER A 561 -2.48 6.58 -14.09
CA SER A 561 -2.33 6.25 -15.50
C SER A 561 -1.66 4.90 -15.69
N VAL A 562 -0.72 4.53 -14.82
CA VAL A 562 -0.12 3.22 -14.92
C VAL A 562 -1.15 2.13 -14.66
N THR A 563 -2.02 2.34 -13.66
CA THR A 563 -3.08 1.37 -13.43
C THR A 563 -4.00 1.23 -14.63
N LEU A 564 -4.40 2.36 -15.23
CA LEU A 564 -5.27 2.30 -16.40
C LEU A 564 -4.58 1.57 -17.56
N THR A 565 -3.30 1.85 -17.79
CA THR A 565 -2.57 1.23 -18.89
C THR A 565 -2.49 -0.28 -18.72
N VAL A 566 -2.10 -0.74 -17.52
CA VAL A 566 -1.99 -2.18 -17.32
C VAL A 566 -3.36 -2.84 -17.42
N LYS A 567 -4.40 -2.16 -16.92
CA LYS A 567 -5.75 -2.71 -17.03
C LYS A 567 -6.15 -2.90 -18.48
N ALA A 568 -5.91 -1.87 -19.32
CA ALA A 568 -6.29 -1.97 -20.72
C ALA A 568 -5.52 -3.06 -21.44
N VAL A 569 -4.20 -3.16 -21.20
CA VAL A 569 -3.41 -4.16 -21.89
C VAL A 569 -3.88 -5.57 -21.51
N VAL A 570 -4.09 -5.80 -20.21
CA VAL A 570 -4.51 -7.13 -19.77
C VAL A 570 -5.91 -7.45 -20.27
N ARG A 571 -6.81 -6.45 -20.28
CA ARG A 571 -8.17 -6.69 -20.75
C ARG A 571 -8.18 -7.08 -22.22
N GLU A 572 -7.39 -6.39 -23.05
CA GLU A 572 -7.40 -6.72 -24.46
C GLU A 572 -6.67 -8.04 -24.74
N LYS A 573 -5.68 -8.38 -23.94
CA LYS A 573 -5.03 -9.69 -24.12
C LYS A 573 -5.79 -10.81 -23.44
N GLU A 574 -6.87 -10.51 -22.71
CA GLU A 574 -7.61 -11.54 -22.00
C GLU A 574 -8.64 -12.22 -22.89
N THR A 575 -9.37 -11.44 -23.69
CA THR A 575 -10.43 -11.96 -24.55
C THR A 575 -9.90 -12.55 -25.86
N ARG A 576 -8.60 -12.84 -25.93
CA ARG A 576 -7.97 -13.51 -27.06
C ARG A 576 -8.03 -12.70 -28.35
N LEU A 577 -8.32 -11.40 -28.25
CA LEU A 577 -8.38 -10.57 -29.45
C LEU A 577 -7.01 -10.45 -30.11
N ARG A 578 -5.94 -10.49 -29.33
CA ARG A 578 -4.60 -10.40 -29.90
C ARG A 578 -4.31 -11.56 -30.82
N ASP A 579 -4.80 -12.76 -30.47
CA ASP A 579 -4.62 -13.92 -31.34
C ASP A 579 -5.37 -13.73 -32.65
N THR A 580 -6.57 -13.16 -32.60
CA THR A 580 -7.29 -12.90 -33.84
C THR A 580 -6.59 -11.87 -34.71
N MET A 581 -6.05 -10.81 -34.10
CA MET A 581 -5.27 -9.84 -34.87
C MET A 581 -4.05 -10.49 -35.51
N ARG A 582 -3.35 -11.34 -34.76
CA ARG A 582 -2.21 -12.05 -35.33
C ARG A 582 -2.65 -13.02 -36.42
N ALA A 583 -3.89 -13.50 -36.36
CA ALA A 583 -4.39 -14.39 -37.39
C ALA A 583 -4.53 -13.67 -38.73
N MET A 584 -4.97 -12.41 -38.71
CA MET A 584 -5.14 -11.66 -39.94
C MET A 584 -3.83 -11.23 -40.56
N GLY A 585 -2.70 -11.37 -39.87
CA GLY A 585 -1.40 -11.11 -40.43
C GLY A 585 -0.59 -10.02 -39.73
N LEU A 586 -1.17 -9.26 -38.80
CA LEU A 586 -0.42 -8.22 -38.12
C LEU A 586 0.70 -8.82 -37.29
N SER A 587 1.90 -8.27 -37.44
CA SER A 587 3.03 -8.72 -36.64
C SER A 587 2.94 -8.13 -35.23
N ARG A 588 3.58 -8.82 -34.29
CA ARG A 588 3.56 -8.35 -32.90
C ARG A 588 4.19 -6.97 -32.77
N ALA A 589 5.16 -6.66 -33.63
CA ALA A 589 5.83 -5.37 -33.56
C ALA A 589 4.86 -4.21 -33.73
N VAL A 590 3.92 -4.35 -34.67
CA VAL A 590 2.94 -3.29 -34.88
C VAL A 590 2.03 -3.15 -33.66
N LEU A 591 1.66 -4.27 -33.04
CA LEU A 591 0.86 -4.20 -31.82
C LEU A 591 1.59 -3.45 -30.72
N TRP A 592 2.86 -3.80 -30.48
CA TRP A 592 3.58 -3.14 -29.40
C TRP A 592 3.83 -1.67 -29.71
N LEU A 593 4.10 -1.34 -30.97
CA LEU A 593 4.30 0.05 -31.33
C LEU A 593 3.02 0.87 -31.16
N GLY A 594 1.87 0.29 -31.54
CA GLY A 594 0.61 0.94 -31.28
C GLY A 594 0.39 1.18 -29.80
N TRP A 595 0.72 0.18 -28.98
CA TRP A 595 0.58 0.35 -27.53
C TRP A 595 1.49 1.46 -27.01
N PHE A 596 2.75 1.47 -27.46
CA PHE A 596 3.68 2.52 -27.08
C PHE A 596 3.11 3.90 -27.39
N LEU A 597 2.85 4.15 -28.67
CA LEU A 597 2.46 5.48 -29.10
C LEU A 597 1.05 5.86 -28.65
N SER A 598 0.24 4.90 -28.20
CA SER A 598 -1.08 5.24 -27.70
C SER A 598 -1.09 5.52 -26.20
N CYS A 599 -0.29 4.78 -25.43
CA CYS A 599 -0.19 5.04 -24.00
C CYS A 599 0.69 6.25 -23.69
N LEU A 600 1.66 6.55 -24.56
CA LEU A 600 2.66 7.56 -24.26
C LEU A 600 2.19 8.99 -24.53
N GLY A 601 0.99 9.17 -25.05
CA GLY A 601 0.46 10.50 -25.29
C GLY A 601 0.06 11.23 -24.03
N PRO A 602 -0.89 10.66 -23.28
CA PRO A 602 -1.31 11.32 -22.02
C PRO A 602 -0.19 11.53 -21.04
N PHE A 603 0.79 10.62 -21.00
CA PHE A 603 1.94 10.80 -20.10
C PHE A 603 2.69 12.09 -20.42
N LEU A 604 2.98 12.32 -21.69
CA LEU A 604 3.70 13.53 -22.07
C LEU A 604 2.83 14.78 -21.94
N LEU A 605 1.52 14.66 -22.16
CA LEU A 605 0.65 15.81 -21.89
C LEU A 605 0.70 16.19 -20.41
N SER A 606 0.59 15.20 -19.53
CA SER A 606 0.70 15.45 -18.10
C SER A 606 2.04 16.03 -17.73
N ALA A 607 3.12 15.51 -18.34
CA ALA A 607 4.46 16.03 -18.06
C ALA A 607 4.58 17.48 -18.47
N ALA A 608 4.02 17.86 -19.63
CA ALA A 608 4.08 19.25 -20.05
C ALA A 608 3.31 20.15 -19.11
N LEU A 609 2.11 19.72 -18.68
CA LEU A 609 1.36 20.53 -17.73
C LEU A 609 2.10 20.67 -16.40
N LEU A 610 2.74 19.59 -15.94
CA LEU A 610 3.52 19.65 -14.70
C LEU A 610 4.71 20.59 -14.85
N VAL A 611 5.38 20.58 -16.00
CA VAL A 611 6.50 21.48 -16.22
C VAL A 611 6.03 22.93 -16.17
N LEU A 612 4.89 23.22 -16.81
CA LEU A 612 4.36 24.57 -16.75
C LEU A 612 4.01 24.98 -15.32
N VAL A 613 3.40 24.07 -14.55
CA VAL A 613 3.06 24.39 -13.17
C VAL A 613 4.32 24.65 -12.35
N LEU A 614 5.34 23.81 -12.52
CA LEU A 614 6.59 23.99 -11.78
C LEU A 614 7.23 25.33 -12.09
N LYS A 615 7.38 25.65 -13.38
CA LYS A 615 8.05 26.90 -13.73
C LYS A 615 7.24 28.11 -13.30
N LEU A 616 5.91 28.07 -13.49
CA LEU A 616 5.09 29.24 -13.17
C LEU A 616 4.85 29.36 -11.67
N GLY A 617 4.78 28.24 -10.95
CA GLY A 617 4.45 28.24 -9.54
C GLY A 617 5.58 28.58 -8.60
N ASP A 618 6.72 29.01 -9.13
CA ASP A 618 7.91 29.38 -8.35
C ASP A 618 8.50 28.20 -7.58
N ILE A 619 8.07 26.98 -7.89
CA ILE A 619 8.64 25.81 -7.20
C ILE A 619 10.07 25.57 -7.66
N LEU A 620 10.33 25.73 -8.96
CA LEU A 620 11.68 25.56 -9.52
C LEU A 620 12.00 26.73 -10.44
N PRO A 621 12.16 27.94 -9.88
CA PRO A 621 12.50 29.09 -10.71
C PRO A 621 13.98 29.08 -11.09
N TYR A 622 14.36 30.08 -11.90
CA TYR A 622 15.73 30.25 -12.37
C TYR A 622 16.21 29.05 -13.19
N SER A 623 15.30 28.31 -13.80
CA SER A 623 15.64 27.13 -14.58
C SER A 623 14.90 27.15 -15.91
N HIS A 624 15.51 26.50 -16.91
CA HIS A 624 14.94 26.47 -18.25
C HIS A 624 14.06 25.24 -18.41
N PRO A 625 12.78 25.41 -18.78
CA PRO A 625 11.87 24.25 -18.79
C PRO A 625 12.27 23.14 -19.74
N GLY A 626 13.12 23.42 -20.72
CA GLY A 626 13.51 22.39 -21.67
C GLY A 626 14.18 21.19 -21.00
N VAL A 627 15.11 21.45 -20.08
CA VAL A 627 15.84 20.35 -19.45
C VAL A 627 14.92 19.57 -18.52
N VAL A 628 14.06 20.27 -17.77
CA VAL A 628 13.09 19.60 -16.91
C VAL A 628 12.18 18.70 -17.74
N PHE A 629 11.74 19.18 -18.91
CA PHE A 629 10.90 18.36 -19.76
C PHE A 629 11.66 17.16 -20.31
N LEU A 630 12.92 17.35 -20.69
CA LEU A 630 13.72 16.21 -21.18
C LEU A 630 13.99 15.21 -20.06
N PHE A 631 13.87 15.63 -18.81
CA PHE A 631 13.98 14.69 -17.69
C PHE A 631 12.67 13.92 -17.49
N LEU A 632 11.56 14.65 -17.39
CA LEU A 632 10.27 14.01 -17.17
C LEU A 632 9.88 13.10 -18.33
N ALA A 633 10.32 13.42 -19.55
CA ALA A 633 10.03 12.56 -20.69
C ALA A 633 10.74 11.23 -20.59
N ALA A 634 12.01 11.23 -20.18
CA ALA A 634 12.71 9.98 -19.98
C ALA A 634 12.05 9.16 -18.87
N PHE A 635 11.64 9.83 -17.79
CA PHE A 635 10.94 9.11 -16.73
C PHE A 635 9.65 8.49 -17.24
N ALA A 636 8.89 9.23 -18.05
CA ALA A 636 7.64 8.70 -18.58
C ALA A 636 7.88 7.51 -19.50
N VAL A 637 8.90 7.57 -20.34
CA VAL A 637 9.22 6.44 -21.22
C VAL A 637 9.54 5.22 -20.38
N ALA A 638 10.39 5.38 -19.37
CA ALA A 638 10.75 4.25 -18.52
C ALA A 638 9.54 3.67 -17.81
N THR A 639 8.66 4.53 -17.29
CA THR A 639 7.51 4.02 -16.54
C THR A 639 6.49 3.34 -17.45
N VAL A 640 6.29 3.82 -18.68
CA VAL A 640 5.40 3.13 -19.61
C VAL A 640 5.95 1.76 -19.94
N THR A 641 7.25 1.69 -20.24
CA THR A 641 7.84 0.38 -20.54
C THR A 641 7.72 -0.57 -19.35
N GLN A 642 7.92 -0.06 -18.14
CA GLN A 642 7.84 -0.93 -16.99
C GLN A 642 6.41 -1.36 -16.70
N SER A 643 5.44 -0.50 -17.00
CA SER A 643 4.04 -0.91 -16.86
C SER A 643 3.71 -2.03 -17.84
N PHE A 644 4.23 -1.94 -19.07
CA PHE A 644 4.05 -3.03 -20.02
C PHE A 644 4.72 -4.30 -19.52
N LEU A 645 5.87 -4.17 -18.85
CA LEU A 645 6.49 -5.34 -18.23
C LEU A 645 5.60 -5.93 -17.14
N LEU A 646 4.99 -5.07 -16.32
CA LEU A 646 4.12 -5.55 -15.25
C LEU A 646 2.89 -6.24 -15.80
N SER A 647 2.39 -5.82 -16.96
CA SER A 647 1.23 -6.47 -17.56
C SER A 647 1.54 -7.85 -18.10
N ALA A 648 2.81 -8.25 -18.16
CA ALA A 648 3.21 -9.52 -18.74
C ALA A 648 3.27 -10.66 -17.73
N PHE A 649 2.90 -10.42 -16.48
CA PHE A 649 2.94 -11.45 -15.45
C PHE A 649 1.57 -11.89 -14.97
N PHE A 650 0.49 -11.35 -15.54
CA PHE A 650 -0.85 -11.61 -15.05
C PHE A 650 -1.75 -12.06 -16.19
N SER A 651 -2.72 -12.91 -15.85
CA SER A 651 -3.67 -13.44 -16.82
C SER A 651 -5.12 -13.08 -16.49
N ARG A 652 -5.34 -12.17 -15.55
CA ARG A 652 -6.68 -11.73 -15.20
C ARG A 652 -6.71 -10.21 -15.14
N ALA A 653 -7.88 -9.63 -15.42
CA ALA A 653 -7.98 -8.19 -15.60
C ALA A 653 -7.83 -7.46 -14.27
N ASN A 654 -8.75 -7.72 -13.33
CA ASN A 654 -8.77 -6.93 -12.09
C ASN A 654 -7.60 -7.28 -11.19
N LEU A 655 -7.14 -8.52 -11.20
CA LEU A 655 -5.96 -8.88 -10.41
C LEU A 655 -4.75 -8.08 -10.87
N ALA A 656 -4.51 -8.02 -12.18
CA ALA A 656 -3.42 -7.22 -12.71
C ALA A 656 -3.63 -5.73 -12.40
N ALA A 657 -4.87 -5.26 -12.53
CA ALA A 657 -5.14 -3.85 -12.27
C ALA A 657 -4.83 -3.47 -10.83
N ALA A 658 -5.17 -4.34 -9.88
CA ALA A 658 -4.94 -4.05 -8.48
C ALA A 658 -3.52 -4.37 -8.01
N CYS A 659 -2.77 -5.15 -8.78
CA CYS A 659 -1.39 -5.46 -8.40
C CYS A 659 -0.36 -4.56 -9.08
N GLY A 660 -0.69 -3.99 -10.24
CA GLY A 660 0.27 -3.13 -10.92
C GLY A 660 0.60 -1.87 -10.14
N GLY A 661 -0.42 -1.25 -9.54
CA GLY A 661 -0.16 -0.07 -8.73
C GLY A 661 0.72 -0.35 -7.53
N LEU A 662 0.47 -1.46 -6.85
CA LEU A 662 1.32 -1.83 -5.72
C LEU A 662 2.74 -2.16 -6.18
N ALA A 663 2.88 -2.81 -7.33
CA ALA A 663 4.22 -3.12 -7.82
C ALA A 663 4.97 -1.84 -8.19
N TYR A 664 4.25 -0.85 -8.71
CA TYR A 664 4.88 0.44 -9.04
C TYR A 664 5.29 1.18 -7.77
N PHE A 665 4.43 1.17 -6.76
CA PHE A 665 4.71 1.91 -5.52
C PHE A 665 5.76 1.22 -4.65
N SER A 666 5.86 -0.10 -4.70
CA SER A 666 6.80 -0.80 -3.84
C SER A 666 8.25 -0.59 -4.25
N LEU A 667 8.51 0.02 -5.40
CA LEU A 667 9.87 0.24 -5.86
C LEU A 667 10.39 1.64 -5.53
N TYR A 668 9.60 2.44 -4.82
CA TYR A 668 10.04 3.76 -4.37
C TYR A 668 10.65 3.73 -2.97
N LEU A 669 10.36 2.70 -2.19
CA LEU A 669 10.94 2.57 -0.85
C LEU A 669 12.47 2.45 -0.85
N PRO A 670 13.11 1.69 -1.75
CA PRO A 670 14.59 1.65 -1.72
C PRO A 670 15.23 3.02 -1.86
N TYR A 671 14.58 3.97 -2.52
CA TYR A 671 15.11 5.33 -2.55
C TYR A 671 15.18 5.92 -1.15
N VAL A 672 14.13 5.74 -0.35
CA VAL A 672 14.14 6.22 1.02
C VAL A 672 15.21 5.49 1.84
N LEU A 673 15.31 4.17 1.65
CA LEU A 673 16.32 3.40 2.38
C LEU A 673 17.73 3.88 2.04
N CYS A 674 17.94 4.30 0.79
CA CYS A 674 19.25 4.78 0.38
C CYS A 674 19.52 6.20 0.86
N VAL A 675 18.48 7.04 0.91
CA VAL A 675 18.71 8.42 1.36
C VAL A 675 18.92 8.47 2.87
N ALA A 676 18.35 7.51 3.61
CA ALA A 676 18.58 7.49 5.06
C ALA A 676 20.04 7.23 5.39
N TRP A 677 20.60 6.15 4.85
CA TRP A 677 22.03 5.83 5.01
C TRP A 677 22.83 6.34 3.82
N ARG A 678 22.74 7.65 3.57
CA ARG A 678 23.34 8.20 2.36
C ARG A 678 24.85 8.01 2.34
N ASP A 679 25.52 8.28 3.45
CA ASP A 679 26.97 8.15 3.49
C ASP A 679 27.43 6.71 3.59
N ARG A 680 26.57 5.80 4.03
CA ARG A 680 26.96 4.39 4.15
C ARG A 680 27.28 3.78 2.80
N LEU A 681 26.44 4.03 1.80
CA LEU A 681 26.58 3.37 0.51
C LEU A 681 27.77 3.94 -0.26
N PRO A 682 28.67 3.11 -0.76
CA PRO A 682 29.82 3.60 -1.51
C PRO A 682 29.41 4.05 -2.91
N ALA A 683 30.41 4.40 -3.72
CA ALA A 683 30.15 4.82 -5.10
C ALA A 683 29.83 3.63 -5.99
N GLY A 684 30.37 2.45 -5.67
CA GLY A 684 30.11 1.29 -6.51
C GLY A 684 28.67 0.84 -6.49
N GLY A 685 28.05 0.84 -5.30
CA GLY A 685 26.68 0.41 -5.18
C GLY A 685 25.64 1.41 -5.63
N ARG A 686 26.04 2.66 -5.87
CA ARG A 686 25.08 3.69 -6.27
C ARG A 686 24.46 3.37 -7.62
N VAL A 687 25.29 3.05 -8.62
CA VAL A 687 24.76 2.73 -9.94
C VAL A 687 23.95 1.44 -9.91
N ALA A 688 24.39 0.46 -9.12
CA ALA A 688 23.65 -0.79 -9.02
C ALA A 688 22.27 -0.58 -8.40
N ALA A 689 22.18 0.29 -7.39
CA ALA A 689 20.88 0.59 -6.79
C ALA A 689 20.04 1.51 -7.65
N SER A 690 20.66 2.27 -8.56
CA SER A 690 19.92 3.17 -9.43
C SER A 690 19.34 2.47 -10.66
N LEU A 691 19.31 1.14 -10.69
CA LEU A 691 18.71 0.45 -11.82
C LEU A 691 17.20 0.59 -11.82
N LEU A 692 16.59 0.71 -10.64
CA LEU A 692 15.17 1.00 -10.56
C LEU A 692 14.89 2.40 -11.08
N SER A 693 13.77 2.54 -11.81
CA SER A 693 13.44 3.85 -12.36
C SER A 693 13.17 4.91 -11.30
N PRO A 694 12.31 4.69 -10.29
CA PRO A 694 12.10 5.75 -9.28
C PRO A 694 13.37 6.10 -8.51
N VAL A 695 14.25 5.13 -8.26
CA VAL A 695 15.50 5.43 -7.57
C VAL A 695 16.36 6.37 -8.41
N ALA A 696 16.47 6.10 -9.72
CA ALA A 696 17.24 6.97 -10.59
C ALA A 696 16.60 8.36 -10.66
N PHE A 697 15.27 8.42 -10.70
CA PHE A 697 14.62 9.72 -10.72
C PHE A 697 14.89 10.51 -9.45
N GLY A 698 14.89 9.83 -8.30
CA GLY A 698 15.22 10.53 -7.06
C GLY A 698 16.66 11.01 -7.03
N PHE A 699 17.58 10.19 -7.51
CA PHE A 699 18.99 10.60 -7.55
C PHE A 699 19.19 11.79 -8.49
N GLY A 700 18.41 11.87 -9.57
CA GLY A 700 18.47 13.05 -10.41
C GLY A 700 17.80 14.26 -9.80
N CYS A 701 16.73 14.04 -9.05
CA CYS A 701 16.03 15.16 -8.43
C CYS A 701 16.87 15.80 -7.34
N GLU A 702 17.66 15.00 -6.61
CA GLU A 702 18.55 15.58 -5.62
C GLU A 702 19.58 16.49 -6.27
N SER A 703 20.12 16.09 -7.42
CA SER A 703 21.08 16.93 -8.13
C SER A 703 20.42 18.18 -8.67
N LEU A 704 19.19 18.07 -9.16
CA LEU A 704 18.47 19.24 -9.63
C LEU A 704 18.25 20.23 -8.49
N ALA A 705 17.85 19.76 -7.31
CA ALA A 705 17.65 20.66 -6.18
C ALA A 705 18.96 21.27 -5.72
N LEU A 706 20.04 20.47 -5.72
CA LEU A 706 21.34 20.99 -5.31
C LEU A 706 21.81 22.09 -6.24
N LEU A 707 21.63 21.91 -7.56
CA LEU A 707 21.96 22.97 -8.50
C LEU A 707 21.04 24.17 -8.34
N GLU A 708 19.79 23.95 -7.95
CA GLU A 708 18.89 25.06 -7.67
C GLU A 708 19.35 25.88 -6.47
N GLU A 709 19.97 25.22 -5.48
CA GLU A 709 20.41 25.95 -4.28
C GLU A 709 21.52 26.95 -4.58
N GLN A 710 22.35 26.67 -5.59
CA GLN A 710 23.48 27.52 -5.93
C GLN A 710 23.09 28.73 -6.77
N GLY A 711 21.81 29.09 -6.84
CA GLY A 711 21.38 30.31 -7.50
C GLY A 711 21.24 30.22 -9.01
N GLU A 712 21.74 29.17 -9.63
CA GLU A 712 21.62 28.97 -11.08
C GLU A 712 20.95 27.63 -11.31
N GLY A 713 19.70 27.66 -11.79
CA GLY A 713 18.95 26.44 -11.99
C GLY A 713 19.52 25.60 -13.13
N ALA A 714 18.70 24.62 -13.55
CA ALA A 714 19.10 23.72 -14.62
C ALA A 714 18.96 24.44 -15.96
N GLN A 715 20.06 24.51 -16.71
CA GLN A 715 20.08 25.17 -18.01
C GLN A 715 21.07 24.45 -18.91
N TRP A 716 21.11 24.86 -20.17
CA TRP A 716 21.97 24.19 -21.14
C TRP A 716 23.45 24.38 -20.84
N HIS A 717 23.81 25.37 -20.03
CA HIS A 717 25.21 25.60 -19.70
C HIS A 717 25.81 24.43 -18.93
N ASN A 718 25.04 23.88 -17.99
CA ASN A 718 25.56 22.97 -16.97
C ASN A 718 24.77 21.67 -16.95
N VAL A 719 24.60 21.05 -18.12
CA VAL A 719 23.92 19.77 -18.17
C VAL A 719 24.89 18.63 -17.86
N GLY A 720 26.12 18.70 -18.36
CA GLY A 720 27.08 17.64 -18.14
C GLY A 720 28.08 17.94 -17.04
N THR A 721 27.77 18.89 -16.17
CA THR A 721 28.66 19.33 -15.10
C THR A 721 28.15 18.80 -13.76
N ARG A 722 29.04 18.20 -12.98
CA ARG A 722 28.66 17.65 -11.69
C ARG A 722 28.71 18.74 -10.63
N PRO A 723 27.60 19.10 -9.99
CA PRO A 723 27.63 20.19 -9.00
C PRO A 723 28.39 19.85 -7.73
N THR A 724 28.68 18.58 -7.47
CA THR A 724 29.44 18.18 -6.30
C THR A 724 30.18 16.89 -6.64
N ALA A 725 31.19 16.57 -5.83
CA ALA A 725 32.11 15.49 -6.16
C ALA A 725 31.44 14.12 -6.21
N ASP A 726 30.28 13.95 -5.59
CA ASP A 726 29.64 12.63 -5.50
C ASP A 726 28.15 12.73 -5.81
N VAL A 727 27.80 13.43 -6.89
CA VAL A 727 26.43 13.49 -7.38
C VAL A 727 26.44 13.27 -8.88
N PHE A 728 25.41 12.60 -9.38
CA PHE A 728 25.27 12.39 -10.82
C PHE A 728 25.06 13.71 -11.55
N SER A 729 25.71 13.85 -12.70
CA SER A 729 25.36 14.91 -13.62
C SER A 729 23.95 14.68 -14.16
N LEU A 730 23.26 15.78 -14.47
CA LEU A 730 21.84 15.68 -14.80
C LEU A 730 21.61 14.87 -16.07
N ALA A 731 22.57 14.84 -16.99
CA ALA A 731 22.43 14.06 -18.21
C ALA A 731 22.68 12.58 -17.97
N GLN A 732 23.57 12.24 -17.03
CA GLN A 732 23.84 10.83 -16.75
C GLN A 732 22.61 10.13 -16.18
N VAL A 733 21.81 10.83 -15.38
CA VAL A 733 20.58 10.24 -14.84
C VAL A 733 19.62 9.91 -15.98
N SER A 734 19.49 10.82 -16.94
CA SER A 734 18.62 10.56 -18.09
C SER A 734 19.13 9.39 -18.91
N GLY A 735 20.45 9.32 -19.12
CA GLY A 735 21.01 8.17 -19.81
C GLY A 735 20.70 6.86 -19.12
N LEU A 736 20.82 6.85 -17.78
CA LEU A 736 20.48 5.64 -17.02
C LEU A 736 18.99 5.33 -17.13
N LEU A 737 18.15 6.36 -17.17
CA LEU A 737 16.72 6.13 -17.32
C LEU A 737 16.39 5.45 -18.65
N LEU A 738 17.00 5.93 -19.74
CA LEU A 738 16.79 5.26 -21.03
C LEU A 738 17.36 3.84 -21.02
N LEU A 739 18.51 3.63 -20.38
CA LEU A 739 19.04 2.28 -20.31
C LEU A 739 18.09 1.36 -19.55
N ASP A 740 17.51 1.85 -18.46
CA ASP A 740 16.54 1.07 -17.70
C ASP A 740 15.30 0.76 -18.54
N ALA A 741 14.81 1.74 -19.30
CA ALA A 741 13.66 1.50 -20.16
C ALA A 741 13.96 0.44 -21.20
N ALA A 742 15.15 0.51 -21.82
CA ALA A 742 15.52 -0.51 -22.80
C ALA A 742 15.63 -1.89 -22.17
N LEU A 743 16.21 -1.97 -20.97
CA LEU A 743 16.32 -3.25 -20.29
C LEU A 743 14.95 -3.83 -19.95
N TYR A 744 14.02 -2.98 -19.52
CA TYR A 744 12.67 -3.44 -19.24
C TYR A 744 11.96 -3.93 -20.50
N GLY A 745 12.16 -3.21 -21.61
CA GLY A 745 11.57 -3.67 -22.88
C GLY A 745 12.11 -5.01 -23.31
N LEU A 746 13.43 -5.20 -23.22
CA LEU A 746 14.01 -6.50 -23.55
C LEU A 746 13.51 -7.58 -22.61
N ALA A 747 13.33 -7.24 -21.33
CA ALA A 747 12.80 -8.21 -20.38
C ALA A 747 11.39 -8.64 -20.77
N THR A 748 10.53 -7.69 -21.15
CA THR A 748 9.18 -8.04 -21.59
C THR A 748 9.22 -8.90 -22.83
N TRP A 749 10.06 -8.53 -23.80
CA TRP A 749 10.18 -9.32 -25.04
C TRP A 749 10.57 -10.76 -24.74
N TYR A 750 11.58 -10.97 -23.89
CA TYR A 750 11.99 -12.34 -23.59
C TYR A 750 10.94 -13.07 -22.77
N LEU A 751 10.34 -12.39 -21.79
CA LEU A 751 9.39 -13.04 -20.89
C LEU A 751 8.13 -13.48 -21.62
N GLU A 752 7.75 -12.77 -22.69
CA GLU A 752 6.56 -13.18 -23.44
C GLU A 752 6.71 -14.57 -24.05
N ALA A 753 7.93 -15.07 -24.19
CA ALA A 753 8.19 -16.38 -24.79
C ALA A 753 8.51 -17.46 -23.77
N VAL A 754 8.33 -17.19 -22.47
CA VAL A 754 8.67 -18.18 -21.46
C VAL A 754 7.66 -19.33 -21.46
N CYS A 755 6.40 -19.04 -21.78
CA CYS A 755 5.33 -20.03 -21.78
C CYS A 755 4.62 -19.99 -23.12
N PRO A 756 5.22 -20.57 -24.15
CA PRO A 756 4.63 -20.52 -25.50
C PRO A 756 3.67 -21.66 -25.75
N GLY A 757 2.88 -21.50 -26.80
CA GLY A 757 1.93 -22.53 -27.19
C GLY A 757 0.68 -22.53 -26.35
N GLN A 758 0.81 -22.92 -25.08
CA GLN A 758 -0.33 -23.01 -24.19
C GLN A 758 -0.96 -21.63 -23.99
N TYR A 759 -2.28 -21.59 -24.04
CA TYR A 759 -3.04 -20.36 -23.82
C TYR A 759 -3.41 -20.28 -22.34
N GLY A 760 -3.02 -19.19 -21.70
CA GLY A 760 -3.29 -18.99 -20.29
C GLY A 760 -3.44 -17.53 -19.92
N VAL A 794 -11.71 -47.17 -43.87
CA VAL A 794 -11.01 -46.78 -45.10
C VAL A 794 -12.01 -46.39 -46.17
N LEU A 795 -13.23 -46.05 -45.74
CA LEU A 795 -14.29 -45.65 -46.66
C LEU A 795 -14.09 -44.20 -47.06
N VAL A 796 -13.86 -43.95 -48.35
CA VAL A 796 -13.64 -42.61 -48.88
C VAL A 796 -14.51 -42.44 -50.13
N GLU A 797 -15.14 -41.28 -50.25
CA GLU A 797 -15.95 -40.93 -51.42
C GLU A 797 -15.41 -39.64 -52.00
N GLU A 798 -14.50 -39.75 -52.96
CA GLU A 798 -13.90 -38.61 -53.64
C GLU A 798 -14.15 -38.76 -55.14
N ALA A 799 -15.33 -38.33 -55.59
CA ALA A 799 -15.66 -38.35 -57.01
C ALA A 799 -16.78 -37.37 -57.35
N PRO A 800 -16.57 -36.07 -57.15
CA PRO A 800 -17.56 -35.10 -57.61
C PRO A 800 -17.50 -34.94 -59.11
N PRO A 801 -18.55 -34.39 -59.74
CA PRO A 801 -18.48 -34.15 -61.19
C PRO A 801 -17.32 -33.25 -61.60
N GLY A 802 -17.03 -32.22 -60.81
CA GLY A 802 -15.86 -31.39 -61.05
C GLY A 802 -14.85 -31.52 -59.93
N LEU A 803 -13.73 -32.18 -60.19
CA LEU A 803 -12.72 -32.44 -59.17
C LEU A 803 -11.77 -31.24 -59.14
N SER A 804 -12.08 -30.27 -58.29
CA SER A 804 -11.27 -29.06 -58.14
C SER A 804 -10.92 -28.92 -56.67
N PRO A 805 -9.83 -29.56 -56.23
CA PRO A 805 -9.49 -29.53 -54.81
C PRO A 805 -8.98 -28.18 -54.34
N GLY A 806 -9.90 -27.26 -54.03
CA GLY A 806 -9.51 -25.94 -53.60
C GLY A 806 -8.62 -25.95 -52.37
N VAL A 807 -8.96 -26.78 -51.39
CA VAL A 807 -8.11 -27.01 -50.21
C VAL A 807 -7.66 -28.45 -50.25
N SER A 808 -6.36 -28.67 -50.19
CA SER A 808 -5.79 -30.02 -50.31
C SER A 808 -4.81 -30.23 -49.15
N VAL A 809 -5.34 -30.63 -48.00
CA VAL A 809 -4.53 -30.94 -46.83
C VAL A 809 -4.16 -32.42 -46.90
N ARG A 810 -2.86 -32.71 -46.79
CA ARG A 810 -2.35 -34.07 -46.95
C ARG A 810 -1.49 -34.42 -45.74
N SER A 811 -1.89 -35.49 -45.04
CA SER A 811 -1.10 -36.05 -43.95
C SER A 811 -0.76 -35.00 -42.90
N LEU A 812 -1.70 -34.08 -42.66
CA LEU A 812 -1.45 -33.00 -41.72
C LEU A 812 -1.35 -33.55 -40.30
N GLU A 813 -0.27 -33.18 -39.61
CA GLU A 813 0.02 -33.74 -38.30
C GLU A 813 0.50 -32.64 -37.36
N LYS A 814 0.33 -32.86 -36.06
CA LYS A 814 0.87 -31.98 -35.04
C LYS A 814 1.02 -32.77 -33.75
N ARG A 815 1.99 -32.37 -32.93
CA ARG A 815 2.27 -33.04 -31.67
C ARG A 815 2.53 -32.01 -30.58
N PHE A 816 2.10 -32.34 -29.36
CA PHE A 816 2.39 -31.56 -28.17
C PHE A 816 3.23 -32.39 -27.19
N PRO A 817 4.08 -31.74 -26.40
CA PRO A 817 4.85 -32.48 -25.37
C PRO A 817 4.02 -32.91 -24.17
N GLY A 818 2.78 -32.44 -24.06
CA GLY A 818 1.95 -32.85 -22.92
C GLY A 818 1.67 -34.34 -22.91
N SER A 819 1.39 -34.91 -24.07
CA SER A 819 1.18 -36.34 -24.21
C SER A 819 2.02 -36.88 -25.36
N PRO A 820 2.65 -38.05 -25.19
CA PRO A 820 3.45 -38.61 -26.30
C PRO A 820 2.62 -38.86 -27.55
N GLN A 821 1.36 -39.24 -27.39
CA GLN A 821 0.49 -39.40 -28.56
C GLN A 821 0.19 -38.04 -29.19
N PRO A 822 0.16 -37.95 -30.51
CA PRO A 822 -0.05 -36.66 -31.16
C PRO A 822 -1.43 -36.10 -30.88
N ALA A 823 -1.51 -34.76 -30.84
CA ALA A 823 -2.80 -34.10 -30.71
C ALA A 823 -3.69 -34.38 -31.91
N LEU A 824 -3.11 -34.32 -33.11
CA LEU A 824 -3.80 -34.65 -34.34
C LEU A 824 -2.99 -35.68 -35.11
N ARG A 825 -3.65 -36.75 -35.55
CA ARG A 825 -3.02 -37.80 -36.32
C ARG A 825 -3.26 -37.56 -37.81
N GLY A 826 -2.91 -38.54 -38.64
CA GLY A 826 -3.01 -38.40 -40.07
C GLY A 826 -4.40 -38.04 -40.56
N LEU A 827 -4.50 -36.95 -41.32
CA LEU A 827 -5.77 -36.45 -41.85
C LEU A 827 -5.52 -36.12 -43.33
N SER A 828 -5.76 -37.10 -44.20
CA SER A 828 -5.48 -36.97 -45.63
C SER A 828 -6.69 -36.51 -46.42
N LEU A 829 -7.75 -36.05 -45.76
CA LEU A 829 -8.96 -35.65 -46.46
C LEU A 829 -8.69 -34.50 -47.41
N ASP A 830 -9.37 -34.52 -48.55
CA ASP A 830 -9.22 -33.49 -49.57
C ASP A 830 -10.57 -32.83 -49.81
N PHE A 831 -10.60 -31.51 -49.80
CA PHE A 831 -11.85 -30.77 -49.93
C PHE A 831 -12.01 -30.32 -51.37
N TYR A 832 -13.24 -29.94 -51.73
CA TYR A 832 -13.56 -29.58 -53.10
C TYR A 832 -14.41 -28.32 -53.11
N GLN A 833 -14.14 -27.44 -54.08
CA GLN A 833 -14.81 -26.15 -54.15
C GLN A 833 -16.30 -26.32 -54.44
N GLY A 834 -17.10 -25.46 -53.81
CA GLY A 834 -18.54 -25.46 -54.02
C GLY A 834 -19.34 -26.28 -53.05
N HIS A 835 -18.69 -27.05 -52.17
CA HIS A 835 -19.37 -27.93 -51.23
C HIS A 835 -19.13 -27.45 -49.81
N ILE A 836 -20.19 -27.41 -49.00
CA ILE A 836 -20.09 -26.95 -47.61
C ILE A 836 -19.74 -28.17 -46.78
N THR A 837 -18.46 -28.50 -46.74
CA THR A 837 -18.00 -29.61 -45.93
C THR A 837 -18.20 -29.28 -44.45
N ALA A 838 -18.39 -30.32 -43.63
CA ALA A 838 -18.63 -30.15 -42.22
C ALA A 838 -17.87 -31.21 -41.43
N PHE A 839 -17.67 -30.93 -40.15
CA PHE A 839 -16.96 -31.81 -39.23
C PHE A 839 -17.91 -32.33 -38.16
N LEU A 840 -17.75 -33.60 -37.80
CA LEU A 840 -18.53 -34.23 -36.75
C LEU A 840 -17.62 -34.87 -35.71
N GLY A 841 -17.93 -34.63 -34.44
CA GLY A 841 -17.19 -35.21 -33.34
C GLY A 841 -17.59 -34.60 -32.02
N HIS A 842 -17.41 -35.34 -30.93
CA HIS A 842 -17.64 -34.80 -29.60
C HIS A 842 -16.42 -34.01 -29.15
N ASN A 843 -16.62 -33.16 -28.14
CA ASN A 843 -15.57 -32.27 -27.67
C ASN A 843 -14.33 -33.06 -27.29
N GLY A 844 -13.19 -32.65 -27.83
CA GLY A 844 -11.96 -33.41 -27.72
C GLY A 844 -11.56 -34.15 -28.97
N ALA A 845 -12.18 -33.86 -30.11
CA ALA A 845 -11.88 -34.55 -31.36
C ALA A 845 -10.83 -33.82 -32.20
N GLY A 846 -10.31 -32.70 -31.72
CA GLY A 846 -9.30 -31.96 -32.46
C GLY A 846 -9.76 -31.34 -33.76
N LYS A 847 -10.92 -30.69 -33.75
CA LYS A 847 -11.42 -30.01 -34.95
C LYS A 847 -11.02 -28.54 -34.98
N THR A 848 -11.26 -27.81 -33.89
CA THR A 848 -10.83 -26.42 -33.84
C THR A 848 -9.31 -26.30 -33.91
N THR A 849 -8.59 -27.32 -33.41
CA THR A 849 -7.13 -27.34 -33.56
C THR A 849 -6.74 -27.33 -35.03
N THR A 850 -7.37 -28.20 -35.83
CA THR A 850 -7.08 -28.23 -37.26
C THR A 850 -7.50 -26.94 -37.95
N LEU A 851 -8.66 -26.40 -37.57
CA LEU A 851 -9.11 -25.15 -38.16
C LEU A 851 -8.16 -24.01 -37.86
N SER A 852 -7.49 -24.05 -36.70
CA SER A 852 -6.46 -23.07 -36.41
C SER A 852 -5.17 -23.37 -37.16
N ILE A 853 -4.88 -24.66 -37.40
CA ILE A 853 -3.73 -25.02 -38.22
C ILE A 853 -3.85 -24.39 -39.61
N LEU A 854 -5.03 -24.50 -40.21
CA LEU A 854 -5.21 -23.97 -41.56
C LEU A 854 -5.08 -22.45 -41.59
N SER A 855 -5.31 -21.78 -40.47
CA SER A 855 -5.22 -20.33 -40.40
C SER A 855 -3.79 -19.92 -40.02
N GLY A 856 -3.59 -18.62 -39.86
CA GLY A 856 -2.28 -18.09 -39.50
C GLY A 856 -2.11 -17.90 -38.01
N LEU A 857 -2.40 -18.94 -37.23
CA LEU A 857 -2.25 -18.92 -35.79
C LEU A 857 -1.26 -19.95 -35.28
N PHE A 858 -1.40 -21.20 -35.72
CA PHE A 858 -0.55 -22.28 -35.26
C PHE A 858 0.34 -22.78 -36.39
N PRO A 859 1.50 -23.35 -36.08
CA PRO A 859 2.35 -23.93 -37.11
C PRO A 859 2.04 -25.40 -37.30
N PRO A 860 1.96 -25.87 -38.53
CA PRO A 860 1.81 -27.32 -38.77
C PRO A 860 3.14 -28.02 -38.55
N SER A 861 3.11 -29.08 -37.74
CA SER A 861 4.34 -29.80 -37.41
C SER A 861 4.83 -30.63 -38.59
N GLY A 862 3.92 -31.15 -39.41
CA GLY A 862 4.29 -31.99 -40.53
C GLY A 862 3.27 -31.90 -41.64
N GLY A 863 3.53 -32.63 -42.72
CA GLY A 863 2.63 -32.64 -43.85
C GLY A 863 2.60 -31.30 -44.57
N SER A 864 1.45 -31.03 -45.19
CA SER A 864 1.24 -29.79 -45.93
C SER A 864 -0.20 -29.35 -45.76
N ALA A 865 -0.42 -28.06 -46.01
CA ALA A 865 -1.75 -27.44 -45.90
C ALA A 865 -2.02 -26.57 -47.11
N PHE A 866 -1.77 -27.11 -48.30
CA PHE A 866 -1.90 -26.37 -49.55
C PHE A 866 -3.29 -25.79 -49.71
N ILE A 867 -3.42 -24.46 -49.66
CA ILE A 867 -4.67 -23.77 -49.89
C ILE A 867 -4.58 -23.11 -51.27
N LEU A 868 -5.54 -23.40 -52.13
CA LEU A 868 -5.65 -22.84 -53.48
C LEU A 868 -4.47 -23.22 -54.36
N GLY A 869 -3.55 -24.06 -53.88
CA GLY A 869 -2.41 -24.46 -54.67
C GLY A 869 -1.06 -24.11 -54.07
N HIS A 870 -0.96 -22.92 -53.49
CA HIS A 870 0.28 -22.47 -52.86
C HIS A 870 0.26 -22.77 -51.37
N ASP A 871 1.40 -23.20 -50.84
CA ASP A 871 1.49 -23.59 -49.44
C ASP A 871 1.13 -22.40 -48.53
N VAL A 872 0.78 -22.72 -47.29
CA VAL A 872 0.29 -21.69 -46.38
C VAL A 872 1.40 -20.71 -45.99
N ARG A 873 2.59 -21.23 -45.64
CA ARG A 873 3.66 -20.34 -45.21
C ARG A 873 4.25 -19.57 -46.38
N SER A 874 4.35 -20.22 -47.55
CA SER A 874 4.84 -19.52 -48.73
C SER A 874 3.88 -18.42 -49.16
N SER A 875 2.58 -18.67 -49.07
CA SER A 875 1.61 -17.62 -49.37
C SER A 875 1.70 -16.49 -48.37
N MET A 876 1.66 -16.82 -47.07
CA MET A 876 1.83 -15.86 -45.99
C MET A 876 0.87 -14.69 -46.17
N ALA A 877 1.34 -13.59 -46.77
CA ALA A 877 0.53 -12.41 -47.00
C ALA A 877 -0.06 -12.35 -48.40
N ALA A 878 0.21 -13.35 -49.24
CA ALA A 878 -0.39 -13.46 -50.56
C ALA A 878 -1.70 -14.21 -50.54
N ILE A 879 -2.19 -14.57 -49.36
CA ILE A 879 -3.38 -15.42 -49.21
C ILE A 879 -4.48 -14.73 -48.42
N ARG A 880 -4.16 -13.70 -47.64
CA ARG A 880 -5.14 -13.10 -46.74
C ARG A 880 -6.40 -12.62 -47.44
N PRO A 881 -6.34 -11.93 -48.59
CA PRO A 881 -7.60 -11.54 -49.25
C PRO A 881 -8.43 -12.72 -49.74
N HIS A 882 -7.83 -13.89 -49.88
CA HIS A 882 -8.51 -15.09 -50.37
C HIS A 882 -8.55 -16.17 -49.29
N LEU A 883 -8.81 -15.77 -48.04
CA LEU A 883 -8.99 -16.72 -46.95
C LEU A 883 -9.65 -15.99 -45.79
N GLY A 884 -10.80 -16.47 -45.36
CA GLY A 884 -11.51 -15.89 -44.23
C GLY A 884 -11.61 -16.89 -43.09
N VAL A 885 -11.53 -16.38 -41.86
CA VAL A 885 -11.57 -17.22 -40.66
C VAL A 885 -12.57 -16.62 -39.67
N CYS A 886 -13.33 -17.49 -39.00
CA CYS A 886 -14.16 -17.08 -37.88
C CYS A 886 -13.93 -18.06 -36.73
N PRO A 887 -13.65 -17.57 -35.53
CA PRO A 887 -13.33 -18.46 -34.40
C PRO A 887 -14.56 -18.78 -33.57
N GLN A 888 -14.37 -19.73 -32.64
CA GLN A 888 -15.47 -20.18 -31.79
C GLN A 888 -15.88 -19.15 -30.75
N TYR A 889 -15.10 -18.08 -30.57
CA TYR A 889 -15.43 -17.02 -29.63
C TYR A 889 -15.75 -15.74 -30.38
N ASN A 890 -16.75 -15.01 -29.89
CA ASN A 890 -17.18 -13.79 -30.55
C ASN A 890 -16.04 -12.76 -30.56
N VAL A 891 -15.83 -12.12 -31.71
CA VAL A 891 -14.74 -11.17 -31.88
C VAL A 891 -15.34 -9.82 -32.28
N LEU A 892 -15.64 -9.00 -31.28
CA LEU A 892 -16.15 -7.65 -31.48
C LEU A 892 -15.53 -6.73 -30.44
N PHE A 893 -15.54 -5.44 -30.73
CA PHE A 893 -15.10 -4.41 -29.81
C PHE A 893 -16.30 -3.80 -29.12
N ASP A 894 -16.30 -3.80 -27.78
CA ASP A 894 -17.48 -3.41 -27.04
C ASP A 894 -17.81 -1.93 -27.14
N MET A 895 -16.92 -1.12 -27.72
CA MET A 895 -17.16 0.31 -27.86
C MET A 895 -17.44 0.75 -29.28
N LEU A 896 -16.70 0.23 -30.26
CA LEU A 896 -16.94 0.59 -31.65
C LEU A 896 -18.29 0.07 -32.11
N THR A 897 -18.89 0.77 -33.07
CA THR A 897 -20.20 0.41 -33.58
C THR A 897 -20.03 -0.54 -34.77
N VAL A 898 -21.16 -0.85 -35.42
CA VAL A 898 -21.14 -1.83 -36.50
C VAL A 898 -20.42 -1.28 -37.74
N ASP A 899 -20.68 -0.01 -38.09
CA ASP A 899 -20.09 0.53 -39.31
C ASP A 899 -18.59 0.74 -39.16
N GLU A 900 -18.15 1.28 -38.01
CA GLU A 900 -16.72 1.31 -37.75
C GLU A 900 -16.14 -0.09 -37.72
N HIS A 901 -16.93 -1.08 -37.29
CA HIS A 901 -16.44 -2.44 -37.19
C HIS A 901 -16.13 -3.00 -38.57
N VAL A 902 -17.08 -2.86 -39.50
CA VAL A 902 -16.84 -3.36 -40.86
C VAL A 902 -15.76 -2.52 -41.55
N TRP A 903 -15.71 -1.22 -41.29
CA TRP A 903 -14.63 -0.39 -41.83
C TRP A 903 -13.27 -0.91 -41.39
N PHE A 904 -13.11 -1.12 -40.08
CA PHE A 904 -11.83 -1.60 -39.55
C PHE A 904 -11.47 -2.96 -40.10
N TYR A 905 -12.44 -3.88 -40.14
CA TYR A 905 -12.14 -5.24 -40.58
C TYR A 905 -12.04 -5.36 -42.09
N GLY A 906 -12.42 -4.34 -42.84
CA GLY A 906 -12.19 -4.33 -44.27
C GLY A 906 -10.87 -3.71 -44.64
N ARG A 907 -10.58 -2.53 -44.09
CA ARG A 907 -9.33 -1.84 -44.43
C ARG A 907 -8.11 -2.63 -43.99
N LEU A 908 -8.23 -3.52 -43.01
CA LEU A 908 -7.09 -4.30 -42.55
C LEU A 908 -6.76 -5.42 -43.51
N LYS A 909 -7.75 -5.97 -44.21
CA LYS A 909 -7.52 -7.12 -45.07
C LYS A 909 -6.81 -6.73 -46.36
N GLY A 910 -7.02 -5.51 -46.84
CA GLY A 910 -6.42 -5.08 -48.08
C GLY A 910 -7.38 -4.31 -48.96
N LEU A 911 -8.59 -4.09 -48.44
CA LEU A 911 -9.62 -3.36 -49.18
C LEU A 911 -9.20 -1.91 -49.38
N SER A 912 -9.68 -1.31 -50.46
CA SER A 912 -9.43 0.10 -50.72
C SER A 912 -10.51 0.95 -50.08
N ALA A 913 -10.16 2.21 -49.77
CA ALA A 913 -11.07 3.10 -49.07
C ALA A 913 -12.22 3.57 -49.95
N ALA A 914 -12.11 3.40 -51.27
CA ALA A 914 -13.15 3.90 -52.16
C ALA A 914 -14.33 2.94 -52.28
N VAL A 915 -14.06 1.64 -52.24
CA VAL A 915 -15.09 0.63 -52.52
C VAL A 915 -15.68 0.05 -51.24
N VAL A 916 -15.51 0.73 -50.11
CA VAL A 916 -16.02 0.18 -48.86
C VAL A 916 -17.51 0.45 -48.71
N GLY A 917 -18.03 1.45 -49.41
CA GLY A 917 -19.43 1.83 -49.30
C GLY A 917 -20.40 0.76 -49.78
N PRO A 918 -20.27 0.34 -51.04
CA PRO A 918 -21.16 -0.73 -51.54
C PRO A 918 -21.07 -2.03 -50.76
N GLU A 919 -19.86 -2.44 -50.37
CA GLU A 919 -19.70 -3.68 -49.62
C GLU A 919 -20.34 -3.57 -48.23
N GLN A 920 -20.10 -2.43 -47.56
CA GLN A 920 -20.75 -2.16 -46.29
C GLN A 920 -22.26 -2.23 -46.41
N ASP A 921 -22.83 -1.56 -47.42
CA ASP A 921 -24.28 -1.55 -47.58
C ASP A 921 -24.80 -2.95 -47.88
N ARG A 922 -24.07 -3.71 -48.70
CA ARG A 922 -24.48 -5.07 -49.02
C ARG A 922 -24.60 -5.92 -47.76
N LEU A 923 -23.54 -5.94 -46.93
CA LEU A 923 -23.60 -6.77 -45.73
C LEU A 923 -24.63 -6.25 -44.74
N LEU A 924 -24.75 -4.92 -44.59
CA LEU A 924 -25.72 -4.38 -43.64
C LEU A 924 -27.14 -4.71 -44.05
N GLN A 925 -27.45 -4.64 -45.34
CA GLN A 925 -28.78 -5.04 -45.81
C GLN A 925 -28.98 -6.55 -45.64
N ASP A 926 -27.93 -7.33 -45.91
CA ASP A 926 -28.06 -8.78 -45.81
C ASP A 926 -28.36 -9.22 -44.38
N VAL A 927 -27.68 -8.64 -43.41
CA VAL A 927 -27.87 -9.06 -42.01
C VAL A 927 -29.08 -8.43 -41.35
N GLY A 928 -29.74 -7.49 -42.02
CA GLY A 928 -30.89 -6.82 -41.44
C GLY A 928 -30.56 -5.96 -40.25
N LEU A 929 -29.40 -5.29 -40.26
CA LEU A 929 -28.99 -4.37 -39.21
C LEU A 929 -29.07 -2.91 -39.66
N VAL A 930 -29.78 -2.64 -40.75
CA VAL A 930 -29.82 -1.29 -41.30
C VAL A 930 -30.47 -0.32 -40.32
N SER A 931 -31.35 -0.81 -39.45
CA SER A 931 -31.89 0.05 -38.40
C SER A 931 -30.86 0.30 -37.30
N LYS A 932 -30.13 -0.75 -36.90
CA LYS A 932 -29.22 -0.63 -35.77
C LYS A 932 -28.07 0.32 -36.07
N GLN A 933 -27.55 0.29 -37.31
CA GLN A 933 -26.50 1.23 -37.68
C GLN A 933 -26.99 2.68 -37.58
N SER A 934 -28.29 2.91 -37.58
CA SER A 934 -28.81 4.24 -37.32
C SER A 934 -28.45 4.71 -35.91
N VAL A 935 -28.57 3.82 -34.92
CA VAL A 935 -28.28 4.19 -33.55
C VAL A 935 -26.84 3.89 -33.15
N GLN A 936 -26.12 3.10 -33.94
CA GLN A 936 -24.68 2.89 -33.77
C GLN A 936 -24.33 2.38 -32.37
N THR A 937 -24.79 1.16 -32.10
CA THR A 937 -24.57 0.53 -30.80
C THR A 937 -23.92 -0.83 -30.97
N ARG A 938 -23.13 -1.22 -29.98
CA ARG A 938 -22.56 -2.56 -29.96
C ARG A 938 -22.85 -3.32 -28.66
N HIS A 939 -22.91 -2.63 -27.53
CA HIS A 939 -23.24 -3.31 -26.28
C HIS A 939 -24.72 -3.25 -25.94
N LEU A 940 -25.51 -2.50 -26.71
CA LEU A 940 -26.95 -2.52 -26.52
C LEU A 940 -27.59 -3.78 -27.09
N SER A 941 -26.99 -4.37 -28.12
CA SER A 941 -27.53 -5.54 -28.79
C SER A 941 -26.75 -6.78 -28.39
N GLY A 942 -27.45 -7.85 -28.07
CA GLY A 942 -26.83 -9.08 -27.65
C GLY A 942 -27.48 -10.28 -28.32
N GLY A 943 -26.76 -11.39 -28.32
CA GLY A 943 -27.23 -12.61 -28.98
C GLY A 943 -27.14 -12.57 -30.49
N MET A 944 -27.61 -11.47 -31.09
CA MET A 944 -27.47 -11.25 -32.52
C MET A 944 -26.02 -10.98 -32.92
N GLN A 945 -25.16 -10.65 -31.95
CA GLN A 945 -23.78 -10.27 -32.25
C GLN A 945 -23.04 -11.40 -32.95
N ARG A 946 -23.28 -12.65 -32.54
CA ARG A 946 -22.66 -13.78 -33.23
C ARG A 946 -22.96 -13.73 -34.72
N LYS A 947 -24.21 -13.43 -35.08
CA LYS A 947 -24.56 -13.27 -36.49
C LYS A 947 -23.61 -12.28 -37.16
N LEU A 948 -23.42 -11.11 -36.55
CA LEU A 948 -22.51 -10.12 -37.11
C LEU A 948 -21.13 -10.71 -37.29
N SER A 949 -20.63 -11.45 -36.29
CA SER A 949 -19.31 -12.05 -36.42
C SER A 949 -19.23 -12.93 -37.66
N VAL A 950 -20.29 -13.71 -37.92
CA VAL A 950 -20.30 -14.57 -39.09
C VAL A 950 -20.18 -13.73 -40.35
N ALA A 951 -20.91 -12.61 -40.41
CA ALA A 951 -20.84 -11.74 -41.58
C ALA A 951 -19.43 -11.22 -41.79
N ILE A 952 -18.66 -11.06 -40.70
CA ILE A 952 -17.29 -10.56 -40.84
C ILE A 952 -16.44 -11.55 -41.63
N ALA A 953 -16.74 -12.85 -41.54
CA ALA A 953 -16.01 -13.83 -42.32
C ALA A 953 -16.24 -13.65 -43.82
N PHE A 954 -17.27 -12.92 -44.22
CA PHE A 954 -17.64 -12.72 -45.61
C PHE A 954 -17.50 -11.25 -46.01
N VAL A 955 -16.41 -10.61 -45.59
CA VAL A 955 -16.18 -9.21 -45.90
C VAL A 955 -15.18 -9.00 -47.02
N GLY A 956 -14.23 -9.92 -47.21
CA GLY A 956 -13.28 -9.84 -48.28
C GLY A 956 -13.67 -10.56 -49.54
N GLY A 957 -14.83 -11.23 -49.56
CA GLY A 957 -15.20 -12.04 -50.70
C GLY A 957 -14.23 -13.19 -50.94
N SER A 958 -13.61 -13.70 -49.89
CA SER A 958 -12.59 -14.72 -50.03
C SER A 958 -13.19 -16.02 -50.55
N GLN A 959 -12.42 -16.72 -51.38
CA GLN A 959 -12.89 -17.98 -51.95
C GLN A 959 -13.07 -19.03 -50.87
N VAL A 960 -12.11 -19.15 -49.95
CA VAL A 960 -12.17 -20.15 -48.89
C VAL A 960 -12.53 -19.45 -47.58
N VAL A 961 -13.52 -20.01 -46.88
CA VAL A 961 -13.98 -19.48 -45.60
C VAL A 961 -14.03 -20.63 -44.60
N ILE A 962 -13.42 -20.43 -43.45
CA ILE A 962 -13.37 -21.44 -42.39
C ILE A 962 -14.14 -20.88 -41.20
N LEU A 963 -15.35 -21.37 -41.01
CA LEU A 963 -16.13 -21.06 -39.83
C LEU A 963 -15.87 -22.09 -38.74
N ASP A 964 -16.34 -21.80 -37.53
CA ASP A 964 -16.13 -22.71 -36.40
C ASP A 964 -17.34 -22.57 -35.47
N GLU A 965 -18.28 -23.51 -35.61
CA GLU A 965 -19.49 -23.54 -34.81
C GLU A 965 -20.24 -22.21 -34.90
N PRO A 966 -20.81 -21.88 -36.05
CA PRO A 966 -21.59 -20.64 -36.15
C PRO A 966 -22.83 -20.62 -35.27
N THR A 967 -23.26 -21.78 -34.77
CA THR A 967 -24.37 -21.90 -33.85
C THR A 967 -23.90 -22.55 -32.54
N ALA A 968 -22.77 -22.09 -32.03
CA ALA A 968 -22.17 -22.70 -30.85
C ALA A 968 -23.06 -22.52 -29.63
N GLY A 969 -23.54 -21.31 -29.39
CA GLY A 969 -24.31 -21.04 -28.19
C GLY A 969 -25.51 -20.14 -28.42
N VAL A 970 -25.75 -19.76 -29.67
CA VAL A 970 -26.90 -18.92 -29.99
C VAL A 970 -28.18 -19.72 -29.76
N ASP A 971 -29.24 -19.00 -29.38
CA ASP A 971 -30.51 -19.66 -29.11
C ASP A 971 -31.09 -20.25 -30.38
N PRO A 972 -31.71 -21.43 -30.32
CA PRO A 972 -32.27 -22.05 -31.52
C PRO A 972 -33.27 -21.17 -32.25
N ALA A 973 -33.96 -20.29 -31.52
CA ALA A 973 -34.98 -19.42 -32.13
C ALA A 973 -34.38 -18.43 -33.12
N SER A 974 -33.06 -18.24 -33.12
CA SER A 974 -32.41 -17.30 -34.03
C SER A 974 -31.40 -17.95 -34.95
N ARG A 975 -31.30 -19.28 -34.97
CA ARG A 975 -30.40 -19.93 -35.91
C ARG A 975 -30.92 -19.85 -37.35
N ARG A 976 -32.20 -19.52 -37.53
CA ARG A 976 -32.76 -19.47 -38.87
C ARG A 976 -32.10 -18.38 -39.72
N GLY A 977 -31.84 -17.22 -39.12
CA GLY A 977 -31.17 -16.16 -39.87
C GLY A 977 -29.76 -16.55 -40.29
N ILE A 978 -29.01 -17.18 -39.37
CA ILE A 978 -27.67 -17.63 -39.71
C ILE A 978 -27.72 -18.68 -40.81
N TRP A 979 -28.69 -19.59 -40.74
CA TRP A 979 -28.84 -20.58 -41.80
C TRP A 979 -29.13 -19.93 -43.14
N GLU A 980 -30.02 -18.94 -43.15
CA GLU A 980 -30.36 -18.25 -44.39
C GLU A 980 -29.16 -17.53 -44.99
N LEU A 981 -28.40 -16.82 -44.15
CA LEU A 981 -27.22 -16.13 -44.67
C LEU A 981 -26.16 -17.11 -45.17
N LEU A 982 -25.93 -18.20 -44.44
CA LEU A 982 -24.88 -19.12 -44.86
C LEU A 982 -25.27 -19.83 -46.15
N LEU A 983 -26.57 -20.12 -46.34
CA LEU A 983 -27.01 -20.69 -47.60
C LEU A 983 -27.02 -19.65 -48.71
N LYS A 984 -27.14 -18.37 -48.36
CA LYS A 984 -27.12 -17.31 -49.37
C LYS A 984 -25.75 -17.25 -50.04
N TYR A 985 -24.67 -17.42 -49.27
CA TYR A 985 -23.31 -17.38 -49.79
C TYR A 985 -22.75 -18.78 -50.02
N ARG A 986 -23.60 -19.74 -50.39
CA ARG A 986 -23.17 -21.12 -50.54
C ARG A 986 -22.57 -21.43 -51.90
N GLU A 987 -22.61 -20.49 -52.84
CA GLU A 987 -22.16 -20.75 -54.21
C GLU A 987 -20.75 -20.21 -54.41
N GLY A 988 -19.96 -20.93 -55.18
CA GLY A 988 -18.61 -20.50 -55.50
C GLY A 988 -17.64 -20.69 -54.36
N ARG A 989 -17.90 -20.03 -53.23
CA ARG A 989 -16.97 -20.08 -52.10
C ARG A 989 -16.89 -21.50 -51.54
N THR A 990 -15.67 -21.94 -51.25
CA THR A 990 -15.48 -23.13 -50.43
C THR A 990 -15.71 -22.74 -48.97
N LEU A 991 -16.56 -23.49 -48.28
CA LEU A 991 -16.87 -23.25 -46.88
C LEU A 991 -16.57 -24.50 -46.07
N ILE A 992 -15.87 -24.33 -44.96
CA ILE A 992 -15.57 -25.43 -44.06
C ILE A 992 -16.00 -25.01 -42.66
N LEU A 993 -16.96 -25.73 -42.09
CA LEU A 993 -17.42 -25.44 -40.74
C LEU A 993 -17.41 -26.71 -39.91
N SER A 994 -17.75 -26.56 -38.63
CA SER A 994 -17.76 -27.68 -37.70
C SER A 994 -18.84 -27.43 -36.67
N THR A 995 -19.64 -28.45 -36.38
CA THR A 995 -20.70 -28.36 -35.40
C THR A 995 -20.66 -29.57 -34.48
N HIS A 996 -21.11 -29.37 -33.24
CA HIS A 996 -21.19 -30.45 -32.26
C HIS A 996 -22.40 -31.35 -32.52
N HIS A 997 -23.46 -30.80 -33.10
CA HIS A 997 -24.72 -31.52 -33.28
C HIS A 997 -24.60 -32.54 -34.41
N LEU A 998 -25.71 -33.25 -34.64
CA LEU A 998 -25.85 -34.17 -35.75
C LEU A 998 -26.94 -33.77 -36.72
N ASP A 999 -27.92 -32.97 -36.28
CA ASP A 999 -28.94 -32.48 -37.20
C ASP A 999 -28.43 -31.35 -38.07
N GLU A 1000 -27.50 -30.53 -37.55
CA GLU A 1000 -27.00 -29.40 -38.30
C GLU A 1000 -26.05 -29.81 -39.42
N ALA A 1001 -25.36 -30.93 -39.27
CA ALA A 1001 -24.38 -31.36 -40.27
C ALA A 1001 -25.01 -31.88 -41.55
N GLU A 1002 -26.33 -32.05 -41.59
CA GLU A 1002 -27.00 -32.55 -42.78
C GLU A 1002 -27.99 -31.57 -43.39
N LEU A 1003 -28.46 -30.58 -42.63
CA LEU A 1003 -29.33 -29.57 -43.23
C LEU A 1003 -28.55 -28.66 -44.18
N LEU A 1004 -27.41 -28.16 -43.74
CA LEU A 1004 -26.58 -27.26 -44.53
C LEU A 1004 -25.47 -27.97 -45.29
N GLY A 1005 -24.80 -28.93 -44.65
CA GLY A 1005 -23.67 -29.61 -45.25
C GLY A 1005 -24.00 -30.41 -46.50
N ASP A 1006 -23.18 -30.25 -47.53
CA ASP A 1006 -23.24 -31.09 -48.71
C ASP A 1006 -22.37 -32.33 -48.58
N ARG A 1007 -21.56 -32.42 -47.53
CA ARG A 1007 -20.76 -33.60 -47.25
C ARG A 1007 -20.47 -33.64 -45.76
N VAL A 1008 -20.07 -34.82 -45.28
CA VAL A 1008 -19.78 -35.04 -43.87
C VAL A 1008 -18.59 -35.98 -43.75
N ALA A 1009 -17.68 -35.67 -42.83
CA ALA A 1009 -16.61 -36.56 -42.44
C ALA A 1009 -16.58 -36.63 -40.92
N VAL A 1010 -16.40 -37.83 -40.38
CA VAL A 1010 -16.49 -38.06 -38.94
C VAL A 1010 -15.08 -38.12 -38.36
N VAL A 1011 -14.84 -37.33 -37.32
CA VAL A 1011 -13.56 -37.32 -36.62
C VAL A 1011 -13.82 -37.53 -35.13
N ALA A 1012 -13.09 -38.45 -34.52
CA ALA A 1012 -13.25 -38.76 -33.12
C ALA A 1012 -11.93 -39.28 -32.57
N GLY A 1013 -11.62 -38.90 -31.33
CA GLY A 1013 -10.35 -39.27 -30.74
C GLY A 1013 -9.15 -38.71 -31.47
N GLY A 1014 -9.27 -37.51 -32.03
CA GLY A 1014 -8.17 -36.90 -32.77
C GLY A 1014 -7.77 -37.67 -34.01
N ARG A 1015 -8.75 -38.21 -34.74
CA ARG A 1015 -8.47 -38.98 -35.95
C ARG A 1015 -9.74 -39.10 -36.76
N LEU A 1016 -9.58 -39.12 -38.09
CA LEU A 1016 -10.71 -39.31 -39.00
C LEU A 1016 -11.07 -40.79 -39.07
N CYS A 1017 -12.37 -41.08 -39.15
CA CYS A 1017 -12.85 -42.45 -39.21
C CYS A 1017 -13.59 -42.78 -40.49
N CYS A 1018 -14.51 -41.92 -40.93
CA CYS A 1018 -15.24 -42.15 -42.16
C CYS A 1018 -15.63 -40.82 -42.78
N CYS A 1019 -15.91 -40.85 -44.08
CA CYS A 1019 -16.28 -39.64 -44.81
C CYS A 1019 -17.20 -40.00 -45.95
N GLY A 1020 -17.97 -39.02 -46.39
CA GLY A 1020 -18.91 -39.21 -47.48
C GLY A 1020 -20.00 -38.16 -47.48
N SER A 1021 -21.20 -38.59 -47.86
CA SER A 1021 -22.38 -37.77 -47.95
C SER A 1021 -23.52 -38.44 -47.19
N PRO A 1022 -24.49 -37.68 -46.67
CA PRO A 1022 -25.54 -38.31 -45.84
C PRO A 1022 -26.26 -39.45 -46.53
N LEU A 1023 -26.55 -39.31 -47.82
CA LEU A 1023 -27.20 -40.40 -48.56
C LEU A 1023 -26.32 -41.65 -48.58
N PHE A 1024 -25.06 -41.49 -48.96
CA PHE A 1024 -24.16 -42.63 -49.02
C PHE A 1024 -23.95 -43.24 -47.64
N LEU A 1025 -23.87 -42.41 -46.61
CA LEU A 1025 -23.73 -42.93 -45.25
C LEU A 1025 -24.94 -43.75 -44.85
N ARG A 1026 -26.14 -43.30 -45.21
CA ARG A 1026 -27.35 -44.04 -44.89
C ARG A 1026 -27.55 -45.26 -45.80
N ARG A 1027 -26.83 -45.33 -46.91
CA ARG A 1027 -26.95 -46.46 -47.83
C ARG A 1027 -25.98 -47.60 -47.53
N HIS A 1028 -25.09 -47.43 -46.55
CA HIS A 1028 -24.10 -48.45 -46.19
C HIS A 1028 -24.28 -48.80 -44.72
N LEU A 1029 -25.09 -49.84 -44.46
CA LEU A 1029 -25.36 -50.30 -43.12
C LEU A 1029 -25.40 -51.82 -43.09
N GLY A 1030 -25.17 -52.38 -41.90
CA GLY A 1030 -25.37 -53.81 -41.72
C GLY A 1030 -26.83 -54.20 -41.79
N SER A 1031 -27.71 -53.37 -41.23
CA SER A 1031 -29.14 -53.62 -41.23
C SER A 1031 -29.79 -52.89 -42.41
N GLY A 1032 -31.12 -52.98 -42.47
CA GLY A 1032 -31.84 -52.41 -43.60
C GLY A 1032 -32.90 -51.41 -43.22
N TYR A 1033 -34.14 -51.65 -43.67
CA TYR A 1033 -35.24 -50.70 -43.53
C TYR A 1033 -36.32 -51.38 -42.70
N TYR A 1034 -36.57 -50.85 -41.50
CA TYR A 1034 -37.29 -51.61 -40.48
C TYR A 1034 -38.80 -51.54 -40.71
N LEU A 1035 -39.49 -52.62 -40.36
CA LEU A 1035 -40.95 -52.66 -40.40
C LEU A 1035 -41.45 -53.45 -39.20
N THR A 1036 -42.22 -52.82 -38.33
CA THR A 1036 -42.73 -53.45 -37.12
C THR A 1036 -44.24 -53.59 -37.18
N LEU A 1037 -44.73 -54.72 -36.68
CA LEU A 1037 -46.15 -55.01 -36.58
C LEU A 1037 -46.48 -55.38 -35.14
N VAL A 1038 -47.60 -54.84 -34.64
CA VAL A 1038 -48.04 -55.10 -33.28
C VAL A 1038 -49.29 -55.97 -33.32
N LYS A 1039 -49.68 -56.46 -32.15
CA LYS A 1039 -50.85 -57.32 -32.00
C LYS A 1039 -51.80 -56.70 -30.99
N ALA A 1040 -53.09 -56.80 -31.27
CA ALA A 1040 -54.12 -56.26 -30.38
C ALA A 1040 -54.25 -57.11 -29.12
N VAL A 1073 -53.21 -64.67 -39.64
CA VAL A 1073 -52.57 -64.61 -38.34
C VAL A 1073 -51.49 -65.67 -38.24
N GLY A 1074 -50.27 -65.24 -37.91
CA GLY A 1074 -49.16 -66.16 -37.78
C GLY A 1074 -47.88 -65.64 -38.43
N THR A 1075 -46.75 -65.84 -37.76
CA THR A 1075 -45.49 -65.37 -38.30
C THR A 1075 -45.10 -66.02 -39.63
N PRO A 1076 -45.18 -67.34 -39.82
CA PRO A 1076 -44.78 -67.89 -41.13
C PRO A 1076 -45.63 -67.40 -42.29
N GLN A 1077 -46.94 -67.23 -42.08
CA GLN A 1077 -47.80 -66.75 -43.15
C GLN A 1077 -47.44 -65.33 -43.56
N LEU A 1078 -47.22 -64.45 -42.57
CA LEU A 1078 -46.83 -63.08 -42.89
C LEU A 1078 -45.46 -63.03 -43.54
N LEU A 1079 -44.53 -63.89 -43.09
CA LEU A 1079 -43.22 -63.96 -43.71
C LEU A 1079 -43.32 -64.38 -45.16
N ALA A 1080 -44.14 -65.38 -45.45
CA ALA A 1080 -44.34 -65.83 -46.83
C ALA A 1080 -44.98 -64.74 -47.66
N LEU A 1081 -45.96 -64.03 -47.11
CA LEU A 1081 -46.60 -62.93 -47.83
C LEU A 1081 -45.60 -61.83 -48.16
N VAL A 1082 -44.76 -61.45 -47.19
CA VAL A 1082 -43.76 -60.42 -47.42
C VAL A 1082 -42.76 -60.87 -48.48
N GLN A 1083 -42.31 -62.13 -48.39
CA GLN A 1083 -41.36 -62.64 -49.38
C GLN A 1083 -41.99 -62.66 -50.77
N HIS A 1084 -43.27 -62.99 -50.86
CA HIS A 1084 -43.96 -62.94 -52.15
C HIS A 1084 -44.01 -61.52 -52.70
N TRP A 1085 -44.35 -60.55 -51.84
CA TRP A 1085 -44.45 -59.18 -52.32
C TRP A 1085 -43.08 -58.53 -52.51
N VAL A 1086 -42.07 -58.96 -51.77
CA VAL A 1086 -40.70 -58.47 -51.95
C VAL A 1086 -39.73 -59.58 -51.58
N PRO A 1087 -38.78 -59.93 -52.47
CA PRO A 1087 -37.91 -61.08 -52.18
C PRO A 1087 -37.02 -60.88 -50.97
N GLY A 1088 -36.37 -59.73 -50.87
CA GLY A 1088 -35.49 -59.47 -49.74
C GLY A 1088 -36.30 -59.33 -48.46
N ALA A 1089 -35.89 -60.05 -47.42
CA ALA A 1089 -36.54 -59.98 -46.11
C ALA A 1089 -35.64 -60.63 -45.09
N ARG A 1090 -35.43 -59.95 -43.96
CA ARG A 1090 -34.59 -60.47 -42.88
C ARG A 1090 -35.41 -60.51 -41.60
N LEU A 1091 -35.30 -61.62 -40.87
CA LEU A 1091 -35.99 -61.80 -39.59
C LEU A 1091 -35.01 -61.49 -38.47
N VAL A 1092 -35.17 -60.33 -37.85
CA VAL A 1092 -34.31 -59.89 -36.77
C VAL A 1092 -34.97 -60.05 -35.41
N GLU A 1093 -36.21 -59.59 -35.27
CA GLU A 1093 -36.94 -59.64 -34.02
C GLU A 1093 -38.16 -60.53 -34.20
N GLU A 1094 -38.38 -61.45 -33.25
CA GLU A 1094 -39.49 -62.40 -33.33
C GLU A 1094 -40.21 -62.57 -31.99
N LEU A 1095 -39.97 -61.69 -31.03
CA LEU A 1095 -40.62 -61.80 -29.73
C LEU A 1095 -42.11 -61.49 -29.85
N PRO A 1096 -42.93 -62.04 -28.95
CA PRO A 1096 -44.37 -61.75 -29.00
C PRO A 1096 -44.66 -60.29 -28.73
N HIS A 1097 -45.77 -59.81 -29.31
CA HIS A 1097 -46.34 -58.48 -29.23
C HIS A 1097 -45.61 -57.46 -30.12
N GLU A 1098 -44.52 -57.83 -30.78
CA GLU A 1098 -43.96 -56.97 -31.82
C GLU A 1098 -43.09 -57.82 -32.75
N LEU A 1099 -43.38 -57.75 -34.04
CA LEU A 1099 -42.62 -58.45 -35.06
C LEU A 1099 -41.92 -57.40 -35.92
N VAL A 1100 -40.59 -57.39 -35.88
CA VAL A 1100 -39.79 -56.42 -36.61
C VAL A 1100 -39.01 -57.16 -37.68
N LEU A 1101 -39.21 -56.76 -38.93
CA LEU A 1101 -38.52 -57.33 -40.08
C LEU A 1101 -37.68 -56.27 -40.75
N VAL A 1102 -36.68 -56.73 -41.52
CA VAL A 1102 -35.77 -55.86 -42.24
C VAL A 1102 -36.07 -56.00 -43.72
N LEU A 1103 -36.59 -54.94 -44.32
CA LEU A 1103 -36.76 -54.79 -45.76
C LEU A 1103 -35.41 -54.40 -46.39
N PRO A 1104 -35.11 -54.90 -47.58
CA PRO A 1104 -33.76 -54.76 -48.13
C PRO A 1104 -33.53 -53.36 -48.68
N TYR A 1105 -32.54 -52.66 -48.12
CA TYR A 1105 -32.11 -51.39 -48.70
C TYR A 1105 -31.40 -51.61 -50.04
N THR A 1106 -30.68 -52.73 -50.18
CA THR A 1106 -30.03 -53.06 -51.44
C THR A 1106 -31.10 -53.34 -52.50
N GLY A 1107 -31.12 -52.52 -53.54
CA GLY A 1107 -32.15 -52.65 -54.56
C GLY A 1107 -33.53 -52.31 -54.05
N ALA A 1108 -33.64 -51.48 -53.01
CA ALA A 1108 -34.94 -51.10 -52.48
C ALA A 1108 -35.74 -50.36 -53.55
N HIS A 1109 -37.00 -50.75 -53.69
CA HIS A 1109 -37.87 -50.19 -54.71
C HIS A 1109 -39.15 -49.69 -54.07
N ASP A 1110 -39.74 -48.65 -54.68
CA ASP A 1110 -41.00 -48.11 -54.19
C ASP A 1110 -42.19 -49.00 -54.56
N GLY A 1111 -42.14 -49.64 -55.72
CA GLY A 1111 -43.28 -50.43 -56.18
C GLY A 1111 -43.56 -51.64 -55.31
N SER A 1112 -42.50 -52.34 -54.88
CA SER A 1112 -42.69 -53.52 -54.04
C SER A 1112 -43.32 -53.14 -52.71
N PHE A 1113 -42.81 -52.06 -52.09
CA PHE A 1113 -43.37 -51.60 -50.82
C PHE A 1113 -44.82 -51.15 -51.00
N ALA A 1114 -45.10 -50.46 -52.10
CA ALA A 1114 -46.46 -50.00 -52.36
C ALA A 1114 -47.42 -51.17 -52.52
N THR A 1115 -47.02 -52.19 -53.28
CA THR A 1115 -47.87 -53.36 -53.47
C THR A 1115 -48.08 -54.10 -52.15
N LEU A 1116 -47.03 -54.27 -51.36
CA LEU A 1116 -47.15 -54.94 -50.08
C LEU A 1116 -48.11 -54.19 -49.16
N PHE A 1117 -47.97 -52.86 -49.10
CA PHE A 1117 -48.85 -52.07 -48.23
C PHE A 1117 -50.29 -52.13 -48.72
N ARG A 1118 -50.50 -52.06 -50.04
CA ARG A 1118 -51.86 -52.13 -50.57
C ARG A 1118 -52.50 -53.47 -50.26
N GLU A 1119 -51.75 -54.56 -50.38
CA GLU A 1119 -52.30 -55.87 -50.04
C GLU A 1119 -52.59 -55.98 -48.54
N LEU A 1120 -51.69 -55.45 -47.70
CA LEU A 1120 -51.89 -55.52 -46.25
C LEU A 1120 -53.03 -54.63 -45.77
N ASP A 1121 -53.39 -53.61 -46.54
CA ASP A 1121 -54.48 -52.73 -46.13
C ASP A 1121 -55.80 -53.49 -46.01
N THR A 1122 -56.11 -54.35 -46.98
CA THR A 1122 -57.41 -55.01 -46.98
C THR A 1122 -57.50 -56.09 -45.90
N ARG A 1123 -56.39 -56.81 -45.66
CA ARG A 1123 -56.38 -57.94 -44.75
C ARG A 1123 -56.05 -57.55 -43.31
N LEU A 1124 -56.31 -56.30 -42.94
CA LEU A 1124 -55.97 -55.86 -41.58
C LEU A 1124 -56.86 -56.53 -40.53
N ALA A 1125 -58.16 -56.63 -40.80
CA ALA A 1125 -59.08 -57.16 -39.81
C ALA A 1125 -58.81 -58.63 -39.51
N GLU A 1126 -58.55 -59.43 -40.55
CA GLU A 1126 -58.30 -60.86 -40.34
C GLU A 1126 -56.99 -61.08 -39.59
N LEU A 1127 -55.95 -60.32 -39.93
CA LEU A 1127 -54.63 -60.55 -39.36
C LEU A 1127 -54.51 -60.06 -37.92
N ARG A 1128 -55.49 -59.29 -37.43
CA ARG A 1128 -55.54 -58.82 -36.05
C ARG A 1128 -54.34 -57.94 -35.69
N LEU A 1129 -53.61 -57.43 -36.68
CA LEU A 1129 -52.46 -56.58 -36.40
C LEU A 1129 -52.91 -55.22 -35.87
N THR A 1130 -53.89 -54.60 -36.53
CA THR A 1130 -54.46 -53.31 -36.12
C THR A 1130 -53.37 -52.24 -35.98
N GLY A 1131 -52.43 -52.23 -36.92
CA GLY A 1131 -51.40 -51.21 -36.92
C GLY A 1131 -50.06 -51.67 -37.44
N TYR A 1132 -49.42 -50.84 -38.25
CA TYR A 1132 -48.08 -51.10 -38.77
C TYR A 1132 -47.23 -49.86 -38.62
N GLY A 1133 -45.92 -50.07 -38.40
CA GLY A 1133 -45.00 -48.96 -38.27
C GLY A 1133 -43.74 -49.14 -39.09
N ILE A 1134 -43.50 -48.23 -40.02
CA ILE A 1134 -42.31 -48.32 -40.84
C ILE A 1134 -41.21 -47.52 -40.18
N SER A 1135 -39.96 -47.80 -40.54
CA SER A 1135 -38.83 -47.13 -39.91
C SER A 1135 -37.67 -47.03 -40.89
N ASP A 1136 -37.15 -45.82 -41.06
CA ASP A 1136 -35.94 -45.59 -41.86
C ASP A 1136 -34.79 -45.28 -40.91
N THR A 1137 -33.66 -45.92 -41.14
CA THR A 1137 -32.49 -45.69 -40.30
C THR A 1137 -32.06 -44.23 -40.38
N SER A 1138 -31.66 -43.68 -39.24
CA SER A 1138 -31.33 -42.27 -39.12
C SER A 1138 -29.84 -42.09 -38.87
N LEU A 1139 -29.42 -40.82 -38.77
CA LEU A 1139 -28.01 -40.49 -38.67
C LEU A 1139 -27.43 -40.75 -37.29
N GLU A 1140 -28.26 -40.71 -36.25
CA GLU A 1140 -27.75 -40.83 -34.88
C GLU A 1140 -27.13 -42.20 -34.65
N GLU A 1141 -27.84 -43.27 -35.01
CA GLU A 1141 -27.36 -44.61 -34.69
C GLU A 1141 -26.17 -44.98 -35.56
N ILE A 1142 -26.15 -44.55 -36.82
CA ILE A 1142 -24.98 -44.82 -37.66
C ILE A 1142 -23.77 -44.04 -37.15
N PHE A 1143 -23.99 -42.80 -36.68
CA PHE A 1143 -22.89 -42.03 -36.12
C PHE A 1143 -22.32 -42.73 -34.89
N LEU A 1144 -23.20 -43.19 -34.00
CA LEU A 1144 -22.72 -43.94 -32.83
C LEU A 1144 -21.93 -45.17 -33.28
N LYS A 1145 -22.56 -46.01 -34.13
CA LYS A 1145 -21.93 -47.26 -34.53
C LYS A 1145 -20.56 -47.02 -35.13
N VAL A 1146 -20.40 -45.99 -35.95
CA VAL A 1146 -19.09 -45.72 -36.51
C VAL A 1146 -18.13 -45.21 -35.43
N VAL A 1147 -18.64 -44.48 -34.43
CA VAL A 1147 -17.74 -44.02 -33.36
C VAL A 1147 -17.16 -45.20 -32.58
N GLU A 1148 -18.02 -46.12 -32.13
CA GLU A 1148 -17.46 -47.28 -31.42
C GLU A 1148 -16.72 -48.24 -32.34
N GLU A 1149 -17.05 -48.31 -33.63
CA GLU A 1149 -16.26 -49.12 -34.55
C GLU A 1149 -14.85 -48.56 -34.69
N CYS A 1150 -14.74 -47.23 -34.81
CA CYS A 1150 -13.44 -46.59 -34.86
C CYS A 1150 -12.68 -46.80 -33.57
N ALA A 1151 -13.38 -46.71 -32.43
CA ALA A 1151 -12.73 -46.93 -31.14
C ALA A 1151 -12.19 -48.35 -31.04
N ALA A 1152 -12.96 -49.34 -31.48
CA ALA A 1152 -12.50 -50.72 -31.45
C ALA A 1152 -11.33 -50.94 -32.41
N ASP A 1153 -11.37 -50.30 -33.58
CA ASP A 1153 -10.29 -50.44 -34.54
C ASP A 1153 -8.99 -49.83 -34.02
N THR A 1154 -9.09 -48.72 -33.29
CA THR A 1154 -7.90 -48.11 -32.72
C THR A 1154 -7.22 -49.03 -31.72
N ASP A 1155 -8.02 -49.70 -30.89
CA ASP A 1155 -7.48 -50.63 -29.90
C ASP A 1155 -7.23 -52.01 -30.53
N TRP A 1214 -37.53 -27.67 24.11
CA TRP A 1214 -36.27 -26.95 24.26
C TRP A 1214 -35.07 -27.86 24.02
N ALA A 1215 -35.27 -29.16 24.25
CA ALA A 1215 -34.19 -30.12 24.02
C ALA A 1215 -33.80 -30.19 22.55
N LEU A 1216 -34.75 -29.89 21.65
CA LEU A 1216 -34.43 -29.85 20.23
C LEU A 1216 -33.39 -28.78 19.93
N THR A 1217 -33.53 -27.60 20.55
CA THR A 1217 -32.53 -26.55 20.36
C THR A 1217 -31.18 -26.96 20.92
N ARG A 1218 -31.18 -27.64 22.07
CA ARG A 1218 -29.92 -28.12 22.64
C ARG A 1218 -29.23 -29.09 21.70
N GLN A 1219 -29.98 -30.04 21.14
CA GLN A 1219 -29.39 -30.97 20.18
C GLN A 1219 -28.93 -30.26 18.93
N GLN A 1220 -29.66 -29.23 18.50
CA GLN A 1220 -29.27 -28.47 17.31
C GLN A 1220 -27.94 -27.76 17.53
N LEU A 1221 -27.79 -27.07 18.66
CA LEU A 1221 -26.52 -26.43 18.97
C LEU A 1221 -25.41 -27.46 19.13
N GLN A 1222 -25.70 -28.61 19.75
CA GLN A 1222 -24.70 -29.65 19.86
C GLN A 1222 -24.22 -30.10 18.49
N ALA A 1223 -25.16 -30.34 17.56
CA ALA A 1223 -24.79 -30.77 16.23
C ALA A 1223 -23.99 -29.72 15.49
N LEU A 1224 -24.38 -28.44 15.63
CA LEU A 1224 -23.64 -27.38 14.96
C LEU A 1224 -22.22 -27.26 15.50
N LEU A 1225 -22.06 -27.35 16.82
CA LEU A 1225 -20.73 -27.28 17.39
C LEU A 1225 -19.89 -28.48 16.95
N LEU A 1226 -20.48 -29.67 16.90
CA LEU A 1226 -19.75 -30.83 16.40
C LEU A 1226 -19.34 -30.66 14.94
N LYS A 1227 -20.22 -30.13 14.11
CA LYS A 1227 -19.86 -29.97 12.70
C LYS A 1227 -18.77 -28.92 12.54
N ARG A 1228 -18.80 -27.86 13.35
CA ARG A 1228 -17.72 -26.88 13.31
C ARG A 1228 -16.40 -27.50 13.78
N PHE A 1229 -16.46 -28.32 14.83
CA PHE A 1229 -15.25 -28.98 15.32
C PHE A 1229 -14.65 -29.91 14.28
N LEU A 1230 -15.50 -30.70 13.62
CA LEU A 1230 -15.03 -31.57 12.55
C LEU A 1230 -14.52 -30.77 11.35
N LEU A 1231 -15.15 -29.63 11.05
CA LEU A 1231 -14.66 -28.77 9.99
C LEU A 1231 -13.26 -28.26 10.30
N ALA A 1232 -13.03 -27.84 11.55
CA ALA A 1232 -11.68 -27.42 11.95
C ALA A 1232 -10.69 -28.58 11.89
N ARG A 1233 -11.12 -29.77 12.32
CA ARG A 1233 -10.24 -30.92 12.34
C ARG A 1233 -9.94 -31.45 10.94
N ARG A 1234 -10.78 -31.12 9.94
CA ARG A 1234 -10.49 -31.53 8.58
C ARG A 1234 -9.28 -30.77 8.02
N SER A 1235 -9.19 -29.48 8.32
CA SER A 1235 -8.07 -28.64 7.90
C SER A 1235 -7.33 -28.22 9.17
N ARG A 1236 -6.39 -29.08 9.60
CA ARG A 1236 -5.64 -28.81 10.81
C ARG A 1236 -4.34 -28.05 10.56
N ARG A 1237 -3.67 -28.33 9.45
CA ARG A 1237 -2.38 -27.67 9.17
C ARG A 1237 -2.56 -26.17 8.96
N GLY A 1238 -3.58 -25.78 8.18
CA GLY A 1238 -3.81 -24.37 7.93
C GLY A 1238 -4.17 -23.61 9.19
N LEU A 1239 -5.09 -24.14 9.99
CA LEU A 1239 -5.48 -23.47 11.22
C LEU A 1239 -4.34 -23.45 12.21
N PHE A 1240 -3.53 -24.50 12.25
CA PHE A 1240 -2.35 -24.52 13.12
C PHE A 1240 -1.37 -23.41 12.72
N ALA A 1241 -1.05 -23.31 11.43
CA ALA A 1241 -0.15 -22.27 10.97
C ALA A 1241 -0.75 -20.87 11.10
N GLN A 1242 -2.08 -20.77 11.17
CA GLN A 1242 -2.73 -19.48 11.34
C GLN A 1242 -2.87 -19.06 12.81
N ILE A 1243 -2.85 -20.02 13.73
CA ILE A 1243 -3.08 -19.74 15.15
C ILE A 1243 -1.78 -19.79 15.95
N VAL A 1244 -1.06 -20.92 15.90
CA VAL A 1244 0.10 -21.10 16.76
C VAL A 1244 1.24 -20.19 16.34
N LEU A 1245 1.38 -19.96 15.02
CA LEU A 1245 2.55 -19.23 14.52
C LEU A 1245 2.68 -17.81 15.06
N PRO A 1246 1.62 -16.99 15.13
CA PRO A 1246 1.78 -15.65 15.73
C PRO A 1246 2.26 -15.69 17.17
N ALA A 1247 1.86 -16.70 17.95
CA ALA A 1247 2.33 -16.82 19.31
C ALA A 1247 3.84 -17.07 19.37
N LEU A 1248 4.34 -17.97 18.51
CA LEU A 1248 5.77 -18.20 18.44
C LEU A 1248 6.51 -16.97 17.95
N PHE A 1249 5.89 -16.22 17.04
CA PHE A 1249 6.47 -14.97 16.57
C PHE A 1249 6.64 -13.98 17.72
N VAL A 1250 5.60 -13.82 18.55
CA VAL A 1250 5.67 -12.91 19.68
C VAL A 1250 6.72 -13.39 20.68
N GLY A 1251 6.77 -14.71 20.92
CA GLY A 1251 7.76 -15.24 21.84
C GLY A 1251 9.18 -15.00 21.37
N LEU A 1252 9.45 -15.21 20.08
CA LEU A 1252 10.78 -14.95 19.53
C LEU A 1252 11.11 -13.46 19.59
N ALA A 1253 10.11 -12.60 19.34
CA ALA A 1253 10.34 -11.16 19.42
C ALA A 1253 10.72 -10.76 20.84
N LEU A 1254 10.03 -11.32 21.84
CA LEU A 1254 10.40 -11.05 23.23
C LEU A 1254 11.78 -11.58 23.57
N VAL A 1255 12.12 -12.77 23.04
CA VAL A 1255 13.44 -13.35 23.31
C VAL A 1255 14.54 -12.46 22.75
N PHE A 1256 14.37 -11.98 21.51
CA PHE A 1256 15.41 -11.19 20.87
C PHE A 1256 15.44 -9.74 21.34
N SER A 1257 14.46 -9.31 22.14
CA SER A 1257 14.41 -7.94 22.64
C SER A 1257 15.02 -7.79 24.03
N LEU A 1258 16.02 -8.62 24.35
CA LEU A 1258 16.67 -8.61 25.65
C LEU A 1258 17.98 -7.85 25.64
N ILE A 1259 18.07 -6.76 24.88
CA ILE A 1259 19.25 -5.92 24.87
C ILE A 1259 18.95 -4.66 25.67
N VAL A 1260 19.99 -3.89 25.97
CA VAL A 1260 19.82 -2.66 26.75
C VAL A 1260 19.01 -1.65 25.95
N PRO A 1261 17.96 -1.06 26.52
CA PRO A 1261 17.13 -0.12 25.76
C PRO A 1261 17.71 1.29 25.81
N PRO A 1262 18.09 1.84 24.65
CA PRO A 1262 18.47 3.26 24.61
C PRO A 1262 17.25 4.15 24.42
N PHE A 1263 16.95 5.01 25.40
CA PHE A 1263 15.78 5.86 25.34
C PHE A 1263 16.08 7.35 25.41
N GLY A 1264 17.32 7.73 25.72
CA GLY A 1264 17.66 9.13 25.80
C GLY A 1264 18.16 9.56 27.16
N HIS A 1265 18.75 8.62 27.91
CA HIS A 1265 19.30 8.93 29.21
C HIS A 1265 20.52 9.85 29.08
N TYR A 1266 20.92 10.45 30.19
CA TYR A 1266 22.02 11.42 30.19
C TYR A 1266 23.22 10.80 30.89
N PRO A 1267 24.17 10.22 30.15
CA PRO A 1267 25.34 9.60 30.80
C PRO A 1267 26.34 10.62 31.31
N ALA A 1268 27.48 10.15 31.80
CA ALA A 1268 28.57 11.01 32.22
C ALA A 1268 29.47 11.29 31.04
N LEU A 1269 29.63 12.57 30.70
CA LEU A 1269 30.39 13.00 29.53
C LEU A 1269 31.63 13.75 29.97
N ARG A 1270 32.78 13.37 29.41
CA ARG A 1270 34.04 14.05 29.69
C ARG A 1270 34.18 15.23 28.75
N LEU A 1271 34.01 16.43 29.28
CA LEU A 1271 33.96 17.65 28.47
C LEU A 1271 35.38 18.11 28.18
N SER A 1272 35.90 17.72 27.03
CA SER A 1272 37.23 18.07 26.56
C SER A 1272 37.17 18.39 25.08
N PRO A 1273 38.08 19.22 24.57
CA PRO A 1273 38.10 19.48 23.12
C PRO A 1273 38.41 18.25 22.27
N THR A 1274 38.98 17.19 22.85
CA THR A 1274 39.37 16.03 22.06
C THR A 1274 38.20 15.17 21.63
N MET A 1275 36.99 15.43 22.13
CA MET A 1275 35.85 14.59 21.76
C MET A 1275 35.41 14.84 20.32
N TYR A 1276 35.64 16.05 19.82
CA TYR A 1276 35.22 16.38 18.46
C TYR A 1276 36.02 15.62 17.42
N GLY A 1277 37.33 15.47 17.65
CA GLY A 1277 38.17 14.72 16.73
C GLY A 1277 39.21 15.58 16.03
N ALA A 1278 39.54 15.24 14.79
CA ALA A 1278 40.47 16.04 14.01
C ALA A 1278 39.84 17.40 13.70
N GLN A 1279 40.65 18.46 13.84
CA GLN A 1279 40.14 19.81 13.72
C GLN A 1279 41.33 20.75 13.47
N VAL A 1280 41.02 22.03 13.32
CA VAL A 1280 42.01 23.07 13.08
C VAL A 1280 41.83 24.15 14.13
N SER A 1281 42.92 24.58 14.76
CA SER A 1281 42.87 25.49 15.89
C SER A 1281 43.93 26.58 15.75
N PHE A 1282 43.78 27.62 16.58
CA PHE A 1282 44.56 28.84 16.45
C PHE A 1282 45.56 28.95 17.59
N PHE A 1283 46.54 29.83 17.42
CA PHE A 1283 47.32 30.33 18.55
C PHE A 1283 47.70 31.79 18.33
N SER A 1284 46.73 32.62 17.94
CA SER A 1284 47.03 34.02 17.66
C SER A 1284 47.53 34.72 18.92
N GLU A 1285 48.48 35.65 18.74
CA GLU A 1285 49.06 36.36 19.87
C GLU A 1285 49.23 37.83 19.54
N ASP A 1286 49.08 38.67 20.56
CA ASP A 1286 49.29 40.10 20.47
C ASP A 1286 50.25 40.52 21.57
N ALA A 1287 51.13 41.47 21.25
CA ALA A 1287 52.13 41.99 22.19
C ALA A 1287 52.95 40.85 22.79
N PRO A 1288 53.83 40.21 22.00
CA PRO A 1288 54.54 39.04 22.49
C PRO A 1288 55.79 39.38 23.30
N GLY A 1289 55.92 40.63 23.72
CA GLY A 1289 57.09 41.05 24.46
C GLY A 1289 57.02 40.79 25.95
N ASP A 1290 57.01 39.51 26.34
CA ASP A 1290 56.96 39.13 27.75
C ASP A 1290 57.38 37.68 27.89
N PRO A 1291 58.12 37.32 28.94
CA PRO A 1291 58.48 35.89 29.11
C PRO A 1291 57.33 35.05 29.64
N GLY A 1292 56.50 35.60 30.53
CA GLY A 1292 55.38 34.83 31.05
C GLY A 1292 54.38 34.45 29.97
N ARG A 1293 54.08 35.39 29.07
CA ARG A 1293 53.23 35.06 27.94
C ARG A 1293 53.87 34.00 27.05
N ALA A 1294 55.20 34.04 26.91
CA ALA A 1294 55.89 33.00 26.15
C ALA A 1294 55.70 31.63 26.80
N ARG A 1295 55.83 31.56 28.13
CA ARG A 1295 55.60 30.30 28.82
C ARG A 1295 54.17 29.83 28.66
N LEU A 1296 53.21 30.76 28.74
CA LEU A 1296 51.81 30.40 28.55
C LEU A 1296 51.56 29.86 27.15
N LEU A 1297 52.16 30.49 26.14
CA LEU A 1297 52.03 30.00 24.77
C LEU A 1297 52.64 28.62 24.61
N GLU A 1298 53.82 28.41 25.22
CA GLU A 1298 54.42 27.08 25.18
C GLU A 1298 53.50 26.04 25.80
N ALA A 1299 52.88 26.38 26.94
CA ALA A 1299 51.93 25.47 27.55
C ALA A 1299 50.76 25.18 26.62
N LEU A 1300 50.24 26.22 25.96
CA LEU A 1300 49.10 26.02 25.07
C LEU A 1300 49.44 25.09 23.91
N LEU A 1301 50.58 25.31 23.26
CA LEU A 1301 50.93 24.47 22.11
C LEU A 1301 51.31 23.05 22.52
N GLN A 1302 52.16 22.92 23.54
CA GLN A 1302 52.57 21.58 23.96
C GLN A 1302 51.49 20.84 24.74
N GLU A 1303 50.38 21.51 25.07
CA GLU A 1303 49.25 20.82 25.71
C GLU A 1303 48.49 19.97 24.70
N ALA A 1304 48.49 20.38 23.42
CA ALA A 1304 47.75 19.68 22.39
C ALA A 1304 48.52 18.51 21.78
N GLY A 1305 49.75 18.27 22.21
CA GLY A 1305 50.55 17.18 21.68
C GLY A 1305 51.69 17.58 20.78
N LEU A 1306 51.99 18.88 20.68
CA LEU A 1306 53.07 19.34 19.82
C LEU A 1306 54.44 19.01 20.45
N GLU A 1307 55.48 19.10 19.63
CA GLU A 1307 56.83 18.82 20.09
C GLU A 1307 57.25 19.81 21.18
N GLU A 1308 58.03 19.32 22.13
CA GLU A 1308 58.39 20.14 23.30
C GLU A 1308 59.20 21.38 22.95
N PRO A 1309 60.29 21.31 22.19
CA PRO A 1309 61.10 22.52 21.97
C PRO A 1309 60.46 23.43 20.93
N PRO A 1310 60.25 24.70 21.27
CA PRO A 1310 59.76 25.65 20.26
C PRO A 1310 60.72 25.85 19.10
N VAL A 1311 62.03 25.72 19.35
CA VAL A 1311 63.04 25.95 18.32
C VAL A 1311 62.88 24.97 17.16
N GLN A 1312 62.28 23.81 17.39
CA GLN A 1312 62.01 22.88 16.28
C GLN A 1312 61.12 23.53 15.23
N HIS A 1313 60.15 24.35 15.66
CA HIS A 1313 59.36 25.10 14.71
C HIS A 1313 60.26 26.01 13.88
N SER A 1314 61.23 26.66 14.53
CA SER A 1314 62.23 27.44 13.80
C SER A 1314 63.02 26.55 12.85
N SER A 1315 63.26 25.30 13.22
CA SER A 1315 63.90 24.36 12.30
C SER A 1315 62.99 24.07 11.11
N HIS A 1316 61.68 24.00 11.35
CA HIS A 1316 60.74 23.83 10.25
C HIS A 1316 60.69 25.08 9.38
N ARG A 1317 60.99 26.25 9.96
CA ARG A 1317 60.99 27.52 9.25
C ARG A 1317 59.64 27.78 8.59
N PHE A 1318 59.60 27.70 7.26
CA PHE A 1318 58.36 27.94 6.53
C PHE A 1318 57.50 26.68 6.56
N SER A 1319 56.34 26.76 7.22
CA SER A 1319 55.42 25.65 7.37
C SER A 1319 54.03 26.04 6.86
N ALA A 1320 54.00 26.64 5.67
CA ALA A 1320 52.76 27.14 5.09
C ALA A 1320 52.58 26.58 3.69
N PRO A 1321 51.34 26.41 3.25
CA PRO A 1321 51.09 25.98 1.87
C PRO A 1321 51.51 27.05 0.87
N GLU A 1322 51.87 26.60 -0.33
CA GLU A 1322 52.29 27.52 -1.38
C GLU A 1322 51.11 28.35 -1.88
N VAL A 1323 51.34 29.65 -2.00
CA VAL A 1323 50.28 30.56 -2.46
C VAL A 1323 49.91 30.22 -3.90
N PRO A 1324 48.62 30.27 -4.27
CA PRO A 1324 48.25 30.01 -5.66
C PRO A 1324 48.89 31.02 -6.61
N ALA A 1325 49.31 30.52 -7.77
CA ALA A 1325 50.00 31.37 -8.74
C ALA A 1325 49.07 32.43 -9.33
N GLU A 1326 47.85 32.03 -9.69
CA GLU A 1326 46.91 32.97 -10.30
C GLU A 1326 46.41 34.01 -9.31
N VAL A 1327 46.63 33.80 -8.01
CA VAL A 1327 46.20 34.76 -7.01
C VAL A 1327 47.32 35.72 -6.60
N ALA A 1328 48.58 35.36 -6.87
CA ALA A 1328 49.68 36.26 -6.57
C ALA A 1328 49.58 37.56 -7.37
N LYS A 1329 49.18 37.46 -8.63
CA LYS A 1329 48.99 38.67 -9.44
C LYS A 1329 47.87 39.54 -8.87
N VAL A 1330 46.78 38.92 -8.42
CA VAL A 1330 45.69 39.67 -7.81
C VAL A 1330 46.16 40.37 -6.55
N LEU A 1331 46.96 39.67 -5.74
CA LEU A 1331 47.49 40.27 -4.52
C LEU A 1331 48.41 41.44 -4.84
N ALA A 1332 49.26 41.30 -5.85
CA ALA A 1332 50.11 42.41 -6.25
C ALA A 1332 49.29 43.57 -6.78
N SER A 1333 48.15 43.29 -7.42
CA SER A 1333 47.28 44.35 -7.90
C SER A 1333 46.72 45.19 -6.75
N GLY A 1334 46.33 44.53 -5.67
CA GLY A 1334 45.78 45.21 -4.51
C GLY A 1334 46.85 45.61 -3.50
N ASN A 1335 46.40 46.29 -2.45
CA ASN A 1335 47.30 46.71 -1.39
C ASN A 1335 47.88 45.52 -0.63
N TRP A 1336 47.03 44.53 -0.32
CA TRP A 1336 47.43 43.34 0.42
C TRP A 1336 48.08 43.70 1.76
N THR A 1337 47.49 44.67 2.44
CA THR A 1337 48.05 44.75 3.79
C THR A 1337 47.14 44.03 4.77
N PRO A 1338 47.69 43.37 5.79
CA PRO A 1338 46.82 42.65 6.74
C PRO A 1338 45.80 43.52 7.43
N GLU A 1339 46.15 44.77 7.73
CA GLU A 1339 45.20 45.67 8.41
C GLU A 1339 44.07 46.06 7.48
N SER A 1340 44.39 46.41 6.24
CA SER A 1340 43.36 46.69 5.26
C SER A 1340 42.71 45.38 4.80
N PRO A 1341 41.50 45.44 4.25
CA PRO A 1341 40.93 44.22 3.64
C PRO A 1341 41.81 43.70 2.51
N SER A 1342 42.47 42.57 2.74
CA SER A 1342 43.34 41.97 1.73
C SER A 1342 42.55 41.14 0.71
N PRO A 1343 41.65 40.25 1.13
CA PRO A 1343 40.90 39.46 0.14
C PRO A 1343 40.02 40.34 -0.73
N ALA A 1344 39.75 39.85 -1.93
CA ALA A 1344 38.76 40.50 -2.79
C ALA A 1344 37.36 40.31 -2.21
N CYS A 1345 36.43 41.12 -2.70
CA CYS A 1345 35.07 41.09 -2.18
C CYS A 1345 34.43 39.73 -2.43
N GLN A 1346 33.26 39.52 -1.82
CA GLN A 1346 32.57 38.24 -1.86
C GLN A 1346 31.16 38.43 -2.41
N CYS A 1347 30.73 37.47 -3.23
CA CYS A 1347 29.40 37.51 -3.81
C CYS A 1347 28.33 37.30 -2.75
N SER A 1348 27.15 37.85 -3.00
CA SER A 1348 26.05 37.75 -2.05
C SER A 1348 24.74 37.74 -2.84
N ARG A 1349 23.64 38.02 -2.14
CA ARG A 1349 22.31 38.00 -2.75
C ARG A 1349 22.06 39.33 -3.47
N PRO A 1350 21.86 39.32 -4.79
CA PRO A 1350 21.54 40.57 -5.51
C PRO A 1350 20.05 40.89 -5.61
N GLY A 1351 19.21 40.24 -4.83
CA GLY A 1351 17.77 40.47 -4.91
C GLY A 1351 17.04 39.63 -5.94
N ALA A 1352 17.56 39.59 -7.17
CA ALA A 1352 16.98 38.75 -8.22
C ALA A 1352 17.49 37.32 -8.17
N ARG A 1353 18.44 37.02 -7.29
CA ARG A 1353 19.01 35.69 -7.17
C ARG A 1353 19.31 35.40 -5.71
N ARG A 1354 19.09 34.15 -5.30
CA ARG A 1354 19.29 33.75 -3.92
C ARG A 1354 20.37 32.68 -3.86
N LEU A 1355 21.38 32.90 -3.02
CA LEU A 1355 22.45 31.95 -2.79
C LEU A 1355 22.41 31.49 -1.34
N LEU A 1356 22.48 30.17 -1.12
CA LEU A 1356 22.55 29.67 0.25
C LEU A 1356 23.85 30.11 0.92
N PRO A 1357 25.05 29.71 0.44
CA PRO A 1357 26.26 30.31 1.00
C PRO A 1357 26.64 31.56 0.23
N ASP A 1358 27.82 32.11 0.50
CA ASP A 1358 28.44 33.11 -0.36
C ASP A 1358 29.51 32.42 -1.19
N CYS A 1359 29.46 32.58 -2.50
CA CYS A 1359 30.37 31.86 -3.37
C CYS A 1359 31.78 32.39 -3.20
N PRO A 1360 32.75 31.56 -2.81
CA PRO A 1360 34.10 32.07 -2.53
C PRO A 1360 34.96 32.18 -3.77
N ALA A 1361 35.63 33.32 -3.90
CA ALA A 1361 36.64 33.50 -4.93
C ALA A 1361 37.87 32.68 -4.55
N ALA A 1362 38.93 32.76 -5.36
CA ALA A 1362 40.16 32.07 -5.04
C ALA A 1362 41.01 32.82 -4.01
N ALA A 1363 40.63 34.05 -3.66
CA ALA A 1363 41.39 34.89 -2.73
C ALA A 1363 40.52 35.20 -1.53
N GLY A 1364 40.51 34.31 -0.55
CA GLY A 1364 39.92 34.57 0.74
C GLY A 1364 40.89 34.21 1.84
N GLY A 1365 41.33 35.20 2.62
CA GLY A 1365 42.48 35.03 3.47
C GLY A 1365 43.65 34.53 2.65
N PRO A 1366 44.16 35.39 1.77
CA PRO A 1366 44.95 34.93 0.62
C PRO A 1366 46.15 34.09 1.02
N PRO A 1367 47.07 34.58 1.86
CA PRO A 1367 48.25 33.77 2.18
C PRO A 1367 47.85 32.59 3.06
N PRO A 1368 48.15 31.37 2.64
CA PRO A 1368 47.84 30.21 3.47
C PRO A 1368 48.65 30.24 4.74
N PRO A 1369 48.00 30.40 5.89
CA PRO A 1369 48.74 30.58 7.14
C PRO A 1369 49.51 29.33 7.53
N GLN A 1370 50.58 29.55 8.29
CA GLN A 1370 51.48 28.48 8.67
C GLN A 1370 50.76 27.46 9.54
N ALA A 1371 50.74 26.21 9.10
CA ALA A 1371 50.04 25.13 9.78
C ALA A 1371 50.98 23.98 10.08
N VAL A 1372 50.85 23.41 11.26
CA VAL A 1372 51.64 22.26 11.71
C VAL A 1372 50.70 21.20 12.22
N THR A 1373 50.95 19.95 11.83
CA THR A 1373 50.10 18.82 12.19
C THR A 1373 50.78 17.99 13.27
N GLY A 1374 50.05 17.73 14.36
CA GLY A 1374 50.56 16.92 15.44
C GLY A 1374 50.09 15.47 15.36
N SER A 1375 49.15 15.11 16.21
CA SER A 1375 48.54 13.78 16.20
C SER A 1375 47.05 13.95 15.92
N GLY A 1376 46.70 14.00 14.64
CA GLY A 1376 45.31 14.22 14.25
C GLY A 1376 44.77 15.58 14.60
N GLU A 1377 45.59 16.62 14.46
CA GLU A 1377 45.16 17.99 14.73
C GLU A 1377 46.11 18.95 14.04
N VAL A 1378 45.58 20.08 13.59
CA VAL A 1378 46.34 21.08 12.87
C VAL A 1378 46.28 22.39 13.63
N VAL A 1379 47.44 23.00 13.87
CA VAL A 1379 47.54 24.29 14.53
C VAL A 1379 48.05 25.31 13.54
N GLN A 1380 47.41 26.47 13.49
CA GLN A 1380 47.70 27.51 12.52
C GLN A 1380 48.13 28.79 13.24
N ASN A 1381 49.03 29.55 12.61
CA ASN A 1381 49.62 30.70 13.30
C ASN A 1381 48.72 31.93 13.27
N LEU A 1382 48.46 32.47 12.08
CA LEU A 1382 47.61 33.65 11.90
C LEU A 1382 48.01 34.85 12.75
N THR A 1383 49.27 34.96 13.16
CA THR A 1383 49.66 36.06 14.02
C THR A 1383 49.65 37.38 13.26
N GLY A 1384 48.96 38.37 13.81
CA GLY A 1384 48.93 39.71 13.26
C GLY A 1384 47.98 39.93 12.10
N ARG A 1385 47.14 38.95 11.76
CA ARG A 1385 46.22 39.12 10.65
C ARG A 1385 44.89 39.70 11.15
N ASN A 1386 43.90 39.79 10.28
CA ASN A 1386 42.62 40.41 10.59
C ASN A 1386 41.73 39.50 11.44
N LEU A 1387 41.80 38.19 11.20
CA LEU A 1387 41.05 37.16 11.94
C LEU A 1387 39.58 37.12 11.54
N SER A 1388 38.81 38.17 11.87
CA SER A 1388 37.38 38.16 11.56
C SER A 1388 37.14 38.01 10.06
N ASP A 1389 37.85 38.80 9.27
CA ASP A 1389 37.71 38.73 7.82
C ASP A 1389 38.13 37.36 7.30
N PHE A 1390 39.23 36.82 7.82
CA PHE A 1390 39.70 35.51 7.40
C PHE A 1390 38.67 34.42 7.68
N LEU A 1391 38.07 34.45 8.87
CA LEU A 1391 37.07 33.44 9.23
C LEU A 1391 35.84 33.56 8.34
N VAL A 1392 35.32 34.79 8.18
CA VAL A 1392 34.12 34.98 7.37
C VAL A 1392 34.37 34.54 5.94
N LYS A 1393 35.57 34.79 5.41
CA LYS A 1393 35.86 34.42 4.03
C LYS A 1393 36.05 32.92 3.89
N THR A 1394 36.67 32.27 4.87
CA THR A 1394 37.07 30.88 4.70
C THR A 1394 35.99 29.89 5.12
N TYR A 1395 34.98 30.32 5.88
CA TYR A 1395 34.03 29.36 6.45
C TYR A 1395 33.31 28.50 5.41
N PRO A 1396 32.68 29.05 4.36
CA PRO A 1396 31.98 28.17 3.42
C PRO A 1396 32.89 27.17 2.72
N ARG A 1397 34.15 27.51 2.50
CA ARG A 1397 35.07 26.54 1.90
C ARG A 1397 35.25 25.33 2.79
N LEU A 1398 35.30 25.54 4.11
CA LEU A 1398 35.39 24.41 5.04
C LEU A 1398 34.08 23.63 5.07
N VAL A 1399 32.94 24.33 5.06
CA VAL A 1399 31.65 23.66 5.20
C VAL A 1399 31.35 22.79 3.98
N ARG A 1400 31.59 23.32 2.78
CA ARG A 1400 31.02 22.74 1.56
C ARG A 1400 31.45 21.31 1.30
N GLN A 1401 32.54 20.84 1.91
CA GLN A 1401 32.99 19.47 1.66
C GLN A 1401 31.96 18.43 2.07
N GLY A 1402 31.01 18.80 2.94
CA GLY A 1402 30.02 17.84 3.41
C GLY A 1402 28.60 18.35 3.38
N LEU A 1403 28.28 19.22 2.42
CA LEU A 1403 26.91 19.67 2.24
C LEU A 1403 26.13 18.82 1.25
N LYS A 1404 26.74 17.76 0.72
CA LYS A 1404 26.05 16.88 -0.21
C LYS A 1404 24.86 16.20 0.47
N THR A 1405 25.04 15.74 1.71
CA THR A 1405 23.97 15.07 2.45
C THR A 1405 23.32 15.96 3.50
N LYS A 1406 24.08 16.88 4.11
CA LYS A 1406 23.54 17.94 4.97
C LYS A 1406 22.80 17.35 6.18
N LYS A 1407 23.27 16.20 6.66
CA LYS A 1407 22.65 15.54 7.81
C LYS A 1407 23.45 15.76 9.09
N TRP A 1408 24.72 15.38 9.10
CA TRP A 1408 25.61 15.56 10.25
C TRP A 1408 26.86 16.27 9.77
N VAL A 1409 26.80 17.59 9.72
CA VAL A 1409 27.88 18.39 9.13
C VAL A 1409 29.00 18.53 10.15
N ASN A 1410 30.22 18.22 9.72
CA ASN A 1410 31.40 18.26 10.57
C ASN A 1410 32.19 19.51 10.23
N GLU A 1411 31.88 20.61 10.91
CA GLU A 1411 32.74 21.79 10.81
C GLU A 1411 34.13 21.44 11.31
N VAL A 1412 35.15 21.95 10.62
CA VAL A 1412 36.51 21.59 10.98
C VAL A 1412 37.08 22.54 12.02
N ARG A 1413 36.68 23.81 11.98
CA ARG A 1413 37.16 24.81 12.92
C ARG A 1413 36.11 25.01 14.01
N TYR A 1414 36.47 24.69 15.26
CA TYR A 1414 35.57 24.80 16.39
C TYR A 1414 35.93 25.92 17.35
N GLY A 1415 37.21 26.24 17.49
CA GLY A 1415 37.61 27.32 18.39
C GLY A 1415 39.11 27.52 18.37
N GLY A 1416 39.53 28.56 19.09
CA GLY A 1416 40.93 28.93 19.11
C GLY A 1416 41.19 30.01 20.12
N PHE A 1417 42.48 30.36 20.27
CA PHE A 1417 42.94 31.26 21.31
C PHE A 1417 43.64 32.48 20.72
N SER A 1418 43.37 33.64 21.32
CA SER A 1418 44.10 34.87 21.04
C SER A 1418 44.65 35.40 22.36
N LEU A 1419 45.97 35.47 22.46
CA LEU A 1419 46.65 35.90 23.69
C LEU A 1419 46.73 37.43 23.72
N GLY A 1420 45.56 38.05 23.82
CA GLY A 1420 45.52 39.50 23.91
C GLY A 1420 46.21 40.00 25.17
N GLY A 1421 46.93 41.10 25.03
CA GLY A 1421 47.71 41.61 26.14
C GLY A 1421 47.45 43.07 26.50
N ARG A 1422 46.83 43.81 25.57
CA ARG A 1422 46.53 45.21 25.82
C ARG A 1422 45.53 45.35 26.96
N ASP A 1423 45.75 46.35 27.81
CA ASP A 1423 44.92 46.56 28.98
C ASP A 1423 43.96 47.70 28.71
N PRO A 1424 42.64 47.45 28.64
CA PRO A 1424 41.70 48.56 28.44
C PRO A 1424 41.75 49.61 29.53
N GLY A 1425 42.00 49.20 30.78
CA GLY A 1425 42.12 50.15 31.87
C GLY A 1425 43.48 50.82 31.91
N LEU A 1426 43.60 51.76 32.84
CA LEU A 1426 44.85 52.50 33.00
C LEU A 1426 45.87 51.63 33.73
N PRO A 1427 47.01 51.30 33.12
CA PRO A 1427 47.99 50.44 33.80
C PRO A 1427 48.60 51.07 35.03
N SER A 1428 48.64 52.40 35.12
CA SER A 1428 49.31 53.08 36.22
C SER A 1428 48.47 52.97 37.48
N GLY A 1429 48.65 51.86 38.19
CA GLY A 1429 47.96 51.65 39.44
C GLY A 1429 48.89 51.72 40.64
N GLN A 1430 50.20 51.75 40.37
CA GLN A 1430 51.18 51.86 41.45
C GLN A 1430 51.07 53.20 42.17
N GLU A 1431 50.89 54.29 41.41
CA GLU A 1431 50.75 55.61 42.02
C GLU A 1431 49.51 55.69 42.88
N LEU A 1432 48.40 55.10 42.43
CA LEU A 1432 47.18 55.11 43.23
C LEU A 1432 47.38 54.33 44.52
N GLY A 1433 48.07 53.18 44.44
CA GLY A 1433 48.35 52.42 45.64
C GLY A 1433 49.24 53.17 46.61
N ARG A 1434 50.25 53.88 46.09
CA ARG A 1434 51.10 54.70 46.95
C ARG A 1434 50.30 55.80 47.63
N SER A 1435 49.40 56.45 46.88
CA SER A 1435 48.57 57.50 47.46
C SER A 1435 47.65 56.94 48.55
N VAL A 1436 47.07 55.76 48.30
CA VAL A 1436 46.20 55.14 49.31
C VAL A 1436 47.00 54.77 50.55
N GLU A 1437 48.21 54.25 50.37
CA GLU A 1437 49.05 53.94 51.53
C GLU A 1437 49.41 55.19 52.31
N GLU A 1438 49.73 56.28 51.61
CA GLU A 1438 50.05 57.53 52.28
C GLU A 1438 48.86 58.06 53.07
N LEU A 1439 47.66 57.96 52.49
CA LEU A 1439 46.45 58.35 53.22
C LEU A 1439 46.22 57.45 54.43
N TRP A 1440 46.53 56.15 54.29
CA TRP A 1440 46.39 55.22 55.39
C TRP A 1440 47.32 55.58 56.54
N ALA A 1441 48.56 55.97 56.23
CA ALA A 1441 49.50 56.35 57.28
C ALA A 1441 49.02 57.56 58.05
N LEU A 1442 48.47 58.55 57.35
CA LEU A 1442 47.98 59.78 57.97
C LEU A 1442 46.50 59.64 58.28
N LEU A 1443 45.86 60.77 58.62
CA LEU A 1443 44.42 60.84 58.87
C LEU A 1443 43.99 59.96 60.03
N SER A 1444 44.87 59.76 61.01
CA SER A 1444 44.58 59.05 62.25
C SER A 1444 43.96 57.68 61.98
N PRO A 1445 44.75 56.69 61.52
CA PRO A 1445 44.19 55.36 61.28
C PRO A 1445 43.59 54.76 62.55
N LEU A 1446 42.49 54.05 62.38
CA LEU A 1446 41.77 53.50 63.52
C LEU A 1446 42.60 52.41 64.20
N PRO A 1447 42.65 52.39 65.53
CA PRO A 1447 43.36 51.31 66.22
C PRO A 1447 42.78 49.94 65.95
N GLY A 1448 41.46 49.84 65.74
CA GLY A 1448 40.87 48.55 65.41
C GLY A 1448 41.37 48.00 64.10
N GLY A 1449 41.54 48.86 63.11
CA GLY A 1449 42.08 48.48 61.82
C GLY A 1449 41.07 48.25 60.72
N ALA A 1450 39.79 48.49 60.96
CA ALA A 1450 38.78 48.31 59.91
C ALA A 1450 39.06 49.23 58.72
N LEU A 1451 39.36 50.50 59.00
CA LEU A 1451 39.79 51.40 57.94
C LEU A 1451 41.11 50.96 57.34
N ASP A 1452 42.02 50.44 58.18
CA ASP A 1452 43.27 49.91 57.68
C ASP A 1452 43.04 48.72 56.74
N ARG A 1453 42.11 47.83 57.10
CA ARG A 1453 41.79 46.70 56.23
C ARG A 1453 41.15 47.18 54.93
N VAL A 1454 40.29 48.19 54.99
CA VAL A 1454 39.68 48.73 53.78
C VAL A 1454 40.74 49.31 52.86
N LEU A 1455 41.68 50.07 53.43
CA LEU A 1455 42.73 50.67 52.62
C LEU A 1455 43.69 49.62 52.06
N LYS A 1456 43.96 48.55 52.83
CA LYS A 1456 44.78 47.46 52.32
C LYS A 1456 44.09 46.76 51.15
N ASN A 1457 42.77 46.55 51.27
CA ASN A 1457 42.02 45.97 50.17
C ASN A 1457 42.06 46.88 48.94
N LEU A 1458 41.95 48.20 49.15
CA LEU A 1458 42.04 49.12 48.03
C LEU A 1458 43.41 49.09 47.37
N THR A 1459 44.47 49.00 48.17
CA THR A 1459 45.81 48.89 47.60
C THR A 1459 45.97 47.60 46.79
N ALA A 1460 45.43 46.49 47.32
CA ALA A 1460 45.48 45.23 46.58
C ALA A 1460 44.71 45.33 45.26
N TRP A 1461 43.55 45.98 45.29
CA TRP A 1461 42.76 46.16 44.07
C TRP A 1461 43.51 47.03 43.06
N ALA A 1462 44.18 48.08 43.53
CA ALA A 1462 44.97 48.93 42.64
C ALA A 1462 46.14 48.15 42.04
N HIS A 1463 46.80 47.32 42.84
CA HIS A 1463 47.90 46.51 42.34
C HIS A 1463 47.41 45.51 41.29
N SER A 1464 46.26 44.90 41.53
CA SER A 1464 45.70 43.94 40.59
C SER A 1464 45.07 44.60 39.37
N LEU A 1465 44.91 45.93 39.37
CA LEU A 1465 44.28 46.63 38.27
C LEU A 1465 45.11 46.59 36.98
N ASP A 1466 46.37 46.17 37.06
CA ASP A 1466 47.22 46.15 35.86
C ASP A 1466 46.68 45.20 34.80
N ALA A 1467 46.23 44.01 35.22
CA ALA A 1467 45.75 42.97 34.31
C ALA A 1467 46.80 42.67 33.24
N GLN A 1468 47.92 42.14 33.73
CA GLN A 1468 49.14 42.05 32.92
C GLN A 1468 48.90 41.28 31.63
N ASP A 1469 48.25 40.12 31.70
CA ASP A 1469 47.99 39.31 30.53
C ASP A 1469 46.55 38.81 30.54
N SER A 1470 45.93 38.85 29.37
CA SER A 1470 44.55 38.42 29.17
C SER A 1470 44.53 37.27 28.16
N LEU A 1471 43.34 36.79 27.84
CA LEU A 1471 43.20 35.72 26.87
C LEU A 1471 41.75 35.69 26.38
N LYS A 1472 41.57 35.50 25.07
CA LYS A 1472 40.25 35.41 24.48
C LYS A 1472 40.11 34.08 23.75
N ILE A 1473 38.95 33.46 23.86
CA ILE A 1473 38.67 32.17 23.25
C ILE A 1473 37.55 32.37 22.25
N TRP A 1474 37.83 32.09 20.98
CA TRP A 1474 36.81 32.07 19.93
C TRP A 1474 36.21 30.68 19.86
N PHE A 1475 34.89 30.61 19.85
CA PHE A 1475 34.19 29.33 19.81
C PHE A 1475 33.08 29.35 18.77
N ASN A 1476 32.77 28.17 18.25
CA ASN A 1476 31.68 27.98 17.29
C ASN A 1476 30.51 27.32 18.01
N ASN A 1477 29.32 27.91 17.87
CA ASN A 1477 28.17 27.50 18.68
C ASN A 1477 27.45 26.27 18.12
N LYS A 1478 27.68 25.90 16.86
CA LYS A 1478 27.04 24.72 16.32
C LYS A 1478 27.50 23.45 17.02
N GLY A 1479 28.79 23.36 17.34
CA GLY A 1479 29.23 22.35 18.28
C GLY A 1479 28.68 22.73 19.64
N TRP A 1480 27.83 21.87 20.21
CA TRP A 1480 27.08 22.26 21.40
C TRP A 1480 28.01 22.51 22.59
N HIS A 1481 29.03 21.68 22.78
CA HIS A 1481 29.86 21.68 23.97
C HIS A 1481 31.27 22.22 23.70
N SER A 1482 31.37 23.28 22.91
CA SER A 1482 32.67 23.86 22.59
C SER A 1482 33.15 24.87 23.63
N MET A 1483 32.24 25.71 24.13
CA MET A 1483 32.61 26.69 25.14
C MET A 1483 33.30 26.04 26.33
N VAL A 1484 32.65 25.01 26.89
CA VAL A 1484 33.16 24.39 28.11
C VAL A 1484 34.47 23.67 27.82
N ALA A 1485 34.56 22.98 26.68
CA ALA A 1485 35.79 22.27 26.34
C ALA A 1485 36.96 23.23 26.24
N PHE A 1486 36.77 24.39 25.60
CA PHE A 1486 37.89 25.31 25.44
C PHE A 1486 38.21 26.06 26.72
N VAL A 1487 37.21 26.34 27.57
CA VAL A 1487 37.52 26.92 28.88
C VAL A 1487 38.33 25.93 29.72
N ASN A 1488 37.95 24.65 29.66
CA ASN A 1488 38.72 23.62 30.34
C ASN A 1488 40.15 23.57 29.82
N ARG A 1489 40.32 23.65 28.50
CA ARG A 1489 41.66 23.63 27.93
C ARG A 1489 42.48 24.83 28.39
N ALA A 1490 41.86 26.00 28.44
CA ALA A 1490 42.58 27.19 28.89
C ALA A 1490 43.02 27.05 30.34
N SER A 1491 42.14 26.56 31.21
CA SER A 1491 42.50 26.39 32.62
C SER A 1491 43.61 25.37 32.79
N ASN A 1492 43.53 24.25 32.05
CA ASN A 1492 44.58 23.24 32.13
C ASN A 1492 45.91 23.80 31.62
N ALA A 1493 45.86 24.62 30.57
CA ALA A 1493 47.09 25.23 30.05
C ALA A 1493 47.71 26.17 31.06
N ILE A 1494 46.90 26.97 31.74
CA ILE A 1494 47.42 27.86 32.78
C ILE A 1494 48.07 27.05 33.89
N LEU A 1495 47.40 25.97 34.32
CA LEU A 1495 47.97 25.13 35.37
C LEU A 1495 49.31 24.55 34.95
N ARG A 1496 49.39 24.02 33.73
CA ARG A 1496 50.66 23.46 33.27
C ARG A 1496 51.71 24.54 33.10
N ALA A 1497 51.30 25.78 32.83
CA ALA A 1497 52.25 26.86 32.67
C ALA A 1497 52.88 27.27 34.00
N HIS A 1498 52.06 27.39 35.05
CA HIS A 1498 52.59 27.84 36.33
C HIS A 1498 53.28 26.74 37.13
N LEU A 1499 53.22 25.48 36.67
CA LEU A 1499 53.92 24.40 37.33
C LEU A 1499 55.39 24.37 36.86
N PRO A 1500 56.35 24.17 37.76
CA PRO A 1500 57.75 24.18 37.34
C PRO A 1500 58.06 23.00 36.44
N PRO A 1501 59.06 23.12 35.58
CA PRO A 1501 59.34 22.06 34.61
C PRO A 1501 59.84 20.78 35.26
N GLY A 1502 59.64 19.67 34.55
CA GLY A 1502 60.09 18.37 35.00
C GLY A 1502 59.08 17.28 34.70
N PRO A 1503 59.39 16.04 35.09
CA PRO A 1503 58.43 14.95 34.90
C PRO A 1503 57.15 15.13 35.69
N ALA A 1504 57.17 15.94 36.75
CA ALA A 1504 55.97 16.18 37.54
C ALA A 1504 54.84 16.78 36.73
N ARG A 1505 55.15 17.40 35.59
CA ARG A 1505 54.11 17.89 34.69
C ARG A 1505 53.15 16.78 34.28
N HIS A 1506 53.65 15.55 34.15
CA HIS A 1506 52.78 14.44 33.78
C HIS A 1506 51.86 14.03 34.93
N ALA A 1507 52.24 14.34 36.18
CA ALA A 1507 51.45 13.89 37.32
C ALA A 1507 50.20 14.75 37.53
N HIS A 1508 50.22 16.01 37.12
CA HIS A 1508 49.15 16.96 37.43
C HIS A 1508 48.24 17.16 36.24
N SER A 1509 46.93 17.04 36.47
CA SER A 1509 45.93 17.28 35.45
C SER A 1509 44.60 17.58 36.14
N ILE A 1510 43.69 18.21 35.39
CA ILE A 1510 42.35 18.53 35.87
C ILE A 1510 41.35 18.07 34.82
N THR A 1511 40.21 17.55 35.29
CA THR A 1511 39.17 17.05 34.41
C THR A 1511 37.81 17.56 34.89
N THR A 1512 36.93 17.88 33.95
CA THR A 1512 35.58 18.33 34.25
C THR A 1512 34.58 17.45 33.51
N LEU A 1513 33.50 17.10 34.20
CA LEU A 1513 32.43 16.29 33.64
C LEU A 1513 31.11 17.04 33.73
N ASN A 1514 30.08 16.45 33.13
CA ASN A 1514 28.73 17.00 33.21
C ASN A 1514 27.75 15.85 33.39
N HIS A 1515 26.86 15.98 34.37
CA HIS A 1515 25.87 14.95 34.68
C HIS A 1515 24.66 15.64 35.28
N PRO A 1516 23.58 15.80 34.51
CA PRO A 1516 22.36 16.40 35.06
C PRO A 1516 21.73 15.49 36.11
N LEU A 1517 20.99 16.12 37.02
CA LEU A 1517 20.39 15.41 38.15
C LEU A 1517 19.14 14.65 37.69
N ASN A 1518 18.53 13.93 38.62
CA ASN A 1518 17.29 13.22 38.34
C ASN A 1518 16.14 14.21 38.17
N LEU A 1519 15.09 13.73 37.50
CA LEU A 1519 13.91 14.56 37.29
C LEU A 1519 13.11 14.68 38.58
N THR A 1520 12.62 15.88 38.87
CA THR A 1520 11.72 16.04 40.00
C THR A 1520 10.37 15.40 39.67
N LYS A 1521 9.50 15.34 40.68
CA LYS A 1521 8.20 14.71 40.49
C LYS A 1521 7.40 15.41 39.39
N GLU A 1522 7.32 16.73 39.45
CA GLU A 1522 6.66 17.48 38.39
C GLU A 1522 7.41 17.34 37.07
N GLN A 1523 8.75 17.34 37.13
CA GLN A 1523 9.54 17.08 35.93
C GLN A 1523 9.33 15.67 35.43
N LEU A 1524 9.22 14.70 36.35
CA LEU A 1524 8.98 13.31 35.95
C LEU A 1524 7.65 13.17 35.23
N SER A 1525 6.64 13.92 35.68
CA SER A 1525 5.30 13.82 35.09
C SER A 1525 5.30 14.14 33.60
N GLU A 1526 6.31 14.87 33.12
CA GLU A 1526 6.48 15.11 31.69
C GLU A 1526 7.57 14.24 31.08
N GLY A 1527 8.65 13.97 31.81
CA GLY A 1527 9.77 13.25 31.26
C GLY A 1527 9.53 11.76 31.08
N ALA A 1528 8.58 11.19 31.82
CA ALA A 1528 8.27 9.78 31.66
C ALA A 1528 7.70 9.46 30.28
N LEU A 1529 7.24 10.48 29.55
CA LEU A 1529 6.66 10.25 28.23
C LEU A 1529 7.69 9.73 27.24
N MET A 1530 8.91 10.27 27.28
CA MET A 1530 9.94 9.92 26.30
C MET A 1530 10.83 8.78 26.80
N ALA A 1531 10.22 7.70 27.27
CA ALA A 1531 10.94 6.51 27.69
C ALA A 1531 10.21 5.26 27.21
N SER A 1532 9.70 5.29 25.99
CA SER A 1532 8.85 4.21 25.47
C SER A 1532 9.27 3.90 24.03
N SER A 1533 10.19 2.95 23.89
CA SER A 1533 10.55 2.39 22.58
C SER A 1533 10.29 0.90 22.52
N VAL A 1534 10.82 0.13 23.48
CA VAL A 1534 10.56 -1.30 23.53
C VAL A 1534 9.08 -1.56 23.76
N ASP A 1535 8.43 -0.72 24.57
CA ASP A 1535 6.99 -0.85 24.75
C ASP A 1535 6.24 -0.66 23.43
N VAL A 1536 6.65 0.34 22.64
CA VAL A 1536 6.00 0.57 21.36
C VAL A 1536 6.23 -0.63 20.43
N LEU A 1537 7.45 -1.17 20.42
CA LEU A 1537 7.72 -2.33 19.58
C LEU A 1537 6.86 -3.53 19.98
N VAL A 1538 6.74 -3.77 21.29
CA VAL A 1538 5.95 -4.91 21.75
C VAL A 1538 4.48 -4.72 21.43
N SER A 1539 3.96 -3.50 21.62
CA SER A 1539 2.57 -3.24 21.28
C SER A 1539 2.31 -3.42 19.79
N ILE A 1540 3.23 -2.94 18.94
CA ILE A 1540 3.08 -3.10 17.51
C ILE A 1540 3.08 -4.57 17.13
N CYS A 1541 4.01 -5.34 17.70
CA CYS A 1541 4.07 -6.77 17.40
C CYS A 1541 2.79 -7.48 17.83
N VAL A 1542 2.29 -7.15 19.02
CA VAL A 1542 1.07 -7.79 19.52
C VAL A 1542 -0.11 -7.46 18.62
N VAL A 1543 -0.26 -6.19 18.24
CA VAL A 1543 -1.38 -5.79 17.38
C VAL A 1543 -1.28 -6.49 16.03
N PHE A 1544 -0.07 -6.57 15.46
CA PHE A 1544 0.11 -7.25 14.18
C PHE A 1544 -0.25 -8.73 14.29
N ALA A 1545 0.19 -9.39 15.36
CA ALA A 1545 -0.05 -10.82 15.51
C ALA A 1545 -1.44 -11.15 16.03
N MET A 1546 -2.21 -10.15 16.43
CA MET A 1546 -3.51 -10.39 17.05
C MET A 1546 -4.68 -10.23 16.09
N SER A 1547 -4.48 -9.57 14.95
CA SER A 1547 -5.57 -9.26 14.02
C SER A 1547 -5.63 -10.24 12.86
N PHE A 1548 -5.32 -11.51 13.09
CA PHE A 1548 -5.39 -12.55 12.07
C PHE A 1548 -6.58 -13.49 12.24
N VAL A 1549 -6.97 -13.78 13.48
CA VAL A 1549 -7.97 -14.81 13.73
C VAL A 1549 -9.34 -14.48 13.12
N PRO A 1550 -9.89 -13.27 13.27
CA PRO A 1550 -11.23 -13.02 12.70
C PRO A 1550 -11.32 -13.22 11.20
N ALA A 1551 -10.26 -12.91 10.45
CA ALA A 1551 -10.27 -13.18 9.02
C ALA A 1551 -10.36 -14.66 8.74
N SER A 1552 -9.63 -15.47 9.51
CA SER A 1552 -9.74 -16.92 9.38
C SER A 1552 -11.14 -17.40 9.72
N PHE A 1553 -11.78 -16.77 10.71
CA PHE A 1553 -13.15 -17.12 11.03
C PHE A 1553 -14.10 -16.80 9.89
N THR A 1554 -13.92 -15.64 9.26
CA THR A 1554 -14.87 -15.17 8.25
C THR A 1554 -14.67 -15.80 6.87
N LEU A 1555 -13.46 -16.30 6.57
CA LEU A 1555 -13.25 -16.91 5.26
C LEU A 1555 -14.13 -18.15 5.08
N VAL A 1556 -14.29 -18.94 6.14
CA VAL A 1556 -15.14 -20.13 6.06
C VAL A 1556 -16.58 -19.74 5.79
N LEU A 1557 -17.08 -18.70 6.48
CA LEU A 1557 -18.45 -18.27 6.24
C LEU A 1557 -18.62 -17.73 4.83
N ILE A 1558 -17.62 -17.02 4.31
CA ILE A 1558 -17.70 -16.53 2.93
C ILE A 1558 -17.76 -17.71 1.95
N GLU A 1559 -16.92 -18.72 2.18
CA GLU A 1559 -16.92 -19.89 1.32
C GLU A 1559 -18.26 -20.62 1.36
N GLU A 1560 -18.84 -20.76 2.55
CA GLU A 1560 -20.16 -21.39 2.67
C GLU A 1560 -21.26 -20.50 2.10
N ARG A 1561 -21.05 -19.19 2.00
CA ARG A 1561 -22.03 -18.34 1.34
C ARG A 1561 -21.97 -18.47 -0.17
N VAL A 1562 -20.77 -18.65 -0.73
CA VAL A 1562 -20.64 -18.77 -2.18
C VAL A 1562 -21.48 -19.94 -2.69
N THR A 1563 -21.35 -21.10 -2.05
CA THR A 1563 -22.21 -22.23 -2.34
C THR A 1563 -23.54 -22.04 -1.63
N ARG A 1564 -24.60 -22.58 -2.22
CA ARG A 1564 -25.94 -22.47 -1.65
C ARG A 1564 -26.20 -23.51 -0.55
N ALA A 1565 -25.15 -24.13 -0.01
CA ALA A 1565 -25.33 -25.14 1.03
C ALA A 1565 -25.91 -24.55 2.30
N LYS A 1566 -25.63 -23.28 2.58
CA LYS A 1566 -26.18 -22.64 3.78
C LYS A 1566 -27.70 -22.69 3.75
N HIS A 1567 -28.30 -22.41 2.59
CA HIS A 1567 -29.75 -22.40 2.50
C HIS A 1567 -30.29 -23.82 2.66
N LEU A 1568 -29.54 -24.81 2.17
CA LEU A 1568 -29.86 -26.21 2.41
C LEU A 1568 -29.91 -26.51 3.91
N GLN A 1569 -28.99 -25.93 4.67
CA GLN A 1569 -29.07 -26.05 6.12
C GLN A 1569 -30.31 -25.34 6.66
N LEU A 1570 -30.65 -24.18 6.10
CA LEU A 1570 -31.81 -23.44 6.58
C LEU A 1570 -33.12 -24.20 6.39
N MET A 1571 -33.26 -25.03 5.35
CA MET A 1571 -34.48 -25.84 5.30
C MET A 1571 -34.54 -26.92 6.36
N GLY A 1572 -33.46 -27.17 7.10
CA GLY A 1572 -33.57 -28.07 8.24
C GLY A 1572 -34.29 -27.38 9.39
N GLY A 1573 -33.95 -27.75 10.61
CA GLY A 1573 -34.48 -27.00 11.74
C GLY A 1573 -33.79 -25.70 12.01
N LEU A 1574 -32.76 -25.38 11.22
CA LEU A 1574 -31.92 -24.22 11.50
C LEU A 1574 -32.67 -22.92 11.22
N SER A 1575 -32.40 -21.92 12.04
CA SER A 1575 -32.80 -20.54 11.89
C SER A 1575 -31.55 -19.68 11.69
N PRO A 1576 -31.63 -18.61 10.89
CA PRO A 1576 -30.43 -17.79 10.67
C PRO A 1576 -29.86 -17.21 11.96
N THR A 1577 -30.74 -16.80 12.89
CA THR A 1577 -30.27 -16.30 14.17
C THR A 1577 -29.48 -17.36 14.93
N LEU A 1578 -29.99 -18.60 14.95
CA LEU A 1578 -29.28 -19.67 15.65
C LEU A 1578 -27.99 -20.02 14.94
N TYR A 1579 -27.96 -19.93 13.60
CA TYR A 1579 -26.72 -20.16 12.87
C TYR A 1579 -25.67 -19.12 13.25
N TRP A 1580 -26.06 -17.85 13.30
CA TRP A 1580 -25.15 -16.80 13.72
C TRP A 1580 -24.66 -17.04 15.15
N LEU A 1581 -25.57 -17.42 16.04
CA LEU A 1581 -25.19 -17.66 17.44
C LEU A 1581 -24.20 -18.82 17.55
N GLY A 1582 -24.44 -19.89 16.81
CA GLY A 1582 -23.53 -21.03 16.86
C GLY A 1582 -22.15 -20.68 16.32
N ASN A 1583 -22.09 -19.97 15.20
CA ASN A 1583 -20.81 -19.53 14.68
C ASN A 1583 -20.10 -18.64 15.69
N PHE A 1584 -20.84 -17.73 16.32
CA PHE A 1584 -20.26 -16.82 17.30
C PHE A 1584 -19.67 -17.59 18.48
N LEU A 1585 -20.43 -18.54 19.02
CA LEU A 1585 -19.93 -19.31 20.15
C LEU A 1585 -18.71 -20.15 19.79
N TRP A 1586 -18.73 -20.81 18.62
CA TRP A 1586 -17.59 -21.64 18.26
C TRP A 1586 -16.35 -20.79 18.01
N ASP A 1587 -16.51 -19.63 17.38
CA ASP A 1587 -15.34 -18.79 17.14
C ASP A 1587 -14.81 -18.20 18.43
N MET A 1588 -15.69 -17.94 19.40
CA MET A 1588 -15.23 -17.59 20.75
C MET A 1588 -14.37 -18.69 21.35
N CYS A 1589 -14.87 -19.93 21.27
CA CYS A 1589 -14.15 -21.05 21.88
C CYS A 1589 -12.80 -21.26 21.20
N ASN A 1590 -12.74 -21.05 19.89
CA ASN A 1590 -11.46 -21.17 19.20
C ASN A 1590 -10.52 -20.02 19.57
N TYR A 1591 -11.06 -18.80 19.69
CA TYR A 1591 -10.24 -17.63 20.00
C TYR A 1591 -9.68 -17.66 21.42
N LEU A 1592 -10.33 -18.35 22.35
CA LEU A 1592 -9.87 -18.31 23.73
C LEU A 1592 -8.47 -18.89 23.92
N VAL A 1593 -7.96 -19.65 22.96
CA VAL A 1593 -6.66 -20.32 23.12
C VAL A 1593 -5.48 -19.37 22.85
N PRO A 1594 -5.45 -18.62 21.74
CA PRO A 1594 -4.30 -17.72 21.52
C PRO A 1594 -4.09 -16.70 22.61
N ALA A 1595 -5.16 -16.16 23.19
CA ALA A 1595 -5.02 -15.22 24.29
C ALA A 1595 -4.34 -15.88 25.48
N CYS A 1596 -4.72 -17.11 25.80
CA CYS A 1596 -4.06 -17.83 26.88
C CYS A 1596 -2.60 -18.09 26.57
N ILE A 1597 -2.29 -18.41 25.32
CA ILE A 1597 -0.88 -18.66 24.96
C ILE A 1597 -0.05 -17.39 25.13
N VAL A 1598 -0.57 -16.25 24.68
CA VAL A 1598 0.15 -14.99 24.83
C VAL A 1598 0.32 -14.66 26.32
N VAL A 1599 -0.73 -14.87 27.11
CA VAL A 1599 -0.65 -14.58 28.54
C VAL A 1599 0.41 -15.44 29.21
N LEU A 1600 0.44 -16.74 28.89
CA LEU A 1600 1.44 -17.61 29.49
C LEU A 1600 2.84 -17.25 29.03
N ILE A 1601 3.00 -16.79 27.78
CA ILE A 1601 4.31 -16.36 27.31
C ILE A 1601 4.78 -15.16 28.13
N PHE A 1602 3.91 -14.15 28.31
CA PHE A 1602 4.28 -13.00 29.12
C PHE A 1602 4.62 -13.40 30.55
N LEU A 1603 3.83 -14.31 31.14
CA LEU A 1603 4.09 -14.71 32.52
C LEU A 1603 5.39 -15.49 32.64
N ALA A 1604 5.70 -16.35 31.67
CA ALA A 1604 6.88 -17.19 31.74
C ALA A 1604 8.16 -16.43 31.43
N PHE A 1605 8.08 -15.36 30.63
CA PHE A 1605 9.29 -14.62 30.27
C PHE A 1605 9.63 -13.50 31.23
N GLN A 1606 8.91 -13.40 32.35
CA GLN A 1606 9.25 -12.50 33.46
C GLN A 1606 9.33 -11.05 33.01
N GLN A 1607 8.19 -10.52 32.59
CA GLN A 1607 8.05 -9.11 32.28
C GLN A 1607 7.48 -8.39 33.51
N ARG A 1608 8.34 -7.62 34.19
CA ARG A 1608 7.87 -6.83 35.32
C ARG A 1608 6.69 -5.95 34.93
N ALA A 1609 6.68 -5.49 33.68
CA ALA A 1609 5.58 -4.69 33.17
C ALA A 1609 4.26 -5.46 33.13
N TYR A 1610 4.29 -6.79 33.19
CA TYR A 1610 3.06 -7.57 33.09
C TYR A 1610 2.91 -8.68 34.12
N VAL A 1611 3.98 -9.18 34.73
CA VAL A 1611 3.86 -10.30 35.67
C VAL A 1611 3.46 -9.84 37.07
N ALA A 1612 3.22 -8.54 37.27
CA ALA A 1612 2.77 -8.06 38.57
C ALA A 1612 1.35 -8.55 38.85
N PRO A 1613 1.04 -8.89 40.10
CA PRO A 1613 -0.31 -9.36 40.43
C PRO A 1613 -1.39 -8.34 40.17
N ALA A 1614 -1.07 -7.05 40.16
CA ALA A 1614 -2.03 -6.00 39.88
C ALA A 1614 -2.19 -5.70 38.40
N ASN A 1615 -1.44 -6.38 37.54
CA ASN A 1615 -1.51 -6.16 36.10
C ASN A 1615 -2.08 -7.34 35.33
N LEU A 1616 -1.91 -8.57 35.84
CA LEU A 1616 -2.40 -9.75 35.11
C LEU A 1616 -3.90 -9.75 34.90
N PRO A 1617 -4.74 -9.52 35.93
CA PRO A 1617 -6.20 -9.53 35.67
C PRO A 1617 -6.63 -8.50 34.63
N ALA A 1618 -6.03 -7.30 34.65
CA ALA A 1618 -6.38 -6.28 33.67
C ALA A 1618 -6.01 -6.72 32.26
N LEU A 1619 -4.83 -7.30 32.10
CA LEU A 1619 -4.40 -7.77 30.78
C LEU A 1619 -5.32 -8.89 30.28
N LEU A 1620 -5.65 -9.84 31.14
CA LEU A 1620 -6.53 -10.94 30.74
C LEU A 1620 -7.90 -10.42 30.33
N LEU A 1621 -8.48 -9.54 31.15
CA LEU A 1621 -9.80 -9.01 30.83
C LEU A 1621 -9.77 -8.21 29.54
N LEU A 1622 -8.74 -7.39 29.35
CA LEU A 1622 -8.64 -6.60 28.13
C LEU A 1622 -8.55 -7.49 26.89
N LEU A 1623 -7.71 -8.51 26.93
CA LEU A 1623 -7.57 -9.40 25.78
C LEU A 1623 -8.86 -10.14 25.48
N LEU A 1624 -9.48 -10.72 26.53
CA LEU A 1624 -10.70 -11.50 26.31
C LEU A 1624 -11.83 -10.63 25.80
N LEU A 1625 -12.00 -9.43 26.34
CA LEU A 1625 -13.08 -8.57 25.86
C LEU A 1625 -12.79 -8.00 24.48
N TYR A 1626 -11.52 -7.76 24.15
CA TYR A 1626 -11.23 -7.32 22.78
C TYR A 1626 -11.56 -8.42 21.79
N GLY A 1627 -11.24 -9.68 22.11
CA GLY A 1627 -11.68 -10.77 21.27
C GLY A 1627 -13.18 -10.93 21.25
N TRP A 1628 -13.84 -10.59 22.35
CA TRP A 1628 -15.30 -10.58 22.39
C TRP A 1628 -15.87 -9.60 21.38
N SER A 1629 -15.28 -8.41 21.29
CA SER A 1629 -15.84 -7.36 20.45
C SER A 1629 -15.43 -7.47 18.99
N ILE A 1630 -14.22 -7.96 18.71
CA ILE A 1630 -13.66 -7.85 17.36
C ILE A 1630 -14.39 -8.74 16.36
N THR A 1631 -14.87 -9.91 16.78
CA THR A 1631 -15.35 -10.90 15.83
C THR A 1631 -16.53 -10.43 14.98
N PRO A 1632 -17.60 -9.83 15.54
CA PRO A 1632 -18.74 -9.45 14.68
C PRO A 1632 -18.48 -8.27 13.77
N LEU A 1633 -17.25 -7.74 13.76
CA LEU A 1633 -16.92 -6.65 12.84
C LEU A 1633 -17.05 -7.08 11.38
N MET A 1634 -16.40 -8.18 11.02
CA MET A 1634 -16.28 -8.57 9.63
C MET A 1634 -17.24 -9.69 9.21
N TYR A 1635 -18.13 -10.13 10.10
CA TYR A 1635 -19.20 -11.01 9.66
C TYR A 1635 -20.14 -10.35 8.65
N PRO A 1636 -20.56 -9.09 8.80
CA PRO A 1636 -21.35 -8.45 7.73
C PRO A 1636 -20.60 -8.33 6.41
N ALA A 1637 -19.28 -8.50 6.42
CA ALA A 1637 -18.50 -8.41 5.18
C ALA A 1637 -18.59 -9.66 4.33
N SER A 1638 -19.25 -10.71 4.81
CA SER A 1638 -19.38 -11.94 4.01
C SER A 1638 -20.27 -11.71 2.79
N PHE A 1639 -21.21 -10.77 2.87
CA PHE A 1639 -22.10 -10.51 1.74
C PHE A 1639 -21.38 -9.77 0.62
N PHE A 1640 -20.36 -8.96 0.95
CA PHE A 1640 -19.70 -8.16 -0.07
C PHE A 1640 -18.79 -9.00 -0.96
N PHE A 1641 -18.06 -9.93 -0.37
CA PHE A 1641 -17.04 -10.68 -1.09
C PHE A 1641 -17.52 -12.09 -1.42
N SER A 1642 -16.84 -12.72 -2.39
CA SER A 1642 -17.24 -14.04 -2.85
C SER A 1642 -16.06 -14.98 -3.12
N VAL A 1643 -14.84 -14.62 -2.72
CA VAL A 1643 -13.70 -15.53 -2.82
C VAL A 1643 -12.92 -15.48 -1.51
N PRO A 1644 -12.38 -16.61 -1.03
CA PRO A 1644 -11.75 -16.63 0.30
C PRO A 1644 -10.43 -15.87 0.40
N SER A 1645 -9.50 -16.16 -0.51
CA SER A 1645 -8.12 -15.72 -0.34
C SER A 1645 -8.01 -14.20 -0.41
N THR A 1646 -8.59 -13.59 -1.45
CA THR A 1646 -8.50 -12.14 -1.57
C THR A 1646 -9.26 -11.44 -0.45
N ALA A 1647 -10.39 -11.99 -0.02
CA ALA A 1647 -11.12 -11.42 1.10
C ALA A 1647 -10.26 -11.41 2.36
N TYR A 1648 -9.61 -12.55 2.64
CA TYR A 1648 -8.72 -12.63 3.80
C TYR A 1648 -7.59 -11.62 3.71
N VAL A 1649 -6.96 -11.53 2.53
CA VAL A 1649 -5.82 -10.62 2.36
C VAL A 1649 -6.26 -9.17 2.55
N VAL A 1650 -7.39 -8.78 1.92
CA VAL A 1650 -7.86 -7.41 2.01
C VAL A 1650 -8.23 -7.05 3.44
N LEU A 1651 -8.95 -7.95 4.13
CA LEU A 1651 -9.34 -7.66 5.50
C LEU A 1651 -8.14 -7.53 6.41
N THR A 1652 -7.16 -8.44 6.27
CA THR A 1652 -5.95 -8.35 7.07
C THR A 1652 -5.22 -7.04 6.82
N CYS A 1653 -5.08 -6.66 5.55
CA CYS A 1653 -4.37 -5.43 5.21
C CYS A 1653 -5.08 -4.21 5.79
N ILE A 1654 -6.40 -4.15 5.66
CA ILE A 1654 -7.15 -3.00 6.18
C ILE A 1654 -7.00 -2.90 7.70
N ASN A 1655 -7.16 -4.03 8.40
CA ASN A 1655 -7.05 -3.98 9.86
C ASN A 1655 -5.66 -3.57 10.30
N LEU A 1656 -4.62 -4.15 9.69
CA LEU A 1656 -3.26 -3.80 10.06
C LEU A 1656 -2.96 -2.34 9.77
N PHE A 1657 -3.41 -1.85 8.62
CA PHE A 1657 -3.18 -0.45 8.26
C PHE A 1657 -3.87 0.48 9.26
N ILE A 1658 -5.12 0.17 9.62
CA ILE A 1658 -5.84 1.01 10.57
C ILE A 1658 -5.12 1.05 11.91
N GLY A 1659 -4.73 -0.13 12.41
CA GLY A 1659 -4.06 -0.17 13.71
C GLY A 1659 -2.74 0.57 13.72
N ILE A 1660 -1.91 0.32 12.70
CA ILE A 1660 -0.60 0.95 12.64
C ILE A 1660 -0.73 2.45 12.49
N ASN A 1661 -1.65 2.91 11.63
CA ASN A 1661 -1.84 4.34 11.46
C ASN A 1661 -2.31 5.01 12.74
N GLY A 1662 -3.25 4.38 13.46
CA GLY A 1662 -3.69 4.95 14.72
C GLY A 1662 -2.57 5.04 15.73
N SER A 1663 -1.80 3.96 15.88
CA SER A 1663 -0.70 3.95 16.85
C SER A 1663 0.34 5.00 16.52
N MET A 1664 0.74 5.08 15.24
CA MET A 1664 1.77 6.04 14.84
C MET A 1664 1.27 7.47 15.01
N ALA A 1665 0.02 7.75 14.64
CA ALA A 1665 -0.51 9.09 14.82
C ALA A 1665 -0.53 9.49 16.30
N THR A 1666 -1.00 8.58 17.16
CA THR A 1666 -1.05 8.88 18.59
C THR A 1666 0.35 9.13 19.15
N PHE A 1667 1.31 8.28 18.79
CA PHE A 1667 2.66 8.44 19.33
C PHE A 1667 3.33 9.70 18.80
N VAL A 1668 3.10 10.03 17.52
CA VAL A 1668 3.68 11.25 16.96
C VAL A 1668 3.09 12.48 17.65
N LEU A 1669 1.78 12.51 17.85
CA LEU A 1669 1.19 13.65 18.55
C LEU A 1669 1.63 13.71 20.01
N GLU A 1670 1.91 12.57 20.62
CA GLU A 1670 2.36 12.57 22.01
C GLU A 1670 3.79 13.08 22.13
N LEU A 1671 4.70 12.63 21.26
CA LEU A 1671 6.08 13.06 21.34
C LEU A 1671 6.24 14.50 20.89
N PHE A 1672 5.55 14.91 19.83
CA PHE A 1672 5.72 16.22 19.22
C PHE A 1672 4.79 17.27 19.84
N SER A 1673 4.23 16.99 21.02
CA SER A 1673 3.31 17.92 21.66
C SER A 1673 4.07 19.03 22.37
N ASP A 1674 4.96 19.72 21.63
CA ASP A 1674 5.69 20.83 22.22
C ASP A 1674 4.78 22.06 22.37
N GLN A 1675 3.91 22.31 21.41
CA GLN A 1675 3.00 23.44 21.45
C GLN A 1675 1.63 22.99 21.93
N LYS A 1676 0.89 23.92 22.53
CA LYS A 1676 -0.28 23.55 23.32
C LYS A 1676 -1.45 23.09 22.46
N LEU A 1677 -1.60 23.61 21.24
CA LEU A 1677 -2.77 23.28 20.42
C LEU A 1677 -2.84 21.81 20.04
N GLN A 1678 -1.86 20.99 20.45
CA GLN A 1678 -1.92 19.55 20.24
C GLN A 1678 -2.46 18.78 21.44
N GLU A 1679 -2.34 19.33 22.66
CA GLU A 1679 -2.84 18.62 23.83
C GLU A 1679 -4.35 18.48 23.79
N VAL A 1680 -5.06 19.49 23.28
CA VAL A 1680 -6.50 19.39 23.10
C VAL A 1680 -6.84 18.29 22.10
N SER A 1681 -5.89 17.91 21.25
CA SER A 1681 -6.06 16.79 20.33
C SER A 1681 -6.26 15.49 21.09
N ARG A 1682 -6.14 15.54 22.41
CA ARG A 1682 -6.56 14.42 23.24
C ARG A 1682 -8.00 14.03 22.98
N ILE A 1683 -8.85 15.02 22.65
CA ILE A 1683 -10.24 14.72 22.31
C ILE A 1683 -10.32 13.75 21.13
N LEU A 1684 -9.30 13.77 20.26
CA LEU A 1684 -9.24 12.81 19.17
C LEU A 1684 -9.25 11.38 19.71
N LYS A 1685 -8.43 11.09 20.71
CA LYS A 1685 -8.47 9.77 21.32
C LYS A 1685 -9.81 9.49 21.97
N GLN A 1686 -10.50 10.54 22.46
CA GLN A 1686 -11.83 10.35 23.01
C GLN A 1686 -12.81 9.85 21.96
N VAL A 1687 -12.49 10.00 20.68
CA VAL A 1687 -13.31 9.42 19.63
C VAL A 1687 -12.87 8.00 19.29
N PHE A 1688 -11.59 7.68 19.48
CA PHE A 1688 -11.06 6.39 19.07
C PHE A 1688 -11.60 5.23 19.89
N LEU A 1689 -12.28 5.50 21.01
CA LEU A 1689 -12.98 4.43 21.71
C LEU A 1689 -14.12 3.86 20.88
N ILE A 1690 -14.58 4.60 19.86
CA ILE A 1690 -15.57 4.08 18.92
C ILE A 1690 -14.95 3.11 17.92
N PHE A 1691 -13.63 3.09 17.80
CA PHE A 1691 -12.94 2.13 16.96
C PHE A 1691 -12.43 1.00 17.83
N PRO A 1692 -12.86 -0.25 17.60
CA PRO A 1692 -12.52 -1.32 18.55
C PRO A 1692 -11.10 -1.87 18.40
N HIS A 1693 -10.44 -1.66 17.26
CA HIS A 1693 -9.09 -2.18 17.09
C HIS A 1693 -8.04 -1.39 17.86
N PHE A 1694 -8.23 -0.08 17.97
CA PHE A 1694 -7.25 0.77 18.65
C PHE A 1694 -7.36 0.74 20.16
N CYS A 1695 -8.45 0.17 20.71
CA CYS A 1695 -8.63 0.15 22.16
C CYS A 1695 -7.50 -0.63 22.83
N LEU A 1696 -7.17 -1.80 22.29
CA LEU A 1696 -6.10 -2.61 22.88
C LEU A 1696 -4.75 -1.90 22.78
N GLY A 1697 -4.46 -1.34 21.60
CA GLY A 1697 -3.18 -0.67 21.41
C GLY A 1697 -3.00 0.52 22.34
N ARG A 1698 -4.08 1.28 22.57
CA ARG A 1698 -3.99 2.39 23.50
C ARG A 1698 -3.92 1.91 24.94
N GLY A 1699 -4.68 0.86 25.28
CA GLY A 1699 -4.74 0.41 26.65
C GLY A 1699 -3.42 -0.18 27.14
N LEU A 1700 -2.75 -0.97 26.28
CA LEU A 1700 -1.46 -1.52 26.67
C LEU A 1700 -0.45 -0.42 26.98
N ILE A 1701 -0.35 0.58 26.11
CA ILE A 1701 0.59 1.66 26.32
C ILE A 1701 0.24 2.46 27.56
N ASP A 1702 -1.05 2.76 27.76
CA ASP A 1702 -1.46 3.53 28.92
C ASP A 1702 -1.17 2.78 30.22
N MET A 1703 -1.46 1.48 30.26
CA MET A 1703 -1.17 0.69 31.45
C MET A 1703 0.33 0.65 31.71
N VAL A 1704 1.13 0.45 30.66
CA VAL A 1704 2.57 0.35 30.83
C VAL A 1704 3.12 1.67 31.38
N ARG A 1705 2.69 2.80 30.83
CA ARG A 1705 3.23 4.07 31.29
C ARG A 1705 2.78 4.39 32.71
N ASN A 1706 1.50 4.10 33.04
CA ASN A 1706 1.03 4.37 34.40
C ASN A 1706 1.76 3.53 35.42
N GLN A 1707 1.94 2.24 35.12
CA GLN A 1707 2.63 1.34 36.05
C GLN A 1707 4.12 1.66 36.15
N ALA A 1708 4.76 2.08 35.05
CA ALA A 1708 6.15 2.49 35.14
C ALA A 1708 6.30 3.77 35.97
N MET A 1709 5.39 4.72 35.80
CA MET A 1709 5.42 5.93 36.62
C MET A 1709 5.20 5.60 38.10
N ALA A 1710 4.29 4.67 38.38
CA ALA A 1710 4.08 4.24 39.77
C ALA A 1710 5.33 3.58 40.34
N ASP A 1711 6.00 2.75 39.53
CA ASP A 1711 7.22 2.09 39.99
C ASP A 1711 8.33 3.10 40.27
N ALA A 1712 8.47 4.12 39.42
CA ALA A 1712 9.53 5.10 39.55
C ALA A 1712 9.15 6.28 40.44
N PHE A 1713 7.93 6.31 40.97
CA PHE A 1713 7.47 7.44 41.76
C PHE A 1713 7.80 7.27 43.25
N GLU A 1714 7.30 6.21 43.87
CA GLU A 1714 7.43 6.04 45.31
C GLU A 1714 8.63 5.20 45.73
N ARG A 1715 9.07 4.28 44.87
CA ARG A 1715 10.19 3.41 45.24
C ARG A 1715 11.47 4.21 45.46
N LEU A 1716 11.73 5.19 44.61
CA LEU A 1716 12.93 6.01 44.74
C LEU A 1716 12.59 7.38 45.32
N GLN A 1722 -4.03 4.49 39.93
CA GLN A 1722 -3.04 3.88 40.81
C GLN A 1722 -2.76 2.45 40.39
N SER A 1723 -3.81 1.73 39.98
CA SER A 1723 -3.71 0.36 39.53
C SER A 1723 -4.42 0.19 38.20
N PRO A 1724 -4.00 -0.78 37.39
CA PRO A 1724 -4.69 -1.01 36.11
C PRO A 1724 -6.16 -1.36 36.27
N LEU A 1725 -6.53 -2.03 37.35
CA LEU A 1725 -7.93 -2.40 37.56
C LEU A 1725 -8.83 -1.20 37.76
N ARG A 1726 -8.27 -0.04 38.12
CA ARG A 1726 -9.06 1.16 38.28
C ARG A 1726 -9.62 1.60 36.93
N TRP A 1727 -10.86 2.08 36.94
CA TRP A 1727 -11.53 2.47 35.70
C TRP A 1727 -11.13 3.87 35.28
N GLU A 1728 -9.84 4.14 35.22
CA GLU A 1728 -9.32 5.43 34.75
C GLU A 1728 -8.28 5.31 33.66
N VAL A 1729 -7.62 4.17 33.50
CA VAL A 1729 -6.63 3.95 32.46
C VAL A 1729 -7.15 3.02 31.37
N VAL A 1730 -7.64 1.85 31.76
CA VAL A 1730 -8.21 0.89 30.82
C VAL A 1730 -9.68 0.61 31.06
N GLY A 1731 -10.25 1.09 32.16
CA GLY A 1731 -11.66 0.81 32.42
C GLY A 1731 -12.59 1.46 31.42
N LYS A 1732 -12.34 2.72 31.08
CA LYS A 1732 -13.20 3.42 30.12
C LYS A 1732 -13.11 2.79 28.74
N ASN A 1733 -11.90 2.44 28.29
CA ASN A 1733 -11.74 1.81 27.00
C ASN A 1733 -12.44 0.46 26.95
N LEU A 1734 -12.26 -0.35 28.01
CA LEU A 1734 -12.90 -1.65 28.06
C LEU A 1734 -14.42 -1.53 28.08
N LEU A 1735 -14.94 -0.55 28.82
CA LEU A 1735 -16.39 -0.35 28.86
C LEU A 1735 -16.92 0.05 27.49
N ALA A 1736 -16.26 1.00 26.84
CA ALA A 1736 -16.71 1.45 25.52
C ALA A 1736 -16.65 0.31 24.50
N MET A 1737 -15.60 -0.50 24.55
CA MET A 1737 -15.45 -1.59 23.60
C MET A 1737 -16.45 -2.73 23.86
N VAL A 1738 -16.71 -3.04 25.13
CA VAL A 1738 -17.72 -4.06 25.40
C VAL A 1738 -19.11 -3.54 25.05
N ILE A 1739 -19.32 -2.22 25.11
CA ILE A 1739 -20.56 -1.65 24.59
C ILE A 1739 -20.62 -1.84 23.07
N GLN A 1740 -19.51 -1.59 22.40
CA GLN A 1740 -19.47 -1.73 20.94
C GLN A 1740 -19.65 -3.17 20.49
N GLY A 1741 -19.33 -4.12 21.36
CA GLY A 1741 -19.39 -5.54 21.02
C GLY A 1741 -20.67 -6.00 20.34
N PRO A 1742 -21.80 -5.96 21.06
CA PRO A 1742 -23.03 -6.59 20.53
C PRO A 1742 -23.68 -5.85 19.38
N LEU A 1743 -23.33 -4.59 19.14
CA LEU A 1743 -24.03 -3.84 18.09
C LEU A 1743 -23.70 -4.38 16.71
N PHE A 1744 -22.48 -4.88 16.50
CA PHE A 1744 -22.14 -5.46 15.20
C PHE A 1744 -22.91 -6.76 14.96
N LEU A 1745 -23.08 -7.58 16.00
CA LEU A 1745 -23.91 -8.77 15.89
C LEU A 1745 -25.36 -8.41 15.58
N LEU A 1746 -25.88 -7.36 16.24
CA LEU A 1746 -27.23 -6.90 15.92
C LEU A 1746 -27.33 -6.41 14.48
N PHE A 1747 -26.29 -5.72 14.02
CA PHE A 1747 -26.29 -5.21 12.65
C PHE A 1747 -26.29 -6.34 11.63
N THR A 1748 -25.49 -7.38 11.86
CA THR A 1748 -25.49 -8.50 10.92
C THR A 1748 -26.78 -9.30 10.99
N LEU A 1749 -27.38 -9.41 12.19
CA LEU A 1749 -28.66 -10.09 12.30
C LEU A 1749 -29.74 -9.34 11.53
N LEU A 1750 -29.75 -8.01 11.62
CA LEU A 1750 -30.70 -7.22 10.84
C LEU A 1750 -30.38 -7.28 9.35
N LEU A 1751 -29.09 -7.38 9.00
CA LEU A 1751 -28.69 -7.45 7.59
C LEU A 1751 -29.13 -8.76 6.95
N GLN A 1752 -29.13 -9.86 7.71
CA GLN A 1752 -29.58 -11.13 7.17
C GLN A 1752 -31.04 -11.06 6.74
N HIS A 1753 -31.88 -10.43 7.55
CA HIS A 1753 -33.33 -10.41 7.34
C HIS A 1753 -33.77 -9.23 6.49
N ARG A 1754 -32.91 -8.73 5.59
CA ARG A 1754 -33.26 -7.58 4.77
C ARG A 1754 -34.45 -7.88 3.87
N SER A 1755 -34.51 -9.11 3.33
CA SER A 1755 -35.61 -9.48 2.46
C SER A 1755 -36.91 -9.59 3.27
N GLN A 1756 -37.95 -8.92 2.79
CA GLN A 1756 -39.24 -8.92 3.46
C GLN A 1756 -40.38 -8.89 2.44
N GLU A 1774 -55.01 -27.04 -25.40
CA GLU A 1774 -56.35 -26.79 -24.87
C GLU A 1774 -56.43 -27.21 -23.40
N ASP A 1775 -55.63 -28.21 -23.04
CA ASP A 1775 -55.60 -28.68 -21.66
C ASP A 1775 -55.17 -27.57 -20.71
N VAL A 1776 -54.28 -26.69 -21.18
CA VAL A 1776 -53.81 -25.59 -20.33
C VAL A 1776 -54.97 -24.69 -19.93
N ALA A 1777 -55.83 -24.35 -20.89
CA ALA A 1777 -56.95 -23.45 -20.61
C ALA A 1777 -57.92 -24.10 -19.63
N ARG A 1778 -58.24 -25.38 -19.82
CA ARG A 1778 -59.20 -26.04 -18.93
C ARG A 1778 -58.64 -26.19 -17.52
N GLU A 1779 -57.34 -26.50 -17.40
CA GLU A 1779 -56.78 -26.62 -16.05
C GLU A 1779 -56.66 -25.25 -15.39
N ARG A 1780 -56.37 -24.20 -16.16
CA ARG A 1780 -56.40 -22.86 -15.61
C ARG A 1780 -57.79 -22.51 -15.10
N GLU A 1781 -58.83 -22.87 -15.87
CA GLU A 1781 -60.20 -22.57 -15.44
C GLU A 1781 -60.58 -23.35 -14.19
N ARG A 1782 -60.20 -24.63 -14.12
CA ARG A 1782 -60.54 -25.41 -12.92
C ARG A 1782 -59.78 -24.89 -11.70
N VAL A 1783 -58.55 -24.43 -11.89
CA VAL A 1783 -57.81 -23.83 -10.78
C VAL A 1783 -58.48 -22.53 -10.32
N VAL A 1784 -58.91 -21.72 -11.28
CA VAL A 1784 -59.55 -20.44 -10.93
C VAL A 1784 -60.86 -20.67 -10.19
N GLN A 1785 -61.68 -21.60 -10.70
CA GLN A 1785 -63.01 -21.80 -10.10
C GLN A 1785 -62.95 -22.48 -8.74
N GLY A 1786 -61.92 -23.29 -8.49
CA GLY A 1786 -61.83 -23.99 -7.23
C GLY A 1786 -60.46 -24.61 -7.06
N ALA A 1787 -60.25 -25.18 -5.88
CA ALA A 1787 -58.99 -25.82 -5.52
C ALA A 1787 -59.24 -27.24 -5.06
N THR A 1788 -58.38 -28.16 -5.48
CA THR A 1788 -58.46 -29.55 -5.07
C THR A 1788 -57.71 -29.73 -3.75
N GLN A 1789 -58.40 -30.31 -2.77
CA GLN A 1789 -57.81 -30.45 -1.44
C GLN A 1789 -56.69 -31.48 -1.41
N GLY A 1790 -56.72 -32.45 -2.33
CA GLY A 1790 -55.70 -33.48 -2.33
C GLY A 1790 -54.36 -33.04 -2.88
N ASP A 1791 -54.34 -31.96 -3.68
CA ASP A 1791 -53.11 -31.54 -4.33
C ASP A 1791 -52.13 -30.99 -3.31
N VAL A 1792 -50.89 -31.50 -3.34
CA VAL A 1792 -49.88 -31.05 -2.40
C VAL A 1792 -49.44 -29.62 -2.72
N LEU A 1793 -49.17 -29.34 -3.99
CA LEU A 1793 -48.74 -28.02 -4.44
C LEU A 1793 -49.86 -27.40 -5.25
N VAL A 1794 -50.17 -26.13 -4.97
CA VAL A 1794 -51.15 -25.38 -5.75
C VAL A 1794 -50.53 -24.05 -6.11
N LEU A 1795 -50.59 -23.70 -7.39
CA LEU A 1795 -50.05 -22.44 -7.90
C LEU A 1795 -51.18 -21.61 -8.50
N ARG A 1796 -50.97 -20.30 -8.54
CA ARG A 1796 -52.01 -19.39 -9.04
C ARG A 1796 -51.34 -18.10 -9.50
N ASN A 1797 -51.40 -17.85 -10.81
CA ASN A 1797 -50.90 -16.60 -11.40
C ASN A 1797 -49.45 -16.33 -11.02
N LEU A 1798 -48.64 -17.37 -11.01
CA LEU A 1798 -47.23 -17.23 -10.67
C LEU A 1798 -46.55 -16.34 -11.70
N THR A 1799 -45.82 -15.32 -11.23
CA THR A 1799 -45.30 -14.31 -12.14
C THR A 1799 -43.99 -13.76 -11.60
N LYS A 1800 -43.06 -13.46 -12.51
CA LYS A 1800 -41.80 -12.79 -12.17
C LYS A 1800 -41.51 -11.74 -13.22
N VAL A 1801 -41.09 -10.56 -12.75
CA VAL A 1801 -40.73 -9.44 -13.61
C VAL A 1801 -39.35 -8.98 -13.16
N TYR A 1802 -38.32 -9.29 -13.94
CA TYR A 1802 -36.97 -8.83 -13.62
C TYR A 1802 -36.84 -7.33 -13.84
N ARG A 1803 -35.69 -6.80 -13.40
CA ARG A 1803 -35.42 -5.37 -13.48
C ARG A 1803 -34.89 -5.04 -14.87
N GLY A 1804 -35.68 -4.36 -15.68
CA GLY A 1804 -35.24 -3.88 -16.97
C GLY A 1804 -35.30 -4.89 -18.09
N GLN A 1805 -35.77 -6.11 -17.85
CA GLN A 1805 -35.84 -7.11 -18.91
C GLN A 1805 -36.96 -6.83 -19.90
N ARG A 1806 -37.93 -5.98 -19.53
CA ARG A 1806 -39.04 -5.58 -20.40
C ARG A 1806 -39.89 -6.77 -20.85
N MET A 1807 -39.76 -7.91 -20.16
CA MET A 1807 -40.53 -9.10 -20.49
C MET A 1807 -40.47 -10.04 -19.30
N PRO A 1808 -41.58 -10.71 -18.95
CA PRO A 1808 -41.57 -11.61 -17.79
C PRO A 1808 -40.88 -12.93 -18.13
N ALA A 1809 -39.93 -13.33 -17.29
CA ALA A 1809 -39.27 -14.62 -17.49
C ALA A 1809 -40.26 -15.76 -17.32
N VAL A 1810 -41.12 -15.68 -16.30
CA VAL A 1810 -42.21 -16.64 -16.10
C VAL A 1810 -43.47 -15.83 -15.79
N ASP A 1811 -44.52 -16.03 -16.58
CA ASP A 1811 -45.72 -15.21 -16.50
C ASP A 1811 -46.95 -16.10 -16.49
N ARG A 1812 -47.89 -15.79 -15.58
CA ARG A 1812 -49.20 -16.42 -15.51
C ARG A 1812 -49.09 -17.95 -15.51
N LEU A 1813 -48.48 -18.46 -14.45
CA LEU A 1813 -48.23 -19.89 -14.29
C LEU A 1813 -49.18 -20.47 -13.26
N CYS A 1814 -49.90 -21.53 -13.64
CA CYS A 1814 -50.80 -22.23 -12.74
C CYS A 1814 -50.60 -23.73 -12.92
N LEU A 1815 -50.88 -24.48 -11.86
CA LEU A 1815 -50.64 -25.92 -11.87
C LEU A 1815 -51.31 -26.55 -10.66
N GLY A 1816 -51.44 -27.87 -10.70
CA GLY A 1816 -51.89 -28.64 -9.57
C GLY A 1816 -51.30 -30.04 -9.61
N ILE A 1817 -50.67 -30.47 -8.52
CA ILE A 1817 -49.96 -31.74 -8.48
C ILE A 1817 -50.68 -32.65 -7.50
N PRO A 1818 -51.42 -33.66 -7.97
CA PRO A 1818 -51.92 -34.67 -7.05
C PRO A 1818 -50.78 -35.40 -6.38
N PRO A 1819 -50.95 -35.81 -5.13
CA PRO A 1819 -49.81 -36.35 -4.36
C PRO A 1819 -49.18 -37.59 -4.96
N GLY A 1820 -49.96 -38.44 -5.61
CA GLY A 1820 -49.49 -39.76 -6.00
C GLY A 1820 -48.74 -39.84 -7.32
N GLU A 1821 -48.47 -38.72 -7.98
CA GLU A 1821 -47.84 -38.74 -9.29
C GLU A 1821 -46.60 -37.85 -9.30
N CYS A 1822 -45.61 -38.27 -10.09
CA CYS A 1822 -44.38 -37.51 -10.29
C CYS A 1822 -44.53 -36.58 -11.49
N PHE A 1823 -44.05 -35.36 -11.34
CA PHE A 1823 -44.21 -34.33 -12.35
C PHE A 1823 -42.92 -34.16 -13.16
N GLY A 1824 -43.06 -33.53 -14.33
CA GLY A 1824 -41.90 -33.17 -15.13
C GLY A 1824 -42.10 -31.88 -15.90
N LEU A 1825 -41.07 -31.03 -15.92
CA LEU A 1825 -41.12 -29.77 -16.63
C LEU A 1825 -40.07 -29.78 -17.74
N LEU A 1826 -40.43 -29.22 -18.89
CA LEU A 1826 -39.54 -29.20 -20.05
C LEU A 1826 -39.49 -27.81 -20.65
N GLY A 1827 -38.36 -27.51 -21.29
CA GLY A 1827 -38.18 -26.24 -21.96
C GLY A 1827 -36.77 -26.04 -22.46
N VAL A 1828 -36.58 -25.13 -23.40
CA VAL A 1828 -35.24 -24.83 -23.90
C VAL A 1828 -34.57 -23.85 -22.94
N ASN A 1829 -33.23 -23.80 -23.00
CA ASN A 1829 -32.49 -22.88 -22.16
C ASN A 1829 -32.92 -21.45 -22.42
N GLY A 1830 -33.24 -20.72 -21.36
CA GLY A 1830 -33.80 -19.40 -21.47
C GLY A 1830 -35.30 -19.32 -21.29
N ALA A 1831 -35.97 -20.45 -21.07
CA ALA A 1831 -37.42 -20.44 -20.89
C ALA A 1831 -37.80 -19.90 -19.52
N GLY A 1832 -37.09 -20.31 -18.47
CA GLY A 1832 -37.38 -19.84 -17.13
C GLY A 1832 -37.69 -20.95 -16.15
N LYS A 1833 -37.22 -22.16 -16.43
CA LYS A 1833 -37.50 -23.29 -15.54
C LYS A 1833 -36.81 -23.12 -14.19
N THR A 1834 -35.54 -22.69 -14.19
CA THR A 1834 -34.84 -22.52 -12.93
C THR A 1834 -35.41 -21.36 -12.12
N SER A 1835 -35.90 -20.32 -12.79
CA SER A 1835 -36.56 -19.24 -12.07
C SER A 1835 -37.80 -19.73 -11.33
N THR A 1836 -38.61 -20.55 -12.00
CA THR A 1836 -39.79 -21.11 -11.35
C THR A 1836 -39.40 -22.05 -10.21
N PHE A 1837 -38.36 -22.86 -10.41
CA PHE A 1837 -37.90 -23.75 -9.35
C PHE A 1837 -37.48 -22.95 -8.12
N ARG A 1838 -36.66 -21.90 -8.33
CA ARG A 1838 -36.21 -21.08 -7.21
C ARG A 1838 -37.39 -20.40 -6.52
N MET A 1839 -38.35 -19.91 -7.31
CA MET A 1839 -39.49 -19.22 -6.71
C MET A 1839 -40.33 -20.16 -5.86
N VAL A 1840 -40.57 -21.38 -6.34
CA VAL A 1840 -41.37 -22.33 -5.59
C VAL A 1840 -40.63 -22.81 -4.35
N THR A 1841 -39.32 -23.04 -4.48
CA THR A 1841 -38.53 -23.50 -3.33
C THR A 1841 -38.53 -22.47 -2.21
N GLY A 1842 -38.41 -21.20 -2.56
CA GLY A 1842 -38.40 -20.12 -1.59
C GLY A 1842 -37.12 -19.32 -1.52
N ASP A 1843 -36.08 -19.69 -2.28
CA ASP A 1843 -34.84 -18.93 -2.28
C ASP A 1843 -35.02 -17.54 -2.90
N THR A 1844 -36.10 -17.32 -3.63
CA THR A 1844 -36.37 -16.04 -4.28
C THR A 1844 -37.82 -15.65 -4.05
N LEU A 1845 -38.07 -14.34 -4.10
CA LEU A 1845 -39.43 -13.83 -3.96
C LEU A 1845 -40.15 -13.89 -5.31
N ALA A 1846 -41.45 -13.60 -5.25
CA ALA A 1846 -42.30 -13.59 -6.44
C ALA A 1846 -42.80 -12.18 -6.70
N SER A 1847 -42.69 -11.74 -7.96
CA SER A 1847 -43.21 -10.42 -8.31
C SER A 1847 -44.73 -10.36 -8.16
N ARG A 1848 -45.41 -11.44 -8.54
CA ARG A 1848 -46.86 -11.53 -8.39
C ARG A 1848 -47.25 -12.99 -8.33
N GLY A 1849 -48.19 -13.30 -7.46
CA GLY A 1849 -48.66 -14.68 -7.32
C GLY A 1849 -47.92 -15.45 -6.25
N GLU A 1850 -48.64 -16.40 -5.65
CA GLU A 1850 -48.09 -17.19 -4.55
C GLU A 1850 -48.47 -18.65 -4.74
N ALA A 1851 -47.61 -19.53 -4.22
CA ALA A 1851 -47.80 -20.97 -4.31
C ALA A 1851 -47.95 -21.53 -2.90
N VAL A 1852 -48.96 -22.38 -2.71
CA VAL A 1852 -49.27 -22.95 -1.41
C VAL A 1852 -48.93 -24.43 -1.43
N LEU A 1853 -48.28 -24.90 -0.35
CA LEU A 1853 -47.84 -26.28 -0.23
C LEU A 1853 -48.49 -26.88 1.01
N ALA A 1854 -49.38 -27.86 0.80
CA ALA A 1854 -50.07 -28.56 1.89
C ALA A 1854 -50.81 -27.58 2.79
N GLY A 1855 -51.40 -26.56 2.20
CA GLY A 1855 -52.15 -25.57 2.95
C GLY A 1855 -51.32 -24.56 3.70
N HIS A 1856 -50.00 -24.54 3.48
CA HIS A 1856 -49.08 -23.65 4.20
C HIS A 1856 -48.34 -22.80 3.18
N SER A 1857 -48.77 -21.55 3.03
CA SER A 1857 -48.12 -20.64 2.10
C SER A 1857 -46.69 -20.36 2.55
N VAL A 1858 -45.82 -20.09 1.58
CA VAL A 1858 -44.41 -19.85 1.87
C VAL A 1858 -44.25 -18.59 2.71
N ALA A 1859 -44.91 -17.50 2.29
CA ALA A 1859 -44.74 -16.22 2.98
C ALA A 1859 -45.46 -16.20 4.31
N ARG A 1860 -46.61 -16.88 4.40
CA ARG A 1860 -47.46 -16.79 5.58
C ARG A 1860 -46.81 -17.44 6.80
N GLU A 1861 -46.14 -18.58 6.60
CA GLU A 1861 -45.27 -19.16 7.62
C GLU A 1861 -44.28 -20.12 6.94
N PRO A 1862 -43.03 -19.68 6.74
CA PRO A 1862 -42.10 -20.49 5.94
C PRO A 1862 -41.62 -21.76 6.65
N SER A 1863 -41.66 -21.80 7.98
CA SER A 1863 -41.00 -22.89 8.71
C SER A 1863 -41.63 -24.24 8.40
N ALA A 1864 -42.96 -24.34 8.52
CA ALA A 1864 -43.61 -25.62 8.24
C ALA A 1864 -43.51 -25.97 6.77
N ALA A 1865 -43.38 -24.96 5.91
CA ALA A 1865 -43.11 -25.21 4.50
C ALA A 1865 -41.78 -25.93 4.33
N HIS A 1866 -40.70 -25.37 4.89
CA HIS A 1866 -39.39 -25.99 4.72
C HIS A 1866 -39.23 -27.29 5.51
N LEU A 1867 -40.14 -27.58 6.45
CA LEU A 1867 -40.02 -28.84 7.18
C LEU A 1867 -40.08 -30.05 6.25
N SER A 1868 -40.88 -29.98 5.18
CA SER A 1868 -41.16 -31.15 4.35
C SER A 1868 -40.87 -30.86 2.88
N MET A 1869 -39.70 -30.30 2.60
CA MET A 1869 -39.22 -30.10 1.23
C MET A 1869 -37.81 -30.62 1.10
N GLY A 1870 -37.56 -31.43 0.07
CA GLY A 1870 -36.22 -31.91 -0.20
C GLY A 1870 -35.55 -31.19 -1.35
N TYR A 1871 -34.62 -30.29 -1.04
CA TYR A 1871 -34.01 -29.43 -2.06
C TYR A 1871 -32.87 -30.19 -2.74
N CYS A 1872 -32.90 -30.22 -4.08
CA CYS A 1872 -31.75 -30.71 -4.85
C CYS A 1872 -31.51 -29.82 -6.06
N PRO A 1873 -30.42 -29.06 -6.07
CA PRO A 1873 -30.11 -28.20 -7.20
C PRO A 1873 -29.17 -28.87 -8.21
N GLN A 1874 -28.97 -28.18 -9.33
CA GLN A 1874 -27.94 -28.60 -10.28
C GLN A 1874 -26.56 -28.49 -9.66
N SER A 1875 -26.31 -27.40 -8.93
CA SER A 1875 -25.02 -27.21 -8.26
C SER A 1875 -24.88 -28.18 -7.10
N ASP A 1876 -23.62 -28.38 -6.68
CA ASP A 1876 -23.29 -29.29 -5.59
C ASP A 1876 -23.20 -28.47 -4.31
N ALA A 1877 -24.25 -28.51 -3.50
CA ALA A 1877 -24.30 -27.73 -2.26
C ALA A 1877 -23.80 -28.58 -1.09
N ILE A 1878 -22.48 -28.79 -1.08
CA ILE A 1878 -21.81 -29.55 -0.02
C ILE A 1878 -20.55 -28.81 0.40
N PHE A 1879 -20.05 -29.18 1.58
CA PHE A 1879 -18.77 -28.69 2.08
C PHE A 1879 -17.72 -29.74 1.77
N GLU A 1880 -16.78 -29.40 0.87
CA GLU A 1880 -15.78 -30.38 0.44
C GLU A 1880 -14.89 -30.81 1.60
N LEU A 1881 -14.73 -29.97 2.61
CA LEU A 1881 -13.89 -30.33 3.75
C LEU A 1881 -14.45 -31.52 4.52
N LEU A 1882 -15.76 -31.53 4.75
CA LEU A 1882 -16.38 -32.66 5.42
C LEU A 1882 -16.48 -33.85 4.47
N THR A 1883 -17.06 -34.94 4.97
CA THR A 1883 -17.37 -36.10 4.16
C THR A 1883 -18.87 -36.18 3.92
N GLY A 1884 -19.24 -36.93 2.88
CA GLY A 1884 -20.65 -37.06 2.55
C GLY A 1884 -21.46 -37.68 3.67
N ARG A 1885 -20.93 -38.75 4.28
CA ARG A 1885 -21.63 -39.36 5.41
C ARG A 1885 -21.77 -38.36 6.55
N GLU A 1886 -20.74 -37.55 6.79
CA GLU A 1886 -20.80 -36.55 7.84
C GLU A 1886 -21.89 -35.53 7.57
N HIS A 1887 -22.02 -35.09 6.31
CA HIS A 1887 -23.15 -34.26 5.93
C HIS A 1887 -24.46 -34.96 6.24
N LEU A 1888 -24.51 -36.27 6.02
CA LEU A 1888 -25.75 -37.01 6.24
C LEU A 1888 -26.12 -37.00 7.73
N GLU A 1889 -25.18 -37.32 8.61
CA GLU A 1889 -25.54 -37.28 10.04
C GLU A 1889 -25.79 -35.85 10.50
N LEU A 1890 -25.13 -34.86 9.90
CA LEU A 1890 -25.41 -33.48 10.26
C LEU A 1890 -26.86 -33.12 9.97
N LEU A 1891 -27.32 -33.45 8.76
CA LEU A 1891 -28.71 -33.17 8.42
C LEU A 1891 -29.67 -34.01 9.25
N ALA A 1892 -29.27 -35.25 9.58
CA ALA A 1892 -30.13 -36.09 10.42
C ALA A 1892 -30.29 -35.48 11.81
N ARG A 1893 -29.21 -34.98 12.39
CA ARG A 1893 -29.28 -34.38 13.72
C ARG A 1893 -30.03 -33.05 13.68
N LEU A 1894 -29.86 -32.29 12.59
CA LEU A 1894 -30.62 -31.04 12.46
C LEU A 1894 -32.11 -31.30 12.34
N ARG A 1895 -32.49 -32.34 11.58
CA ARG A 1895 -33.90 -32.64 11.38
C ARG A 1895 -34.59 -33.05 12.68
N GLY A 1896 -33.93 -33.89 13.48
CA GLY A 1896 -34.50 -34.34 14.72
C GLY A 1896 -34.59 -35.85 14.86
N VAL A 1897 -33.82 -36.56 14.06
CA VAL A 1897 -33.81 -38.02 14.13
C VAL A 1897 -33.17 -38.45 15.45
N PRO A 1898 -33.74 -39.42 16.17
CA PRO A 1898 -33.12 -39.88 17.41
C PRO A 1898 -31.71 -40.40 17.17
N GLU A 1899 -30.83 -40.11 18.13
CA GLU A 1899 -29.40 -40.35 17.94
C GLU A 1899 -29.10 -41.84 17.78
N ALA A 1900 -29.77 -42.68 18.56
CA ALA A 1900 -29.48 -44.12 18.54
C ALA A 1900 -29.68 -44.74 17.16
N GLN A 1901 -30.50 -44.13 16.31
CA GLN A 1901 -30.71 -44.60 14.96
C GLN A 1901 -29.98 -43.77 13.91
N VAL A 1902 -29.40 -42.62 14.29
CA VAL A 1902 -28.80 -41.73 13.31
C VAL A 1902 -27.74 -42.45 12.49
N ALA A 1903 -26.82 -43.13 13.17
CA ALA A 1903 -25.80 -43.91 12.46
C ALA A 1903 -26.45 -44.94 11.55
N GLN A 1904 -27.48 -45.64 12.05
CA GLN A 1904 -28.20 -46.58 11.22
C GLN A 1904 -28.80 -45.88 10.00
N THR A 1905 -29.36 -44.67 10.22
CA THR A 1905 -29.88 -43.89 9.10
C THR A 1905 -28.80 -43.71 8.04
N ALA A 1906 -27.56 -43.46 8.48
CA ALA A 1906 -26.44 -43.32 7.55
C ALA A 1906 -26.38 -44.51 6.61
N GLY A 1907 -26.46 -45.73 7.17
CA GLY A 1907 -26.48 -46.91 6.32
C GLY A 1907 -27.60 -46.86 5.31
N SER A 1908 -28.82 -46.55 5.78
CA SER A 1908 -29.92 -46.37 4.85
C SER A 1908 -29.61 -45.25 3.87
N GLY A 1909 -29.04 -44.15 4.38
CA GLY A 1909 -28.67 -43.04 3.51
C GLY A 1909 -27.70 -43.42 2.42
N LEU A 1910 -26.97 -44.52 2.60
CA LEU A 1910 -26.18 -45.06 1.50
C LEU A 1910 -26.80 -46.31 0.88
N ALA A 1911 -27.59 -47.06 1.64
CA ALA A 1911 -28.16 -48.29 1.12
C ALA A 1911 -29.06 -48.03 -0.08
N ARG A 1912 -29.72 -46.88 -0.10
CA ARG A 1912 -30.57 -46.52 -1.24
C ARG A 1912 -29.77 -46.00 -2.42
N LEU A 1913 -28.53 -45.55 -2.21
CA LEU A 1913 -27.73 -44.99 -3.29
C LEU A 1913 -26.29 -45.50 -3.25
N GLY A 1914 -26.08 -46.75 -2.85
CA GLY A 1914 -24.76 -47.33 -2.84
C GLY A 1914 -23.82 -46.67 -1.85
N LEU A 1915 -22.87 -45.89 -2.35
CA LEU A 1915 -21.97 -45.06 -1.55
C LEU A 1915 -21.13 -45.86 -0.56
N SER A 1916 -21.13 -47.19 -0.65
CA SER A 1916 -20.35 -48.00 0.28
C SER A 1916 -18.86 -47.82 0.05
N TRP A 1917 -18.42 -47.83 -1.21
CA TRP A 1917 -17.01 -47.64 -1.51
C TRP A 1917 -16.57 -46.20 -1.28
N TYR A 1918 -17.48 -45.24 -1.44
CA TYR A 1918 -17.16 -43.82 -1.27
C TYR A 1918 -17.57 -43.29 0.09
N ALA A 1919 -17.99 -44.16 1.02
CA ALA A 1919 -18.40 -43.69 2.34
C ALA A 1919 -17.21 -43.12 3.12
N ASP A 1920 -16.11 -43.87 3.19
CA ASP A 1920 -14.98 -43.43 4.00
C ASP A 1920 -14.26 -42.23 3.38
N ARG A 1921 -14.27 -42.12 2.06
CA ARG A 1921 -13.56 -41.03 1.40
C ARG A 1921 -14.23 -39.70 1.74
N PRO A 1922 -13.45 -38.62 1.88
CA PRO A 1922 -14.04 -37.30 2.11
C PRO A 1922 -14.82 -36.83 0.89
N ALA A 1923 -15.77 -35.94 1.15
CA ALA A 1923 -16.61 -35.42 0.07
C ALA A 1923 -15.80 -34.66 -0.98
N GLY A 1924 -14.62 -34.16 -0.62
CA GLY A 1924 -13.81 -33.45 -1.60
C GLY A 1924 -13.29 -34.36 -2.70
N THR A 1925 -12.83 -35.56 -2.34
CA THR A 1925 -12.23 -36.49 -3.31
C THR A 1925 -13.26 -37.54 -3.73
N TYR A 1926 -14.18 -37.12 -4.59
CA TYR A 1926 -15.21 -37.98 -5.16
C TYR A 1926 -15.18 -37.89 -6.68
N SER A 1927 -16.19 -38.47 -7.31
CA SER A 1927 -16.35 -38.41 -8.76
C SER A 1927 -17.33 -37.30 -9.13
N GLY A 1928 -17.51 -37.09 -10.43
CA GLY A 1928 -18.41 -36.05 -10.89
C GLY A 1928 -19.85 -36.31 -10.49
N GLY A 1929 -20.32 -37.53 -10.71
CA GLY A 1929 -21.67 -37.90 -10.34
C GLY A 1929 -21.89 -38.19 -8.87
N ASN A 1930 -20.80 -38.40 -8.13
CA ASN A 1930 -20.92 -38.63 -6.69
C ASN A 1930 -21.52 -37.42 -6.00
N LYS A 1931 -21.10 -36.22 -6.40
CA LYS A 1931 -21.68 -35.01 -5.80
C LYS A 1931 -23.17 -34.91 -6.09
N ARG A 1932 -23.59 -35.22 -7.32
CA ARG A 1932 -25.01 -35.15 -7.67
C ARG A 1932 -25.82 -36.17 -6.88
N LYS A 1933 -25.33 -37.41 -6.80
CA LYS A 1933 -26.07 -38.41 -6.04
C LYS A 1933 -26.07 -38.11 -4.55
N LEU A 1934 -25.00 -37.49 -4.05
CA LEU A 1934 -24.97 -37.06 -2.65
C LEU A 1934 -25.99 -35.97 -2.39
N ALA A 1935 -26.12 -35.01 -3.31
CA ALA A 1935 -27.13 -33.98 -3.16
C ALA A 1935 -28.53 -34.59 -3.19
N THR A 1936 -28.74 -35.56 -4.08
CA THR A 1936 -30.04 -36.24 -4.13
C THR A 1936 -30.33 -36.96 -2.81
N ALA A 1937 -29.33 -37.66 -2.27
CA ALA A 1937 -29.51 -38.37 -1.01
C ALA A 1937 -29.80 -37.40 0.13
N LEU A 1938 -29.09 -36.27 0.17
CA LEU A 1938 -29.33 -35.28 1.21
C LEU A 1938 -30.73 -34.69 1.09
N ALA A 1939 -31.20 -34.48 -0.14
CA ALA A 1939 -32.58 -34.04 -0.32
C ALA A 1939 -33.56 -35.09 0.18
N LEU A 1940 -33.27 -36.37 -0.10
CA LEU A 1940 -34.21 -37.44 0.25
C LEU A 1940 -34.16 -37.77 1.74
N VAL A 1941 -32.98 -37.71 2.35
CA VAL A 1941 -32.85 -38.08 3.76
C VAL A 1941 -33.63 -37.08 4.61
N GLY A 1942 -34.40 -37.61 5.57
CA GLY A 1942 -35.36 -36.83 6.32
C GLY A 1942 -36.79 -37.03 5.89
N ASP A 1943 -37.00 -37.67 4.74
CA ASP A 1943 -38.34 -38.00 4.24
C ASP A 1943 -39.25 -36.78 4.11
N PRO A 1944 -38.88 -35.81 3.28
CA PRO A 1944 -39.78 -34.66 3.06
C PRO A 1944 -41.02 -35.09 2.28
N ALA A 1945 -42.10 -34.35 2.48
CA ALA A 1945 -43.35 -34.67 1.80
C ALA A 1945 -43.20 -34.56 0.29
N VAL A 1946 -42.50 -33.53 -0.20
CA VAL A 1946 -42.27 -33.30 -1.62
C VAL A 1946 -40.78 -33.06 -1.84
N VAL A 1947 -40.26 -33.60 -2.93
CA VAL A 1947 -38.83 -33.53 -3.23
C VAL A 1947 -38.65 -32.78 -4.55
N PHE A 1948 -37.90 -31.68 -4.50
CA PHE A 1948 -37.64 -30.85 -5.67
C PHE A 1948 -36.26 -31.16 -6.22
N LEU A 1949 -36.17 -31.38 -7.53
CA LEU A 1949 -34.90 -31.64 -8.19
C LEU A 1949 -34.81 -30.81 -9.46
N ASP A 1950 -33.72 -30.04 -9.58
CA ASP A 1950 -33.45 -29.25 -10.77
C ASP A 1950 -32.30 -29.90 -11.54
N GLU A 1951 -32.61 -30.46 -12.70
CA GLU A 1951 -31.64 -31.16 -13.53
C GLU A 1951 -30.81 -32.16 -12.72
N PRO A 1952 -31.45 -33.21 -12.17
CA PRO A 1952 -30.71 -34.14 -11.32
C PRO A 1952 -29.58 -34.88 -12.02
N THR A 1953 -29.74 -35.19 -13.31
CA THR A 1953 -28.71 -35.91 -14.07
C THR A 1953 -28.36 -35.11 -15.31
N THR A 1954 -27.07 -34.79 -15.47
CA THR A 1954 -26.56 -34.13 -16.66
C THR A 1954 -25.32 -34.90 -17.14
N GLY A 1955 -25.56 -35.96 -17.91
CA GLY A 1955 -24.49 -36.69 -18.57
C GLY A 1955 -23.48 -37.38 -17.67
N MET A 1956 -23.94 -38.12 -16.66
CA MET A 1956 -23.05 -38.94 -15.86
C MET A 1956 -23.14 -40.40 -16.29
N ASP A 1957 -22.51 -41.28 -15.52
CA ASP A 1957 -22.51 -42.70 -15.82
C ASP A 1957 -23.93 -43.26 -15.72
N PRO A 1958 -24.28 -44.23 -16.55
CA PRO A 1958 -25.64 -44.79 -16.51
C PRO A 1958 -26.00 -45.39 -15.15
N SER A 1959 -25.03 -45.88 -14.39
CA SER A 1959 -25.34 -46.46 -13.08
C SER A 1959 -25.94 -45.40 -12.15
N ALA A 1960 -25.39 -44.18 -12.18
CA ALA A 1960 -25.90 -43.12 -11.32
C ALA A 1960 -27.35 -42.78 -11.68
N ARG A 1961 -27.66 -42.68 -12.96
CA ARG A 1961 -29.03 -42.35 -13.35
C ARG A 1961 -29.98 -43.51 -13.08
N ARG A 1962 -29.51 -44.75 -13.19
CA ARG A 1962 -30.34 -45.89 -12.79
C ARG A 1962 -30.66 -45.84 -11.29
N PHE A 1963 -29.66 -45.53 -10.47
CA PHE A 1963 -29.89 -45.43 -9.04
C PHE A 1963 -30.85 -44.29 -8.70
N LEU A 1964 -30.70 -43.15 -9.38
CA LEU A 1964 -31.64 -42.04 -9.19
C LEU A 1964 -33.04 -42.44 -9.61
N TRP A 1965 -33.17 -43.17 -10.73
CA TRP A 1965 -34.45 -43.70 -11.16
C TRP A 1965 -35.08 -44.56 -10.07
N ASN A 1966 -34.29 -45.46 -9.50
CA ASN A 1966 -34.81 -46.34 -8.45
C ASN A 1966 -35.25 -45.55 -7.23
N SER A 1967 -34.46 -44.57 -6.81
CA SER A 1967 -34.79 -43.76 -5.64
C SER A 1967 -36.09 -42.99 -5.87
N LEU A 1968 -36.22 -42.37 -7.04
CA LEU A 1968 -37.43 -41.61 -7.32
C LEU A 1968 -38.64 -42.51 -7.48
N LEU A 1969 -38.47 -43.70 -8.05
CA LEU A 1969 -39.56 -44.67 -8.11
C LEU A 1969 -40.00 -45.06 -6.72
N ALA A 1970 -39.05 -45.30 -5.82
CA ALA A 1970 -39.40 -45.63 -4.44
C ALA A 1970 -40.21 -44.51 -3.81
N VAL A 1971 -39.70 -43.27 -3.91
CA VAL A 1971 -40.39 -42.17 -3.25
C VAL A 1971 -41.73 -41.88 -3.91
N VAL A 1972 -41.93 -42.34 -5.15
CA VAL A 1972 -43.22 -42.07 -5.78
C VAL A 1972 -44.24 -43.16 -5.47
N ARG A 1973 -43.82 -44.42 -5.29
CA ARG A 1973 -44.85 -45.36 -4.87
C ARG A 1973 -44.90 -45.57 -3.36
N GLU A 1974 -44.16 -44.79 -2.58
CA GLU A 1974 -44.47 -44.65 -1.16
C GLU A 1974 -45.43 -43.51 -0.87
N GLY A 1975 -46.07 -42.96 -1.90
CA GLY A 1975 -47.08 -41.93 -1.69
C GLY A 1975 -46.55 -40.53 -1.54
N ARG A 1976 -45.44 -40.20 -2.19
CA ARG A 1976 -44.83 -38.89 -2.07
C ARG A 1976 -44.51 -38.34 -3.45
N SER A 1977 -44.49 -37.01 -3.56
CA SER A 1977 -44.43 -36.33 -4.85
C SER A 1977 -43.05 -35.74 -5.11
N VAL A 1978 -42.66 -35.73 -6.38
CA VAL A 1978 -41.39 -35.21 -6.84
C VAL A 1978 -41.66 -34.17 -7.93
N MET A 1979 -41.01 -33.02 -7.81
CA MET A 1979 -41.03 -32.00 -8.84
C MET A 1979 -39.66 -32.02 -9.51
N LEU A 1980 -39.58 -32.68 -10.66
CA LEU A 1980 -38.33 -32.87 -11.38
C LEU A 1980 -38.30 -32.00 -12.63
N THR A 1981 -37.17 -31.34 -12.85
CA THR A 1981 -36.94 -30.58 -14.08
C THR A 1981 -35.72 -31.16 -14.79
N SER A 1982 -35.85 -31.40 -16.10
CA SER A 1982 -34.75 -31.99 -16.86
C SER A 1982 -34.99 -31.74 -18.35
N HIS A 1983 -34.11 -32.30 -19.17
CA HIS A 1983 -34.19 -32.24 -20.63
C HIS A 1983 -34.32 -33.60 -21.29
N SER A 1984 -33.55 -34.59 -20.84
CA SER A 1984 -33.52 -35.90 -21.49
C SER A 1984 -34.92 -36.50 -21.54
N MET A 1985 -35.44 -36.67 -22.74
CA MET A 1985 -36.84 -37.05 -22.90
C MET A 1985 -37.09 -38.51 -22.54
N GLU A 1986 -36.12 -39.39 -22.74
CA GLU A 1986 -36.33 -40.79 -22.38
C GLU A 1986 -36.48 -40.97 -20.87
N GLU A 1987 -35.73 -40.19 -20.08
CA GLU A 1987 -35.90 -40.25 -18.64
C GLU A 1987 -37.28 -39.76 -18.21
N CYS A 1988 -37.78 -38.70 -18.86
CA CYS A 1988 -39.13 -38.23 -18.57
C CYS A 1988 -40.17 -39.28 -18.94
N GLU A 1989 -39.98 -39.96 -20.09
CA GLU A 1989 -40.89 -41.03 -20.47
C GLU A 1989 -40.87 -42.16 -19.45
N ALA A 1990 -39.68 -42.54 -18.98
CA ALA A 1990 -39.53 -43.70 -18.11
C ALA A 1990 -40.00 -43.43 -16.68
N LEU A 1991 -39.79 -42.21 -16.17
CA LEU A 1991 -40.04 -41.93 -14.76
C LEU A 1991 -41.38 -41.25 -14.51
N CYS A 1992 -41.60 -40.08 -15.11
CA CYS A 1992 -42.70 -39.24 -14.70
C CYS A 1992 -44.02 -39.73 -15.29
N SER A 1993 -45.12 -39.13 -14.81
CA SER A 1993 -46.45 -39.42 -15.30
C SER A 1993 -47.16 -38.20 -15.86
N ARG A 1994 -46.63 -37.00 -15.64
CA ARG A 1994 -47.15 -35.78 -16.25
C ARG A 1994 -46.00 -34.94 -16.75
N LEU A 1995 -46.19 -34.33 -17.92
CA LEU A 1995 -45.17 -33.50 -18.54
C LEU A 1995 -45.79 -32.16 -18.94
N ALA A 1996 -45.09 -31.08 -18.60
CA ALA A 1996 -45.53 -29.74 -18.97
C ALA A 1996 -44.40 -29.05 -19.73
N ILE A 1997 -44.69 -28.58 -20.93
CA ILE A 1997 -43.70 -27.94 -21.79
C ILE A 1997 -43.96 -26.43 -21.79
N MET A 1998 -42.92 -25.66 -21.53
CA MET A 1998 -43.02 -24.21 -21.43
C MET A 1998 -41.96 -23.55 -22.29
N VAL A 1999 -42.37 -22.53 -23.05
CA VAL A 1999 -41.47 -21.69 -23.82
C VAL A 1999 -41.95 -20.26 -23.69
N ASN A 2000 -41.00 -19.32 -23.60
CA ASN A 2000 -41.30 -17.90 -23.43
C ASN A 2000 -42.11 -17.64 -22.16
N GLY A 2001 -41.89 -18.45 -21.14
CA GLY A 2001 -42.60 -18.30 -19.88
C GLY A 2001 -44.09 -18.58 -19.95
N ARG A 2002 -44.49 -19.67 -20.63
CA ARG A 2002 -45.89 -20.02 -20.73
C ARG A 2002 -46.01 -21.48 -21.14
N PHE A 2003 -46.95 -22.18 -20.53
CA PHE A 2003 -47.22 -23.58 -20.90
C PHE A 2003 -47.86 -23.67 -22.29
N ARG A 2004 -47.62 -24.80 -22.95
CA ARG A 2004 -48.15 -25.05 -24.28
C ARG A 2004 -49.11 -26.23 -24.33
N CYS A 2005 -48.69 -27.41 -23.86
CA CYS A 2005 -49.51 -28.61 -23.97
C CYS A 2005 -50.11 -29.02 -22.63
N LEU A 2006 -49.28 -29.28 -21.61
CA LEU A 2006 -49.73 -29.59 -20.25
C LEU A 2006 -50.66 -30.81 -20.25
N GLY A 2007 -50.07 -31.96 -20.59
CA GLY A 2007 -50.80 -33.20 -20.61
C GLY A 2007 -49.90 -34.38 -20.29
N SER A 2008 -50.56 -35.52 -20.08
CA SER A 2008 -49.84 -36.76 -19.81
C SER A 2008 -49.11 -37.24 -21.05
N PRO A 2009 -48.04 -38.04 -20.88
CA PRO A 2009 -47.27 -38.48 -22.06
C PRO A 2009 -48.08 -39.25 -23.08
N GLN A 2010 -48.95 -40.17 -22.65
CA GLN A 2010 -49.71 -40.97 -23.61
C GLN A 2010 -50.76 -40.13 -24.31
N HIS A 2011 -51.39 -39.21 -23.59
CA HIS A 2011 -52.36 -38.31 -24.22
C HIS A 2011 -51.70 -37.47 -25.31
N LEU A 2012 -50.51 -36.94 -25.03
CA LEU A 2012 -49.77 -36.19 -26.04
C LEU A 2012 -49.37 -37.09 -27.22
N LYS A 2013 -48.90 -38.30 -26.93
CA LYS A 2013 -48.47 -39.20 -27.99
C LYS A 2013 -49.63 -39.55 -28.92
N GLY A 2014 -50.82 -39.77 -28.36
CA GLY A 2014 -51.97 -40.09 -29.19
C GLY A 2014 -52.61 -38.90 -29.85
N ARG A 2015 -52.46 -37.70 -29.28
CA ARG A 2015 -53.15 -36.53 -29.82
C ARG A 2015 -52.49 -36.04 -31.10
N PHE A 2016 -51.17 -36.01 -31.16
CA PHE A 2016 -50.44 -35.47 -32.30
C PHE A 2016 -49.29 -36.32 -32.79
N ALA A 2017 -48.72 -37.20 -31.99
CA ALA A 2017 -47.60 -38.03 -32.44
C ALA A 2017 -48.07 -39.30 -33.13
N ALA A 2018 -48.96 -39.15 -34.11
CA ALA A 2018 -49.49 -40.25 -34.88
C ALA A 2018 -49.66 -39.83 -36.32
N GLY A 2019 -49.37 -40.74 -37.25
CA GLY A 2019 -49.45 -40.46 -38.67
C GLY A 2019 -48.10 -40.59 -39.34
N HIS A 2020 -47.86 -39.75 -40.34
CA HIS A 2020 -46.58 -39.74 -41.03
C HIS A 2020 -46.30 -38.35 -41.59
N THR A 2021 -45.03 -38.01 -41.62
CA THR A 2021 -44.53 -36.77 -42.19
C THR A 2021 -43.56 -37.09 -43.33
N LEU A 2022 -43.57 -36.26 -44.35
CA LEU A 2022 -42.78 -36.51 -45.56
C LEU A 2022 -41.67 -35.47 -45.68
N THR A 2023 -40.47 -35.92 -46.03
CA THR A 2023 -39.34 -35.06 -46.28
C THR A 2023 -38.87 -35.28 -47.71
N LEU A 2024 -38.74 -34.19 -48.47
CA LEU A 2024 -38.31 -34.25 -49.85
C LEU A 2024 -36.98 -33.53 -50.01
N ARG A 2025 -36.12 -34.07 -50.88
CA ARG A 2025 -34.81 -33.51 -51.15
C ARG A 2025 -34.88 -32.85 -52.53
N VAL A 2026 -35.29 -31.59 -52.55
CA VAL A 2026 -35.40 -30.81 -53.79
C VAL A 2026 -34.15 -29.97 -53.95
N PRO A 2027 -33.38 -30.14 -55.03
CA PRO A 2027 -32.22 -29.25 -55.25
C PRO A 2027 -32.59 -27.94 -55.90
N ALA A 2028 -33.78 -27.82 -56.48
CA ALA A 2028 -34.18 -26.59 -57.16
C ALA A 2028 -34.45 -25.45 -56.18
N ALA A 2029 -34.65 -25.76 -54.90
CA ALA A 2029 -34.96 -24.75 -53.88
C ALA A 2029 -36.19 -23.94 -54.27
N ARG A 2030 -37.17 -24.61 -54.87
CA ARG A 2030 -38.40 -23.97 -55.34
C ARG A 2030 -39.57 -24.51 -54.53
N SER A 2031 -40.28 -23.60 -53.85
CA SER A 2031 -41.38 -24.01 -52.99
C SER A 2031 -42.63 -24.38 -53.79
N GLN A 2032 -42.94 -23.62 -54.83
CA GLN A 2032 -44.20 -23.83 -55.56
C GLN A 2032 -44.29 -25.19 -56.23
N PRO A 2033 -43.30 -25.66 -57.01
CA PRO A 2033 -43.47 -26.98 -57.66
C PRO A 2033 -43.71 -28.12 -56.69
N ALA A 2034 -43.03 -28.11 -55.54
CA ALA A 2034 -43.22 -29.18 -54.56
C ALA A 2034 -44.51 -29.01 -53.78
N ALA A 2035 -44.92 -27.76 -53.52
CA ALA A 2035 -46.10 -27.51 -52.70
C ALA A 2035 -47.40 -27.73 -53.46
N ALA A 2036 -47.43 -27.40 -54.76
CA ALA A 2036 -48.70 -27.38 -55.49
C ALA A 2036 -49.33 -28.78 -55.55
N PHE A 2037 -48.57 -29.78 -56.01
CA PHE A 2037 -49.14 -31.10 -56.16
C PHE A 2037 -49.42 -31.77 -54.82
N VAL A 2038 -48.59 -31.50 -53.81
CA VAL A 2038 -48.84 -32.04 -52.47
C VAL A 2038 -50.13 -31.48 -51.91
N ALA A 2039 -50.35 -30.17 -52.07
CA ALA A 2039 -51.60 -29.58 -51.60
C ALA A 2039 -52.79 -30.06 -52.43
N ALA A 2040 -52.59 -30.33 -53.71
CA ALA A 2040 -53.68 -30.81 -54.55
C ALA A 2040 -54.11 -32.22 -54.15
N GLU A 2041 -53.16 -33.16 -54.10
CA GLU A 2041 -53.51 -34.54 -53.76
C GLU A 2041 -53.88 -34.66 -52.29
N PHE A 2042 -53.06 -34.10 -51.40
CA PHE A 2042 -53.29 -34.21 -49.98
C PHE A 2042 -53.89 -32.91 -49.45
N PRO A 2043 -55.07 -32.94 -48.84
CA PRO A 2043 -55.68 -31.69 -48.35
C PRO A 2043 -54.81 -30.96 -47.33
N GLY A 2044 -54.08 -31.68 -46.49
CA GLY A 2044 -53.23 -31.07 -45.49
C GLY A 2044 -51.77 -31.14 -45.88
N ALA A 2045 -51.18 -29.96 -46.08
CA ALA A 2045 -49.79 -29.82 -46.53
C ALA A 2045 -49.06 -28.77 -45.71
N GLU A 2046 -49.19 -28.85 -44.39
CA GLU A 2046 -48.57 -27.87 -43.51
C GLU A 2046 -47.04 -27.93 -43.63
N LEU A 2047 -46.40 -26.78 -43.54
CA LEU A 2047 -44.97 -26.66 -43.78
C LEU A 2047 -44.18 -26.83 -42.49
N ARG A 2048 -43.00 -27.44 -42.61
CA ARG A 2048 -42.04 -27.51 -41.52
C ARG A 2048 -40.65 -27.29 -42.11
N GLU A 2049 -39.87 -26.43 -41.45
CA GLU A 2049 -38.50 -26.09 -41.83
C GLU A 2049 -38.36 -25.97 -43.36
N ALA A 2050 -39.11 -25.03 -43.91
CA ALA A 2050 -39.10 -24.78 -45.35
C ALA A 2050 -37.79 -24.09 -45.72
N HIS A 2051 -36.79 -24.89 -46.10
CA HIS A 2051 -35.50 -24.38 -46.52
C HIS A 2051 -35.22 -24.87 -47.93
N GLY A 2052 -34.12 -24.35 -48.50
CA GLY A 2052 -33.79 -24.70 -49.88
C GLY A 2052 -33.52 -26.18 -50.06
N GLY A 2053 -32.74 -26.78 -49.15
CA GLY A 2053 -32.38 -28.17 -49.30
C GLY A 2053 -33.54 -29.12 -49.04
N ARG A 2054 -34.27 -28.91 -47.95
CA ARG A 2054 -35.30 -29.86 -47.52
C ARG A 2054 -36.52 -29.11 -47.01
N LEU A 2055 -37.66 -29.80 -47.05
CA LEU A 2055 -38.93 -29.30 -46.52
C LEU A 2055 -39.70 -30.48 -45.96
N ARG A 2056 -40.31 -30.29 -44.78
CA ARG A 2056 -41.07 -31.35 -44.13
C ARG A 2056 -42.56 -31.03 -44.20
N PHE A 2057 -43.37 -32.08 -44.30
CA PHE A 2057 -44.79 -31.95 -44.57
C PHE A 2057 -45.60 -32.52 -43.42
N GLN A 2058 -46.66 -31.81 -43.05
CA GLN A 2058 -47.61 -32.27 -42.05
C GLN A 2058 -48.96 -32.47 -42.72
N LEU A 2059 -49.58 -33.62 -42.44
CA LEU A 2059 -50.81 -34.04 -43.08
C LEU A 2059 -51.73 -34.67 -42.03
N PRO A 2060 -53.05 -34.60 -42.23
CA PRO A 2060 -53.98 -35.19 -41.27
C PRO A 2060 -53.75 -36.68 -41.12
N PRO A 2061 -53.78 -37.19 -39.90
CA PRO A 2061 -53.55 -38.62 -39.66
C PRO A 2061 -54.79 -39.43 -40.02
N GLY A 2062 -54.65 -40.74 -39.88
CA GLY A 2062 -55.78 -41.65 -40.06
C GLY A 2062 -56.34 -41.71 -41.47
N GLY A 2063 -55.47 -41.78 -42.47
CA GLY A 2063 -55.92 -41.96 -43.83
C GLY A 2063 -56.69 -43.25 -44.02
N ARG A 2064 -57.88 -43.16 -44.60
CA ARG A 2064 -58.71 -44.36 -44.79
C ARG A 2064 -58.03 -45.35 -45.73
N CYS A 2065 -57.43 -44.87 -46.81
CA CYS A 2065 -56.72 -45.73 -47.73
C CYS A 2065 -55.38 -46.15 -47.14
N ALA A 2066 -54.65 -46.98 -47.89
CA ALA A 2066 -53.35 -47.46 -47.42
C ALA A 2066 -52.32 -46.33 -47.46
N LEU A 2067 -51.22 -46.55 -46.74
CA LEU A 2067 -50.09 -45.63 -46.81
C LEU A 2067 -49.51 -45.59 -48.22
N ALA A 2068 -49.45 -46.75 -48.88
CA ALA A 2068 -48.90 -46.84 -50.23
C ALA A 2068 -49.52 -45.85 -51.20
N ARG A 2069 -50.68 -45.28 -50.84
CA ARG A 2069 -51.34 -44.31 -51.70
C ARG A 2069 -50.46 -43.10 -51.98
N VAL A 2070 -49.41 -42.88 -51.18
CA VAL A 2070 -48.46 -41.84 -51.51
C VAL A 2070 -47.29 -42.38 -52.34
N PHE A 2071 -46.80 -43.59 -52.01
CA PHE A 2071 -45.55 -44.07 -52.60
C PHE A 2071 -45.65 -44.12 -54.12
N GLY A 2072 -46.69 -44.76 -54.65
CA GLY A 2072 -46.84 -44.81 -56.09
C GLY A 2072 -46.87 -43.43 -56.71
N GLU A 2073 -47.56 -42.49 -56.07
CA GLU A 2073 -47.57 -41.12 -56.57
C GLU A 2073 -46.16 -40.57 -56.67
N LEU A 2074 -45.35 -40.79 -55.63
CA LEU A 2074 -43.96 -40.33 -55.69
C LEU A 2074 -43.22 -40.99 -56.84
N ALA A 2075 -43.54 -42.25 -57.13
CA ALA A 2075 -42.91 -42.94 -58.25
C ALA A 2075 -43.16 -42.23 -59.57
N VAL A 2076 -44.21 -41.41 -59.66
CA VAL A 2076 -44.46 -40.60 -60.83
C VAL A 2076 -43.97 -39.18 -60.56
N HIS A 2077 -44.09 -38.74 -59.29
CA HIS A 2077 -43.82 -37.35 -58.96
C HIS A 2077 -42.39 -36.94 -59.27
N GLY A 2078 -41.45 -37.90 -59.21
CA GLY A 2078 -40.07 -37.59 -59.57
C GLY A 2078 -39.95 -37.05 -60.98
N ALA A 2079 -40.72 -37.61 -61.90
CA ALA A 2079 -40.81 -37.03 -63.24
C ALA A 2079 -41.69 -35.78 -63.26
N GLU A 2080 -42.75 -35.77 -62.45
CA GLU A 2080 -43.67 -34.62 -62.45
C GLU A 2080 -42.99 -33.36 -61.94
N HIS A 2081 -42.24 -33.48 -60.85
CA HIS A 2081 -41.55 -32.34 -60.26
C HIS A 2081 -40.18 -32.80 -59.77
N GLY A 2082 -39.24 -31.86 -59.71
CA GLY A 2082 -37.88 -32.21 -59.36
C GLY A 2082 -37.71 -32.70 -57.93
N VAL A 2083 -37.51 -34.00 -57.77
CA VAL A 2083 -37.26 -34.63 -56.48
C VAL A 2083 -36.25 -35.74 -56.68
N GLU A 2084 -35.10 -35.64 -56.03
CA GLU A 2084 -34.08 -36.68 -56.16
C GLU A 2084 -34.47 -37.92 -55.36
N ASP A 2085 -34.64 -37.77 -54.05
CA ASP A 2085 -35.03 -38.86 -53.17
C ASP A 2085 -35.96 -38.31 -52.10
N PHE A 2086 -36.40 -39.19 -51.21
CA PHE A 2086 -37.40 -38.83 -50.22
C PHE A 2086 -37.25 -39.69 -48.98
N SER A 2087 -37.84 -39.23 -47.89
CA SER A 2087 -37.92 -40.00 -46.66
C SER A 2087 -39.29 -39.82 -46.04
N VAL A 2088 -39.76 -40.86 -45.36
CA VAL A 2088 -41.05 -40.84 -44.68
C VAL A 2088 -40.84 -41.21 -43.22
N SER A 2089 -41.46 -40.46 -42.33
CA SER A 2089 -41.42 -40.72 -40.89
C SER A 2089 -42.85 -41.04 -40.46
N GLN A 2090 -43.15 -42.33 -40.35
CA GLN A 2090 -44.49 -42.82 -40.02
C GLN A 2090 -44.43 -43.48 -38.65
N THR A 2091 -44.86 -42.74 -37.62
CA THR A 2091 -44.83 -43.20 -36.24
C THR A 2091 -43.44 -43.73 -35.89
N MET A 2092 -42.48 -42.81 -35.95
CA MET A 2092 -41.08 -43.11 -35.66
C MET A 2092 -40.80 -42.98 -34.16
N LEU A 2093 -39.64 -43.47 -33.76
CA LEU A 2093 -39.18 -43.31 -32.38
C LEU A 2093 -38.87 -41.85 -32.05
N GLU A 2094 -38.81 -40.98 -33.05
CA GLU A 2094 -38.46 -39.58 -32.85
C GLU A 2094 -39.64 -38.64 -33.11
N GLU A 2095 -40.87 -39.11 -33.00
CA GLU A 2095 -42.02 -38.23 -33.19
C GLU A 2095 -42.16 -37.24 -32.02
N VAL A 2096 -42.06 -37.74 -30.80
CA VAL A 2096 -42.13 -36.86 -29.64
C VAL A 2096 -40.91 -35.95 -29.60
N PHE A 2097 -39.75 -36.45 -30.02
CA PHE A 2097 -38.57 -35.60 -30.14
C PHE A 2097 -38.79 -34.51 -31.18
N LEU A 2098 -39.42 -34.85 -32.30
CA LEU A 2098 -39.70 -33.87 -33.34
C LEU A 2098 -40.63 -32.78 -32.83
N TYR A 2099 -41.65 -33.17 -32.05
CA TYR A 2099 -42.54 -32.13 -31.52
C TYR A 2099 -41.84 -31.30 -30.44
N PHE A 2100 -40.98 -31.93 -29.63
CA PHE A 2100 -40.22 -31.18 -28.64
C PHE A 2100 -39.35 -30.13 -29.31
N SER A 2101 -38.69 -30.50 -30.41
CA SER A 2101 -37.92 -29.53 -31.17
C SER A 2101 -38.78 -28.60 -31.99
N LYS A 2102 -40.07 -28.93 -32.18
CA LYS A 2102 -40.93 -28.10 -33.02
C LYS A 2102 -41.33 -26.82 -32.30
N ASP A 2103 -41.68 -26.91 -31.02
CA ASP A 2103 -42.06 -25.73 -30.26
C ASP A 2103 -41.67 -25.86 -28.79
C1 NAG B . 54.20 32.29 14.22
C2 NAG B . 55.40 31.38 14.47
C3 NAG B . 56.56 32.10 15.15
C4 NAG B . 56.93 33.36 14.39
C5 NAG B . 55.68 34.23 14.22
C6 NAG B . 56.02 35.48 13.42
C7 NAG B . 55.24 30.10 16.57
C8 NAG B . 56.13 28.95 16.94
N2 NAG B . 54.98 30.23 15.27
O3 NAG B . 57.68 31.21 15.17
O4 NAG B . 57.88 34.13 15.13
O5 NAG B . 54.63 33.50 13.57
O6 NAG B . 55.24 36.59 13.87
O7 NAG B . 54.77 30.85 17.40
C1 NAG B . 59.22 33.84 14.68
C2 NAG B . 60.10 35.09 14.87
C3 NAG B . 61.57 34.79 14.65
C4 NAG B . 62.00 33.60 15.48
C5 NAG B . 61.12 32.41 15.14
C6 NAG B . 61.51 31.18 15.94
C7 NAG B . 58.89 37.13 14.32
C8 NAG B . 58.86 38.31 13.40
N2 NAG B . 59.69 36.14 13.94
O3 NAG B . 62.35 35.94 15.03
O4 NAG B . 63.37 33.27 15.20
O5 NAG B . 59.75 32.73 15.41
O6 NAG B . 61.21 31.38 17.32
O7 NAG B . 58.22 37.09 15.33
C1 NAG C . 19.03 9.35 40.84
C2 NAG C . 18.31 8.37 41.77
C3 NAG C . 19.23 7.22 42.13
C4 NAG C . 19.79 6.55 40.89
C5 NAG C . 20.38 7.58 39.94
C6 NAG C . 20.80 6.96 38.62
C7 NAG C . 16.65 9.62 43.03
C8 NAG C . 16.27 10.21 44.35
N2 NAG C . 17.84 9.04 42.97
O3 NAG C . 18.51 6.25 42.91
O4 NAG C . 20.82 5.63 41.30
O5 NAG C . 19.45 8.65 39.68
O6 NAG C . 21.55 7.93 37.86
O7 NAG C . 15.90 9.69 42.06
C1 NAG C . 20.50 4.29 40.87
C2 NAG C . 21.70 3.40 41.19
C3 NAG C . 21.44 1.95 40.83
C4 NAG C . 20.16 1.49 41.53
C5 NAG C . 19.02 2.43 41.16
C6 NAG C . 17.73 1.99 41.86
C7 NAG C . 23.74 4.71 41.06
C8 NAG C . 24.69 5.40 40.13
N2 NAG C . 22.88 3.87 40.49
O3 NAG C . 22.54 1.14 41.24
O4 NAG C . 19.85 0.16 41.12
O5 NAG C . 19.33 3.78 41.52
O6 NAG C . 16.61 2.55 41.16
O7 NAG C . 23.77 4.88 42.27
C1 NAG D . 16.05 42.62 22.05
C2 NAG D . 14.98 43.06 23.06
C3 NAG D . 13.60 43.12 22.42
C4 NAG D . 13.65 43.95 21.15
C5 NAG D . 14.75 43.43 20.22
C6 NAG D . 14.82 44.26 18.95
C7 NAG D . 15.74 42.33 25.25
C8 NAG D . 15.79 41.20 26.23
N2 NAG D . 14.95 42.16 24.19
O3 NAG D . 12.67 43.71 23.33
O4 NAG D . 12.39 43.89 20.48
O5 NAG D . 16.01 43.45 20.89
O6 NAG D . 13.51 44.35 18.37
O7 NAG D . 16.39 43.35 25.41
C1 NAG E . 37.46 56.10 24.43
C2 NAG E . 38.51 55.99 23.31
C3 NAG E . 39.62 57.01 23.48
C4 NAG E . 39.03 58.40 23.63
C5 NAG E . 38.05 58.40 24.79
C6 NAG E . 37.44 59.78 25.00
C7 NAG E . 38.56 53.66 22.59
C8 NAG E . 38.86 52.28 23.08
N2 NAG E . 39.08 54.65 23.31
O3 NAG E . 40.47 56.98 22.33
O4 NAG E . 40.08 59.34 23.89
O5 NAG E . 37.01 57.46 24.55
O6 NAG E . 36.58 60.10 23.90
O7 NAG E . 37.89 53.87 21.59
C1 NAG F . 33.19 29.40 52.82
C2 NAG F . 31.92 29.78 53.55
C3 NAG F . 31.74 28.85 54.74
C4 NAG F . 31.86 27.39 54.28
C5 NAG F . 33.11 27.19 53.41
C6 NAG F . 33.33 25.74 53.00
C7 NAG F . 30.97 31.93 54.24
C8 NAG F . 31.03 32.74 55.50
N2 NAG F . 32.02 31.15 54.01
O3 NAG F . 30.43 29.09 55.28
O4 NAG F . 31.90 26.56 55.45
O5 NAG F . 33.10 28.07 52.29
O6 NAG F . 34.74 25.49 52.99
O7 NAG F . 30.03 32.01 53.46
C1 NAG G . 39.48 43.62 8.82
C2 NAG G . 39.96 45.06 9.02
C3 NAG G . 38.80 46.06 9.01
C4 NAG G . 37.89 45.82 7.83
C5 NAG G . 37.43 44.36 7.84
C6 NAG G . 36.45 44.08 6.72
C7 NAG G . 41.94 44.82 10.45
C8 NAG G . 42.64 45.46 11.62
N2 NAG G . 40.66 45.17 10.28
O3 NAG G . 39.32 47.39 8.95
O4 NAG G . 36.75 46.67 7.89
O5 NAG G . 38.56 43.51 7.72
O6 NAG G . 35.40 45.07 6.76
O7 NAG G . 42.51 44.03 9.71
C' UNL H . -16.21 -2.19 -11.37
C1' UNL H . -15.91 -3.14 -10.24
C2' UNL H . -14.55 -2.92 -9.63
C3' UNL H . -14.38 -1.51 -9.09
C4' UNL H . -13.06 -1.26 -8.40
C5' UNL H . -12.80 -2.16 -7.22
C6' UNL H . -11.57 -1.82 -6.43
C7' UNL H . -11.60 -0.44 -5.81
C8' UNL H . -10.37 -0.09 -5.00
C9' UNL H . -10.12 -1.00 -3.82
CA' UNL H . -8.91 -0.64 -3.01
CB' UNL H . -8.97 0.73 -2.40
C' UNL I . -16.74 4.60 -13.36
C1' UNL I . -15.98 4.35 -12.09
C2' UNL I . -14.67 5.07 -12.03
C3' UNL I . -14.83 6.57 -12.12
C4' UNL I . -13.53 7.34 -12.10
C5' UNL I . -12.71 7.14 -10.85
C6' UNL I . -13.41 7.57 -9.59
C7' UNL I . -12.57 7.42 -8.34
C8' UNL I . -11.32 8.26 -8.32
C9' UNL I . -10.48 8.09 -7.08
CA' UNL I . -9.26 8.96 -7.04
CB' UNL I . -8.32 8.73 -8.21
C' UNL J . -2.99 -4.47 -0.16
C1' UNL J . -3.47 -5.43 -1.20
C2' UNL J . -4.91 -5.25 -1.57
C3' UNL J . -5.19 -3.86 -2.13
C4' UNL J . -6.63 -3.62 -2.50
C5' UNL J . -7.16 -4.58 -3.55
C6' UNL J . -8.61 -4.37 -3.90
C7' UNL J . -9.14 -5.32 -4.95
C8' UNL J . -10.59 -5.10 -5.30
C9' UNL J . -11.11 -6.04 -6.37
CA' UNL J . -12.56 -5.84 -6.71
CB' UNL J . -13.07 -6.78 -7.77
C' UNL K . -7.23 -0.21 -10.00
C1' UNL K . -7.25 -1.17 -8.84
C2' UNL K . -6.36 -0.76 -7.71
C3' UNL K . -6.74 0.61 -7.14
C4' UNL K . -5.95 1.01 -5.92
C5' UNL K . -4.46 1.10 -6.14
C6' UNL K . -3.66 1.36 -4.89
C7' UNL K . -2.17 1.46 -5.11
C8' UNL K . -1.36 1.60 -3.85
C9' UNL K . -1.72 2.80 -3.01
CA' UNL K . -0.90 2.94 -1.76
CB' UNL K . -1.25 4.16 -0.94
C' UNL L . -10.90 3.76 -12.29
C1' UNL L . -10.81 3.09 -10.94
C2' UNL L . -9.94 3.84 -9.97
C3' UNL L . -9.84 3.13 -8.62
C4' UNL L . -8.96 3.83 -7.62
C5' UNL L . -7.53 4.02 -8.07
C6' UNL L . -6.61 4.52 -6.98
C7' UNL L . -7.00 5.87 -6.41
C8' UNL L . -6.20 6.28 -5.20
C9' UNL L . -4.71 6.37 -5.43
CA' UNL L . -3.91 6.68 -4.19
CB' UNL L . -4.30 7.98 -3.53
C' UNL M . -18.35 0.41 -5.76
C1' UNL M . -17.55 1.15 -6.79
C2' UNL M . -16.10 1.29 -6.44
C3' UNL M . -15.31 2.05 -7.49
C4' UNL M . -13.85 2.23 -7.15
C5' UNL M . -13.60 2.94 -5.85
C6' UNL M . -12.14 3.16 -5.53
C7' UNL M . -11.89 3.87 -4.21
C8' UNL M . -10.44 4.10 -3.90
C9' UNL M . -10.19 4.80 -2.58
CA' UNL M . -8.73 5.01 -2.25
CB' UNL M . -8.51 5.72 -0.94
C' UNL N . 10.64 -0.57 5.51
C1' UNL N . 10.85 0.71 6.27
C2' UNL N . 12.19 1.33 6.04
C3' UNL N . 12.37 2.63 6.81
C4' UNL N . 11.33 3.67 6.53
C5' UNL N . 11.57 5.00 7.20
C6' UNL N . 12.90 5.63 6.84
C7' UNL N . 13.01 7.09 7.23
C8' UNL N . 12.92 7.36 8.70
C9' UNL N . 12.88 8.82 9.07
CA' UNL N . 14.03 9.63 8.51
CB' UNL N . 13.94 11.10 8.82
C' UNL O . 6.47 5.10 4.41
C1' UNL O . 7.41 6.25 4.64
C2' UNL O . 8.73 6.09 3.95
C3' UNL O . 9.69 7.23 4.23
C4' UNL O . 9.23 8.58 3.73
C5' UNL O . 10.22 9.69 3.96
C6' UNL O . 10.54 9.93 5.42
C7' UNL O . 11.56 11.02 5.66
C8' UNL O . 11.17 12.34 5.04
C9' UNL O . 12.12 13.49 5.37
CA' UNL O . 12.17 13.84 6.83
CB' UNL O . 13.05 15.02 7.13
C' UNL P . 2.20 8.77 6.74
C1' UNL P . 2.88 9.24 8.00
C2' UNL P . 3.57 10.56 7.84
C3' UNL P . 4.18 11.06 9.14
C4' UNL P . 4.84 12.40 9.05
C5' UNL P . 3.94 13.50 8.52
C6' UNL P . 4.49 14.89 8.71
C7' UNL P . 4.63 15.29 10.15
C8' UNL P . 5.24 16.65 10.38
C9' UNL P . 6.66 16.79 9.91
CA' UNL P . 7.28 18.13 10.22
CB' UNL P . 7.30 18.46 11.68
C' UNL Q . 11.66 16.02 11.25
C1' UNL Q . 12.01 15.71 12.68
C2' UNL Q . 11.71 14.30 13.08
C3' UNL Q . 12.53 13.28 12.30
C4' UNL Q . 12.14 11.84 12.52
C5' UNL Q . 11.12 11.29 11.54
C6' UNL Q . 9.77 11.95 11.59
C7' UNL Q . 8.78 11.40 10.60
C8' UNL Q . 8.45 9.94 10.77
C9' UNL Q . 7.45 9.39 9.79
CA' UNL Q . 7.12 7.93 9.99
CB' UNL Q . 6.10 7.40 9.00
C' UNL R . 3.68 6.77 2.43
C1' UNL R . 4.17 7.59 3.57
C2' UNL R . 5.07 8.73 3.15
C3' UNL R . 5.54 9.57 4.33
C4' UNL R . 6.39 10.76 3.93
C5' UNL R . 6.82 11.61 5.10
C6' UNL R . 7.61 12.83 4.70
C7' UNL R . 7.97 13.73 5.86
C8' UNL R . 8.73 14.97 5.47
C9' UNL R . 9.08 15.87 6.63
CA' UNL R . 9.84 17.12 6.27
CB' UNL R . 10.16 17.99 7.46
C' UNL S . 2.75 14.16 2.95
C1' UNL S . 4.07 13.46 2.83
C2' UNL S . 5.18 14.35 2.35
C3' UNL S . 5.42 15.51 3.30
C4' UNL S . 6.52 16.46 2.85
C5' UNL S . 6.82 17.57 3.82
C6' UNL S . 5.65 18.47 4.11
C7' UNL S . 5.97 19.57 5.11
C8' UNL S . 7.07 20.50 4.66
C9' UNL S . 7.43 21.56 5.67
CA' UNL S . 7.93 21.00 6.98
CB' UNL S . 8.31 22.06 7.99
C' UNL T . -8.58 17.51 5.07
C1' UNL T . -9.30 18.80 5.38
C2' UNL T . -8.80 19.49 6.60
C3' UNL T . -9.57 20.77 6.90
C4' UNL T . -9.47 21.81 5.81
C5' UNL T . -8.11 22.45 5.68
C6' UNL T . -7.70 23.28 6.86
C7' UNL T . -6.39 24.00 6.70
C8' UNL T . -6.04 24.94 7.83
C9' UNL T . -4.76 25.72 7.63
CA' UNL T . -4.46 26.71 8.72
CB' UNL T . -4.35 26.10 10.10
C' UNL U . -4.29 29.30 1.72
C1' UNL U . -5.68 29.25 2.29
C2' UNL U . -6.57 28.26 1.59
C3' UNL U . -6.04 26.84 1.69
C4' UNL U . -6.93 25.82 1.05
C5' UNL U . -6.40 24.40 1.14
C6' UNL U . -7.31 23.34 0.54
C7' UNL U . -8.48 22.91 1.41
C8' UNL U . -9.67 23.84 1.40
C9' UNL U . -10.35 23.96 0.05
CA' UNL U . -10.93 22.68 -0.46
CB' UNL U . -11.63 22.82 -1.80
C' UNL V . -10.83 9.40 -3.62
C1' UNL V . -12.32 9.43 -3.45
C2' UNL V . -12.95 8.08 -3.46
C3' UNL V . -14.46 8.13 -3.27
C4' UNL V . -15.13 6.78 -3.24
C5' UNL V . -14.98 6.00 -4.52
C6' UNL V . -15.66 6.62 -5.71
C7' UNL V . -17.16 6.74 -5.58
C8' UNL V . -17.84 7.40 -6.75
C9' UNL V . -17.63 6.70 -8.07
CA' UNL V . -18.35 7.34 -9.23
CB' UNL V . -17.96 8.78 -9.47
C' UNL W . -2.60 29.42 5.26
C1' UNL W . -2.38 28.15 4.49
C2' UNL W . -2.09 26.97 5.36
C3' UNL W . -1.87 25.70 4.56
C4' UNL W . -3.04 25.27 3.72
C5' UNL W . -2.82 24.00 2.94
C6' UNL W . -2.54 22.80 3.80
C7' UNL W . -2.24 21.54 3.01
C8' UNL W . -3.35 21.09 2.11
C9' UNL W . -4.63 20.70 2.82
CA' UNL W . -5.72 20.23 1.91
CB' UNL W . -6.97 19.78 2.63
C' UNL X . -3.26 21.86 12.66
C1' UNL X . -2.78 22.03 11.25
C2' UNL X . -3.60 21.30 10.24
C3' UNL X . -3.09 21.48 8.82
C4' UNL X . -3.88 20.72 7.78
C5' UNL X . -3.96 19.24 8.02
C6' UNL X . -4.69 18.47 6.95
C7' UNL X . -4.81 16.99 7.22
C8' UNL X . -5.50 16.21 6.14
C9' UNL X . -5.65 14.74 6.44
CA' UNL X . -6.28 13.93 5.33
CB' UNL X . -5.48 13.94 4.05
C' UNL Y . 1.94 26.91 9.91
C1' UNL Y . 1.78 25.65 9.11
C2' UNL Y . 0.37 25.15 9.05
C3' UNL Y . 0.23 23.85 8.28
C4' UNL Y . 0.63 23.93 6.83
C5' UNL Y . 0.47 22.63 6.07
C6' UNL Y . 1.38 21.52 6.55
C7' UNL Y . 0.96 20.15 6.07
C8' UNL Y . 0.77 20.03 4.59
C9' UNL Y . 0.19 18.71 4.15
CA' UNL Y . -0.09 18.61 2.67
CB' UNL Y . -0.75 17.30 2.28
PG AGS Z . -12.38 -29.08 -30.09
S1G AGS Z . -13.02 -27.54 -29.09
O2G AGS Z . -11.78 -28.78 -31.44
O3G AGS Z . -13.35 -30.23 -30.21
PB AGS Z . -9.69 -29.22 -28.90
O1B AGS Z . -8.97 -28.77 -30.13
O2B AGS Z . -9.87 -28.26 -27.78
O3B AGS Z . -11.14 -29.76 -29.33
PA AGS Z . -7.55 -30.88 -27.79
O1A AGS Z . -6.53 -30.58 -28.83
O2A AGS Z . -7.41 -30.20 -26.45
O3A AGS Z . -9.00 -30.55 -28.36
O5' AGS Z . -7.65 -32.47 -27.56
C5' AGS Z . -6.72 -33.17 -26.70
C4' AGS Z . -5.32 -33.12 -27.27
O4' AGS Z . -4.77 -31.79 -27.06
C3' AGS Z . -4.30 -34.08 -26.64
O3' AGS Z . -3.37 -34.52 -27.61
C2' AGS Z . -3.58 -33.16 -25.64
O2' AGS Z . -2.33 -33.65 -25.22
C1' AGS Z . -3.48 -31.90 -26.49
N9 AGS Z . -3.20 -30.70 -25.72
C8 AGS Z . -2.36 -30.60 -24.64
N7 AGS Z . -2.30 -29.40 -24.13
C5 AGS Z . -3.16 -28.64 -24.91
C6 AGS Z . -3.52 -27.29 -24.88
N6 AGS Z . -3.07 -26.42 -23.99
N1 AGS Z . -4.40 -26.85 -25.82
C2 AGS Z . -4.87 -27.74 -26.71
N3 AGS Z . -4.59 -29.03 -26.85
C4 AGS Z . -3.72 -29.43 -25.90
PG AGS AA . -29.81 -24.00 -15.37
S1G AGS AA . -28.14 -23.14 -15.88
O2G AGS AA . -29.92 -24.39 -13.92
O3G AGS AA . -30.26 -25.13 -16.25
PB AGS AA . -31.57 -22.13 -16.80
O1B AGS AA . -30.45 -21.32 -17.37
O2B AGS AA . -32.31 -23.07 -17.67
O3B AGS AA . -31.02 -22.93 -15.53
PA AGS AA . -33.50 -19.94 -16.71
O1A AGS AA . -34.36 -20.51 -17.77
O2A AGS AA . -34.13 -19.20 -15.58
O3A AGS AA . -32.61 -21.14 -16.11
O5' AGS AA . -32.34 -19.04 -17.37
C5' AGS AA . -32.72 -18.03 -18.34
C4' AGS AA . -33.56 -16.97 -17.69
O4' AGS AA . -32.79 -16.38 -16.59
C3' AGS AA . -33.99 -15.78 -18.57
O3' AGS AA . -35.28 -15.33 -18.18
C2' AGS AA . -32.95 -14.73 -18.19
O2' AGS AA . -33.32 -13.41 -18.54
C1' AGS AA . -32.89 -14.98 -16.69
N9 AGS AA . -31.75 -14.38 -16.02
C8 AGS AA . -31.17 -13.17 -16.33
N7 AGS AA . -30.15 -12.87 -15.55
C5 AGS AA . -30.04 -13.95 -14.69
C6 AGS AA . -29.15 -14.23 -13.64
N6 AGS AA . -28.16 -13.42 -13.26
N1 AGS AA . -29.32 -15.40 -12.98
C2 AGS AA . -30.31 -16.21 -13.36
N3 AGS AA . -31.21 -16.04 -14.33
C4 AGS AA . -31.02 -14.88 -14.97
#